data_8J0D
#
_entry.id   8J0D
#
_cell.length_a   1.00
_cell.length_b   1.00
_cell.length_c   1.00
_cell.angle_alpha   90.00
_cell.angle_beta   90.00
_cell.angle_gamma   90.00
#
_symmetry.space_group_name_H-M   'P 1'
#
loop_
_entity.id
_entity.type
_entity.pdbx_description
1 polymer 'Fucoxanthin chl a/c protein, lhca clade'
2 polymer 'Fucoxanthin-chlorophyll a-c binding protein, plastid'
3 polymer 'Fucoxanthin chlorophyll a/c protein 6'
4 polymer 'Fucoxanthin chlorophyll a/c protein 5'
5 non-polymer 'CHLOROPHYLL A'
6 non-polymer 'Chlorophyll c1'
7 non-polymer "(3S,3'S,5R,5'R,6S,6'R,8'R)-3,5'-dihydroxy-8-oxo-6',7'-didehydro-5,5',6,6',7,8-hexahydro-5,6-epoxy-beta,beta-caroten-3'- yl acetate"
8 non-polymer "(3S,3'R,5R,6S,7cis)-7',8'-didehydro-5,6-dihydro-5,6-epoxy-beta,beta-carotene-3,3'-diol"
9 non-polymer 1,2-DISTEAROYL-MONOGALACTOSYL-DIGLYCERIDE
10 non-polymer 1,2-DIPALMITOYL-PHOSPHATIDYL-GLYCEROLE
11 non-polymer 'DIGALACTOSYL DIACYL GLYCEROL (DGDG)'
12 non-polymer 'Chlorophyll c2'
13 non-polymer DODECYL-BETA-D-MALTOSIDE
#
loop_
_entity_poly.entity_id
_entity_poly.type
_entity_poly.pdbx_seq_one_letter_code
_entity_poly.pdbx_strand_id
1 'polypeptide(L)'
;WNEAPRALPFGSAPPTLDGSLVGDVGFDPIGFSTAPFASFNNPIYQEGNFMTDVQWLREAELTHGRIAQLAVVGFIWPAL
FGTFPGNENFGGADAYSYVNPLEAINHIPSLAIYQIVGGMAWVEYQRVQRIKEQGKDRISGDIGLAYPGGWNPFNINYSP
EEYAEKQLQEIKHCRLAMLGAFGLFFQALNSGEDIVSQLSPAFAAPEYAAKAGYFLPQGI
;
3
2 'polypeptide(L)'
;ENEIGVLPPTGFFDPAGLSDGISQEKFDSYRLAELKHGRAAMLAVLGYVAPETYRFGYDLIPGELSTNDIPNGVAAIKAI
PFGGWAQMIAFVGCVETYGWFTSPTGVLDLPDDILAKRQTAELQHGRLAMLAFLELIRHDSQNLAQPGFDGLDNLITGLP
FLY
;
4
3 'polypeptide(L)'
;ESEIGAQAPLGFWDPLGFLDRADQETFDRLRYVELKHGRIAQLAFVGNLITRAGYHLPGDISLGRAFADVPNGIAAINGP
DAISTAALLQTLAFIGFLETRVMIDATGESQFRGDFRNGFDFGWDKQSPEWQTNKRAIELNQGRAAMMGILGLMMHEQVG
;
5
4 'polypeptide(L)'
;FENELGAQPPLGFFDPLGMLDEAGQARFDRLRYVELKHGRICQLAFLGNIITRAGIHLPGAISLDGTKFSDIGNGWAGSF
EVPKDGALQILFFVGFLELFVMKDVTGEGEFVGDFRNGALDFGWDSFSEETKLQKRAIELNNGRAAMMGILGLMVHEQLG
GELPIVGQ
;
6
#
loop_
_chem_comp.id
_chem_comp.type
_chem_comp.name
_chem_comp.formula
A86 non-polymer '(3S,3'S,5R,5'R,6S,6'R,8'R)-3,5'-dihydroxy-8-oxo-6',7'-didehydro-5,5',6,6',7,8-hexahydro-5,6-epoxy-beta,beta-caroten-3'- yl acetate' 'C42 H58 O6'
CLA non-polymer 'CHLOROPHYLL A' 'C55 H72 Mg N4 O5'
DD6 non-polymer (3S,3'R,5R,6S,7cis)-7',8'-didehydro-5,6-dihydro-5,6-epoxy-beta,beta-carotene-3,3'-diol 'C40 H54 O3'
DGD saccharide 'DIGALACTOSYL DIACYL GLYCEROL (DGDG)' 'C51 H96 O15'
KC1 non-polymer 'Chlorophyll c1' 'C35 H30 Mg N4 O5'
KC2 non-polymer 'Chlorophyll c2' 'C35 H28 Mg N4 O5'
LHG non-polymer 1,2-DIPALMITOYL-PHOSPHATIDYL-GLYCEROLE 'C38 H75 O10 P'
LMG non-polymer 1,2-DISTEAROYL-MONOGALACTOSYL-DIGLYCERIDE 'C45 H86 O10'
LMT D-saccharide DODECYL-BETA-D-MALTOSIDE 'C24 H46 O11'
#
# COMPACT_ATOMS: atom_id res chain seq x y z
N TRP A 1 -24.58 -14.31 23.21
CA TRP A 1 -24.61 -12.85 23.33
C TRP A 1 -25.67 -12.38 24.31
N ASN A 2 -25.35 -11.33 25.05
CA ASN A 2 -26.32 -10.72 25.94
C ASN A 2 -27.39 -9.99 25.14
N GLU A 3 -28.57 -9.85 25.74
CA GLU A 3 -29.71 -9.25 25.06
C GLU A 3 -30.20 -8.02 25.79
N ALA A 4 -30.72 -7.07 25.03
CA ALA A 4 -31.30 -5.82 25.53
C ALA A 4 -30.30 -5.03 26.36
N PRO A 5 -29.25 -4.49 25.77
CA PRO A 5 -28.34 -3.63 26.51
C PRO A 5 -28.76 -2.17 26.45
N ARG A 6 -28.35 -1.40 27.44
CA ARG A 6 -28.60 0.04 27.42
C ARG A 6 -28.02 0.62 26.14
N ALA A 7 -28.81 1.44 25.46
CA ALA A 7 -28.57 1.84 24.07
C ALA A 7 -28.79 0.62 23.19
N LEU A 8 -29.58 0.77 22.13
CA LEU A 8 -30.09 -0.39 21.40
C LEU A 8 -30.81 -1.31 22.37
N PRO A 9 -31.92 -0.87 22.99
CA PRO A 9 -32.62 -1.73 23.94
C PRO A 9 -33.40 -2.86 23.30
N PHE A 10 -33.42 -2.95 21.97
CA PHE A 10 -34.06 -4.05 21.27
C PHE A 10 -33.04 -4.90 20.51
N GLY A 11 -31.76 -4.81 20.87
CA GLY A 11 -30.72 -5.51 20.14
C GLY A 11 -29.92 -6.44 21.01
N SER A 12 -28.63 -6.57 20.72
CA SER A 12 -27.76 -7.46 21.47
C SER A 12 -26.35 -6.89 21.45
N ALA A 13 -25.56 -7.30 22.43
CA ALA A 13 -24.17 -6.86 22.53
C ALA A 13 -23.28 -8.05 22.79
N PRO A 14 -22.04 -8.01 22.30
CA PRO A 14 -21.13 -9.14 22.49
C PRO A 14 -20.79 -9.32 23.95
N PRO A 15 -20.43 -10.54 24.36
CA PRO A 15 -20.07 -10.76 25.77
C PRO A 15 -18.73 -10.15 26.16
N THR A 16 -17.96 -9.63 25.21
CA THR A 16 -16.64 -9.11 25.51
C THR A 16 -16.67 -7.68 26.03
N LEU A 17 -17.79 -6.96 25.89
CA LEU A 17 -17.85 -5.59 26.37
C LEU A 17 -17.77 -5.54 27.90
N ASP A 18 -18.52 -6.41 28.58
CA ASP A 18 -18.60 -6.49 30.04
C ASP A 18 -18.65 -5.12 30.70
N GLY A 19 -17.98 -4.96 31.83
CA GLY A 19 -17.90 -3.67 32.50
C GLY A 19 -16.60 -2.97 32.20
N SER A 20 -15.63 -3.08 33.12
CA SER A 20 -14.28 -2.56 32.93
C SER A 20 -14.26 -1.13 32.39
N LEU A 21 -13.75 -0.97 31.16
CA LEU A 21 -13.54 0.32 30.52
C LEU A 21 -14.65 1.33 30.76
N VAL A 22 -14.26 2.54 31.18
CA VAL A 22 -15.24 3.61 31.38
C VAL A 22 -15.96 3.91 30.07
N GLY A 23 -17.18 4.42 30.18
CA GLY A 23 -17.98 4.77 29.03
C GLY A 23 -18.75 3.64 28.40
N ASP A 24 -18.78 2.47 29.03
CA ASP A 24 -19.39 1.30 28.43
C ASP A 24 -20.90 1.33 28.64
N VAL A 25 -21.65 1.27 27.55
CA VAL A 25 -23.09 1.12 27.62
C VAL A 25 -23.59 -0.13 26.90
N GLY A 26 -22.79 -0.73 26.02
CA GLY A 26 -23.21 -1.90 25.28
C GLY A 26 -23.42 -1.69 23.80
N PHE A 27 -23.05 -0.54 23.25
CA PHE A 27 -23.28 -0.24 21.85
C PHE A 27 -22.19 -0.90 21.02
N ASP A 28 -22.51 -2.07 20.48
CA ASP A 28 -21.61 -2.81 19.60
C ASP A 28 -22.43 -3.81 18.81
N PRO A 29 -23.16 -3.37 17.79
CA PRO A 29 -24.03 -4.32 17.07
C PRO A 29 -23.28 -5.18 16.08
N ILE A 30 -22.25 -4.63 15.44
CA ILE A 30 -21.57 -5.38 14.38
C ILE A 30 -20.64 -6.43 14.97
N GLY A 31 -19.76 -6.01 15.88
CA GLY A 31 -18.67 -6.87 16.31
C GLY A 31 -17.44 -6.04 16.60
N PHE A 32 -16.34 -6.35 15.93
CA PHE A 32 -15.09 -5.59 16.01
C PHE A 32 -14.42 -5.81 17.35
N SER A 33 -15.10 -6.46 18.28
CA SER A 33 -14.59 -6.69 19.61
C SER A 33 -14.37 -8.16 19.90
N THR A 34 -14.70 -9.03 18.96
CA THR A 34 -14.51 -10.46 19.07
C THR A 34 -13.49 -10.97 18.07
N ALA A 35 -12.58 -10.10 17.64
CA ALA A 35 -11.59 -10.44 16.63
C ALA A 35 -10.22 -10.00 17.09
N PRO A 36 -9.18 -10.71 16.69
CA PRO A 36 -7.82 -10.36 17.13
C PRO A 36 -7.29 -9.12 16.44
N PHE A 37 -7.72 -7.95 16.89
CA PHE A 37 -7.27 -6.70 16.29
C PHE A 37 -5.93 -6.23 16.80
N ALA A 38 -5.33 -6.94 17.76
CA ALA A 38 -4.05 -6.51 18.33
C ALA A 38 -3.00 -7.61 18.25
N SER A 39 -3.17 -8.60 17.38
CA SER A 39 -2.26 -9.73 17.40
C SER A 39 -1.82 -10.26 16.04
N PHE A 40 -2.46 -9.89 14.93
CA PHE A 40 -2.19 -10.64 13.69
C PHE A 40 -0.87 -10.23 13.07
N ASN A 41 -0.75 -8.98 12.62
CA ASN A 41 0.46 -8.49 12.00
C ASN A 41 1.11 -7.38 12.81
N ASN A 42 0.93 -7.42 14.12
CA ASN A 42 1.48 -6.37 14.97
C ASN A 42 2.97 -6.59 15.14
N PRO A 43 3.82 -5.67 14.71
CA PRO A 43 5.27 -5.87 14.86
C PRO A 43 5.76 -5.69 16.28
N ILE A 44 5.02 -4.96 17.11
CA ILE A 44 5.41 -4.74 18.50
C ILE A 44 4.69 -5.70 19.44
N TYR A 45 4.01 -6.71 18.91
CA TYR A 45 3.29 -7.65 19.75
C TYR A 45 4.24 -8.47 20.59
N GLN A 46 3.84 -8.73 21.84
CA GLN A 46 4.61 -9.54 22.76
C GLN A 46 3.72 -10.62 23.33
N GLU A 47 4.07 -11.87 23.11
CA GLU A 47 3.24 -12.99 23.53
C GLU A 47 3.14 -13.04 25.05
N GLY A 48 1.91 -13.16 25.54
CA GLY A 48 1.67 -13.22 26.97
C GLY A 48 2.06 -11.99 27.73
N ASN A 49 2.24 -10.85 27.05
CA ASN A 49 2.62 -9.62 27.72
C ASN A 49 1.94 -8.40 27.11
N PHE A 50 0.93 -8.58 26.27
CA PHE A 50 0.29 -7.46 25.59
C PHE A 50 -1.11 -7.24 26.14
N MET A 51 -1.76 -6.21 25.61
CA MET A 51 -3.10 -5.82 26.02
C MET A 51 -4.14 -6.61 25.23
N THR A 52 -5.41 -6.43 25.61
CA THR A 52 -6.51 -7.10 24.95
C THR A 52 -6.97 -6.32 23.73
N ASP A 53 -7.91 -6.90 22.98
CA ASP A 53 -8.39 -6.27 21.75
C ASP A 53 -9.18 -5.01 22.04
N VAL A 54 -10.09 -5.07 23.01
CA VAL A 54 -10.95 -3.92 23.29
C VAL A 54 -10.14 -2.74 23.79
N GLN A 55 -9.08 -2.99 24.56
CA GLN A 55 -8.22 -1.90 25.00
C GLN A 55 -7.49 -1.26 23.82
N TRP A 56 -7.07 -2.08 22.84
CA TRP A 56 -6.47 -1.55 21.63
C TRP A 56 -7.44 -0.64 20.88
N LEU A 57 -8.69 -1.09 20.76
CA LEU A 57 -9.69 -0.25 20.11
C LEU A 57 -9.93 1.04 20.89
N ARG A 58 -9.89 0.95 22.23
CA ARG A 58 -10.03 2.17 23.04
C ARG A 58 -8.89 3.13 22.79
N GLU A 59 -7.68 2.61 22.64
CA GLU A 59 -6.55 3.47 22.32
C GLU A 59 -6.77 4.19 20.99
N ALA A 60 -7.24 3.46 19.98
CA ALA A 60 -7.52 4.09 18.69
C ALA A 60 -8.60 5.16 18.83
N GLU A 61 -9.65 4.86 19.59
CA GLU A 61 -10.73 5.82 19.78
C GLU A 61 -10.24 7.08 20.45
N LEU A 62 -9.41 6.94 21.49
CA LEU A 62 -8.88 8.11 22.18
C LEU A 62 -8.01 8.95 21.26
N THR A 63 -7.18 8.32 20.42
CA THR A 63 -6.34 9.09 19.52
C THR A 63 -7.18 9.89 18.52
N HIS A 64 -8.08 9.20 17.81
CA HIS A 64 -8.94 9.91 16.85
C HIS A 64 -9.70 11.03 17.55
N GLY A 65 -10.20 10.76 18.76
CA GLY A 65 -11.03 11.75 19.45
C GLY A 65 -10.26 12.98 19.91
N ARG A 66 -9.05 12.79 20.45
CA ARG A 66 -8.26 13.95 20.88
C ARG A 66 -7.88 14.81 19.68
N ILE A 67 -7.50 14.17 18.56
CA ILE A 67 -7.22 14.95 17.36
C ILE A 67 -8.44 15.76 16.96
N ALA A 68 -9.63 15.14 16.99
CA ALA A 68 -10.83 15.86 16.61
C ALA A 68 -11.15 17.00 17.57
N GLN A 69 -10.92 16.78 18.86
CA GLN A 69 -11.18 17.82 19.85
C GLN A 69 -10.34 19.05 19.57
N LEU A 70 -9.06 18.86 19.27
CA LEU A 70 -8.24 20.01 18.89
C LEU A 70 -8.73 20.62 17.57
N ALA A 71 -9.13 19.77 16.63
CA ALA A 71 -9.47 20.25 15.29
C ALA A 71 -10.69 21.16 15.31
N VAL A 72 -11.66 20.90 16.18
CA VAL A 72 -12.87 21.74 16.22
C VAL A 72 -12.50 23.18 16.57
N VAL A 73 -11.72 23.36 17.63
CA VAL A 73 -11.29 24.70 18.00
C VAL A 73 -10.38 25.28 16.92
N GLY A 74 -9.58 24.44 16.28
CA GLY A 74 -8.76 24.93 15.17
C GLY A 74 -9.60 25.48 14.04
N PHE A 75 -10.75 24.88 13.77
CA PHE A 75 -11.65 25.39 12.75
C PHE A 75 -12.30 26.70 13.19
N ILE A 76 -12.74 26.77 14.45
CA ILE A 76 -13.57 27.90 14.85
C ILE A 76 -12.74 29.14 15.15
N TRP A 77 -11.59 28.99 15.84
CA TRP A 77 -10.91 30.14 16.44
C TRP A 77 -10.48 31.20 15.43
N PRO A 78 -9.72 30.89 14.38
CA PRO A 78 -9.17 31.96 13.55
C PRO A 78 -10.23 32.80 12.86
N ALA A 79 -11.40 32.25 12.61
CA ALA A 79 -12.46 32.99 11.92
C ALA A 79 -13.15 33.98 12.83
N LEU A 80 -13.16 33.74 14.13
CA LEU A 80 -13.92 34.56 15.06
C LEU A 80 -13.09 35.50 15.91
N PHE A 81 -11.94 35.04 16.40
CA PHE A 81 -11.06 35.87 17.22
C PHE A 81 -10.02 36.61 16.39
N GLY A 82 -10.07 36.49 15.07
CA GLY A 82 -9.06 37.07 14.21
C GLY A 82 -7.85 36.16 14.09
N THR A 83 -6.99 36.48 13.14
CA THR A 83 -5.82 35.67 12.88
C THR A 83 -4.77 35.86 13.97
N PHE A 84 -3.72 35.04 13.89
CA PHE A 84 -2.61 35.17 14.81
C PHE A 84 -1.90 36.50 14.56
N PRO A 85 -1.36 37.13 15.62
CA PRO A 85 -0.63 38.39 15.42
C PRO A 85 0.63 38.24 14.59
N GLY A 86 0.86 37.04 14.06
CA GLY A 86 2.01 36.77 13.23
C GLY A 86 1.97 37.51 11.91
N ASN A 87 2.83 37.06 11.00
CA ASN A 87 3.04 37.59 9.65
C ASN A 87 3.82 38.91 9.66
N GLU A 88 4.14 39.46 10.82
CA GLU A 88 4.95 40.67 10.87
C GLU A 88 6.41 40.30 10.62
N ASN A 89 7.07 41.08 9.75
CA ASN A 89 8.48 40.91 9.37
C ASN A 89 8.81 39.48 8.97
N PHE A 90 7.80 38.69 8.58
CA PHE A 90 8.03 37.33 8.12
C PHE A 90 8.02 37.19 6.60
N GLY A 91 7.50 38.19 5.89
CA GLY A 91 7.38 38.08 4.44
C GLY A 91 6.42 37.00 4.01
N GLY A 92 5.31 36.84 4.74
CA GLY A 92 4.35 35.80 4.43
C GLY A 92 3.34 36.15 3.35
N ALA A 93 3.27 37.42 2.96
CA ALA A 93 2.34 37.88 1.92
C ALA A 93 0.90 37.54 2.31
N ASP A 94 0.47 38.16 3.41
CA ASP A 94 -0.86 37.96 4.01
C ASP A 94 -1.22 36.47 4.07
N ALA A 95 -0.24 35.65 4.46
CA ALA A 95 -0.47 34.22 4.59
C ALA A 95 -1.48 33.91 5.69
N TYR A 96 -1.38 34.60 6.82
CA TYR A 96 -2.26 34.36 7.95
C TYR A 96 -3.58 35.12 7.87
N SER A 97 -3.72 36.03 6.90
CA SER A 97 -4.95 36.81 6.78
C SER A 97 -6.13 35.96 6.31
N TYR A 98 -5.86 34.84 5.64
CA TYR A 98 -6.94 34.00 5.15
C TYR A 98 -7.69 33.36 6.30
N VAL A 99 -9.01 33.35 6.21
CA VAL A 99 -9.85 32.82 7.27
C VAL A 99 -10.63 31.58 6.85
N ASN A 100 -10.66 31.25 5.56
CA ASN A 100 -11.26 30.00 5.12
C ASN A 100 -10.32 28.85 5.49
N PRO A 101 -10.74 27.93 6.35
CA PRO A 101 -9.79 26.92 6.84
C PRO A 101 -9.22 26.04 5.75
N LEU A 102 -9.97 25.77 4.69
CA LEU A 102 -9.49 24.93 3.61
C LEU A 102 -8.56 25.68 2.65
N GLU A 103 -8.39 26.98 2.85
CA GLU A 103 -7.50 27.77 2.00
C GLU A 103 -6.14 28.03 2.63
N ALA A 104 -6.07 28.05 3.96
CA ALA A 104 -4.81 28.34 4.64
C ALA A 104 -3.78 27.24 4.45
N ILE A 105 -4.20 26.02 4.12
CA ILE A 105 -3.26 24.93 3.98
C ILE A 105 -2.35 25.12 2.78
N ASN A 106 -2.73 25.98 1.84
CA ASN A 106 -1.94 26.23 0.65
C ASN A 106 -1.09 27.49 0.75
N HIS A 107 -0.98 28.09 1.94
CA HIS A 107 -0.26 29.36 2.05
C HIS A 107 0.60 29.44 3.30
N ILE A 108 0.97 28.32 3.90
CA ILE A 108 1.81 28.35 5.11
C ILE A 108 3.21 27.86 4.75
N PRO A 109 4.25 28.36 5.41
CA PRO A 109 5.60 27.87 5.15
C PRO A 109 5.74 26.40 5.49
N SER A 110 6.52 25.68 4.69
CA SER A 110 6.69 24.24 4.90
C SER A 110 7.32 23.93 6.25
N LEU A 111 8.03 24.89 6.84
CA LEU A 111 8.62 24.67 8.15
C LEU A 111 7.55 24.38 9.19
N ALA A 112 6.40 25.05 9.10
CA ALA A 112 5.32 24.79 10.04
C ALA A 112 4.81 23.36 9.91
N ILE A 113 4.57 22.91 8.68
CA ILE A 113 4.07 21.56 8.47
C ILE A 113 5.07 20.54 9.01
N TYR A 114 6.35 20.73 8.70
CA TYR A 114 7.33 19.75 9.13
C TYR A 114 7.53 19.78 10.63
N GLN A 115 7.42 20.95 11.26
CA GLN A 115 7.48 21.02 12.71
C GLN A 115 6.32 20.27 13.35
N ILE A 116 5.11 20.43 12.81
CA ILE A 116 3.96 19.73 13.35
C ILE A 116 4.13 18.23 13.22
N VAL A 117 4.57 17.78 12.03
CA VAL A 117 4.74 16.34 11.81
C VAL A 117 5.80 15.77 12.73
N GLY A 118 6.91 16.48 12.89
CA GLY A 118 7.95 16.01 13.79
C GLY A 118 7.48 15.93 15.23
N GLY A 119 6.72 16.93 15.67
CA GLY A 119 6.19 16.89 17.03
C GLY A 119 5.29 15.69 17.26
N MET A 120 4.39 15.44 16.30
CA MET A 120 3.50 14.28 16.43
C MET A 120 4.29 12.98 16.45
N ALA A 121 5.30 12.87 15.59
CA ALA A 121 6.12 11.67 15.55
C ALA A 121 6.84 11.45 16.87
N TRP A 122 7.38 12.52 17.45
CA TRP A 122 8.05 12.39 18.74
C TRP A 122 7.08 11.93 19.82
N VAL A 123 5.91 12.55 19.88
CA VAL A 123 4.92 12.20 20.90
C VAL A 123 4.57 10.73 20.79
N GLU A 124 4.33 10.24 19.59
CA GLU A 124 3.88 8.86 19.50
C GLU A 124 5.01 7.85 19.50
N TYR A 125 6.25 8.25 19.24
CA TYR A 125 7.36 7.38 19.59
C TYR A 125 7.41 7.16 21.09
N GLN A 126 7.20 8.24 21.86
CA GLN A 126 7.12 8.07 23.31
C GLN A 126 5.95 7.17 23.70
N ARG A 127 4.80 7.33 23.04
CA ARG A 127 3.66 6.48 23.34
C ARG A 127 3.94 5.02 23.04
N VAL A 128 4.62 4.74 21.92
CA VAL A 128 4.96 3.36 21.58
C VAL A 128 5.89 2.77 22.63
N GLN A 129 6.87 3.55 23.07
CA GLN A 129 7.78 3.07 24.10
C GLN A 129 7.03 2.71 25.37
N ARG A 130 6.11 3.58 25.79
CA ARG A 130 5.33 3.30 26.99
C ARG A 130 4.48 2.05 26.82
N ILE A 131 3.87 1.88 25.66
CA ILE A 131 3.02 0.71 25.43
C ILE A 131 3.85 -0.56 25.52
N LYS A 132 5.03 -0.56 24.90
CA LYS A 132 5.86 -1.76 24.94
C LYS A 132 6.35 -2.05 26.35
N GLU A 133 6.74 -1.02 27.10
CA GLU A 133 7.33 -1.26 28.41
C GLU A 133 6.30 -1.49 29.51
N GLN A 134 5.03 -1.17 29.29
CA GLN A 134 4.03 -1.35 30.32
C GLN A 134 3.43 -2.75 30.35
N GLY A 135 3.76 -3.59 29.38
CA GLY A 135 3.33 -4.97 29.43
C GLY A 135 1.81 -5.09 29.36
N LYS A 136 1.32 -6.19 29.93
CA LYS A 136 -0.13 -6.41 30.02
C LYS A 136 -0.70 -5.75 31.26
N ASP A 137 -0.32 -4.49 31.48
CA ASP A 137 -0.87 -3.63 32.51
C ASP A 137 -0.93 -2.24 31.88
N ARG A 138 -2.02 -1.97 31.18
CA ARG A 138 -2.14 -0.77 30.35
C ARG A 138 -3.17 0.14 30.99
N ILE A 139 -2.73 1.33 31.41
CA ILE A 139 -3.61 2.27 32.07
C ILE A 139 -4.39 3.13 31.09
N SER A 140 -4.13 2.98 29.78
CA SER A 140 -4.82 3.70 28.71
C SER A 140 -4.43 5.16 28.69
N GLY A 141 -4.19 5.71 27.51
CA GLY A 141 -3.75 7.09 27.41
C GLY A 141 -2.24 7.24 27.51
N ASP A 142 -1.69 7.02 28.71
CA ASP A 142 -0.25 7.14 28.94
C ASP A 142 0.31 8.46 28.44
N ILE A 143 1.52 8.43 27.90
CA ILE A 143 2.23 9.60 27.36
C ILE A 143 2.67 10.51 28.50
N GLY A 144 2.21 10.23 29.71
CA GLY A 144 2.66 10.96 30.89
C GLY A 144 2.39 12.44 30.91
N LEU A 145 1.13 12.83 30.83
CA LEU A 145 0.72 14.21 31.07
C LEU A 145 0.37 14.36 32.56
N ALA A 146 -0.37 15.40 32.91
CA ALA A 146 -0.41 15.85 34.29
C ALA A 146 -1.13 14.87 35.21
N TYR A 147 -0.38 13.90 35.75
CA TYR A 147 -0.81 13.05 36.85
C TYR A 147 0.41 12.76 37.71
N PRO A 148 0.23 12.47 38.99
CA PRO A 148 1.39 12.22 39.84
C PRO A 148 2.18 11.02 39.36
N GLY A 149 3.49 11.15 39.39
CA GLY A 149 4.38 10.12 38.90
C GLY A 149 5.00 10.46 37.56
N GLY A 150 4.21 11.01 36.65
CA GLY A 150 4.70 11.46 35.37
C GLY A 150 5.00 12.95 35.38
N TRP A 151 4.98 13.55 34.20
CA TRP A 151 5.14 14.99 34.13
C TRP A 151 3.91 15.67 34.73
N ASN A 152 4.16 16.68 35.55
CA ASN A 152 3.06 17.32 36.25
C ASN A 152 3.48 18.71 36.72
N PRO A 153 3.56 19.69 35.81
CA PRO A 153 3.97 21.04 36.22
C PRO A 153 3.02 21.68 37.22
N PHE A 154 1.73 21.36 37.15
CA PHE A 154 0.74 21.96 38.05
C PHE A 154 0.43 21.09 39.26
N ASN A 155 1.02 19.90 39.34
CA ASN A 155 0.86 19.01 40.49
C ASN A 155 -0.62 18.74 40.77
N ILE A 156 -1.29 18.18 39.78
CA ILE A 156 -2.73 17.89 39.90
C ILE A 156 -2.91 16.57 40.63
N ASN A 157 -3.74 16.57 41.66
CA ASN A 157 -4.09 15.37 42.42
C ASN A 157 -5.60 15.19 42.39
N TYR A 158 -6.02 13.92 42.37
CA TYR A 158 -7.44 13.60 42.27
C TYR A 158 -7.74 12.36 43.08
N SER A 159 -8.91 12.37 43.73
CA SER A 159 -9.42 11.15 44.33
C SER A 159 -9.83 10.17 43.24
N PRO A 160 -9.79 8.86 43.51
CA PRO A 160 -10.12 7.89 42.46
C PRO A 160 -11.47 8.12 41.80
N GLU A 161 -12.49 8.50 42.56
CA GLU A 161 -13.78 8.79 41.96
C GLU A 161 -13.71 10.00 41.05
N GLU A 162 -12.97 11.03 41.45
CA GLU A 162 -12.78 12.19 40.60
C GLU A 162 -12.04 11.82 39.33
N TYR A 163 -11.04 10.95 39.44
CA TYR A 163 -10.33 10.49 38.26
C TYR A 163 -11.26 9.74 37.31
N ALA A 164 -12.12 8.89 37.85
CA ALA A 164 -13.08 8.17 37.01
C ALA A 164 -14.03 9.13 36.33
N GLU A 165 -14.50 10.14 37.07
CA GLU A 165 -15.40 11.13 36.50
C GLU A 165 -14.73 11.91 35.37
N LYS A 166 -13.46 12.27 35.57
CA LYS A 166 -12.72 12.95 34.52
C LYS A 166 -12.56 12.07 33.30
N GLN A 167 -12.30 10.77 33.49
CA GLN A 167 -12.21 9.86 32.36
C GLN A 167 -13.51 9.81 31.58
N LEU A 168 -14.64 9.73 32.30
CA LEU A 168 -15.94 9.71 31.62
C LEU A 168 -16.16 10.98 30.83
N GLN A 169 -15.87 12.13 31.43
CA GLN A 169 -16.04 13.40 30.72
C GLN A 169 -15.17 13.43 29.47
N GLU A 170 -13.93 12.96 29.58
CA GLU A 170 -13.03 12.97 28.44
C GLU A 170 -13.58 12.12 27.30
N ILE A 171 -14.08 10.92 27.61
CA ILE A 171 -14.52 10.05 26.53
C ILE A 171 -15.78 10.61 25.88
N LYS A 172 -16.70 11.17 26.66
CA LYS A 172 -17.90 11.74 26.07
C LYS A 172 -17.56 12.92 25.15
N HIS A 173 -16.68 13.81 25.62
CA HIS A 173 -16.28 14.93 24.79
C HIS A 173 -15.54 14.46 23.56
N CYS A 174 -14.78 13.38 23.64
CA CYS A 174 -14.08 12.85 22.47
C CYS A 174 -15.06 12.42 21.40
N ARG A 175 -16.06 11.63 21.78
CA ARG A 175 -17.04 11.17 20.79
C ARG A 175 -17.80 12.34 20.16
N LEU A 176 -18.31 13.25 21.01
CA LEU A 176 -19.07 14.37 20.49
C LEU A 176 -18.22 15.25 19.59
N ALA A 177 -16.94 15.45 19.95
CA ALA A 177 -16.08 16.30 19.14
C ALA A 177 -15.73 15.64 17.82
N MET A 178 -15.62 14.32 17.78
CA MET A 178 -15.41 13.67 16.49
C MET A 178 -16.59 13.95 15.56
N LEU A 179 -17.81 13.78 16.08
CA LEU A 179 -18.97 14.09 15.24
C LEU A 179 -18.96 15.56 14.80
N GLY A 180 -18.66 16.46 15.73
CA GLY A 180 -18.67 17.88 15.40
C GLY A 180 -17.62 18.27 14.38
N ALA A 181 -16.42 17.70 14.49
CA ALA A 181 -15.37 18.01 13.53
C ALA A 181 -15.74 17.51 12.15
N PHE A 182 -16.28 16.30 12.06
CA PHE A 182 -16.75 15.81 10.76
C PHE A 182 -17.77 16.77 10.15
N GLY A 183 -18.75 17.17 10.96
CA GLY A 183 -19.78 18.07 10.47
C GLY A 183 -19.23 19.41 10.01
N LEU A 184 -18.34 20.00 10.81
CA LEU A 184 -17.78 21.29 10.46
C LEU A 184 -16.98 21.21 9.16
N PHE A 185 -16.17 20.17 9.02
CA PHE A 185 -15.37 20.03 7.80
C PHE A 185 -16.27 19.96 6.58
N PHE A 186 -17.27 19.08 6.60
CA PHE A 186 -18.05 18.92 5.38
C PHE A 186 -18.98 20.11 5.14
N GLN A 187 -19.45 20.75 6.20
CA GLN A 187 -20.28 21.96 6.00
C GLN A 187 -19.41 22.99 5.28
N ALA A 188 -18.22 23.25 5.81
CA ALA A 188 -17.36 24.26 5.22
C ALA A 188 -16.98 23.90 3.77
N LEU A 189 -16.75 22.62 3.50
CA LEU A 189 -16.41 22.20 2.15
C LEU A 189 -17.56 22.47 1.18
N ASN A 190 -18.76 22.01 1.53
CA ASN A 190 -19.90 22.21 0.63
C ASN A 190 -20.24 23.69 0.47
N SER A 191 -20.25 24.44 1.58
CA SER A 191 -20.67 25.84 1.52
C SER A 191 -19.63 26.76 0.91
N GLY A 192 -18.35 26.36 0.92
CA GLY A 192 -17.32 27.24 0.41
C GLY A 192 -17.00 28.43 1.29
N GLU A 193 -17.38 28.37 2.57
CA GLU A 193 -17.13 29.47 3.49
C GLU A 193 -16.86 28.89 4.87
N ASP A 194 -16.25 29.72 5.71
CA ASP A 194 -16.06 29.35 7.11
C ASP A 194 -17.40 29.38 7.84
N ILE A 195 -17.38 28.92 9.09
CA ILE A 195 -18.64 28.75 9.82
C ILE A 195 -19.27 30.11 10.16
N VAL A 196 -18.44 31.10 10.53
CA VAL A 196 -19.00 32.37 10.97
C VAL A 196 -19.61 33.12 9.79
N SER A 197 -18.94 33.15 8.64
CA SER A 197 -19.50 33.82 7.48
C SER A 197 -20.69 33.06 6.89
N GLN A 198 -20.91 31.83 7.32
CA GLN A 198 -22.09 31.09 6.89
C GLN A 198 -23.26 31.25 7.84
N LEU A 199 -23.00 31.42 9.14
CA LEU A 199 -24.08 31.55 10.11
C LEU A 199 -24.50 33.00 10.35
N SER A 200 -23.54 33.93 10.40
CA SER A 200 -23.89 35.32 10.67
C SER A 200 -24.88 35.93 9.69
N PRO A 201 -24.80 35.69 8.37
CA PRO A 201 -25.84 36.23 7.50
C PRO A 201 -27.24 35.77 7.86
N ALA A 202 -27.39 34.55 8.36
CA ALA A 202 -28.70 34.05 8.76
C ALA A 202 -28.97 34.32 10.24
N PHE A 203 -28.82 35.58 10.65
CA PHE A 203 -29.05 35.97 12.03
C PHE A 203 -30.11 37.04 12.19
N ALA A 204 -30.14 38.05 11.31
CA ALA A 204 -31.09 39.15 11.45
C ALA A 204 -32.12 39.17 10.33
N ALA A 205 -31.67 39.34 9.08
CA ALA A 205 -32.61 39.46 7.96
C ALA A 205 -31.88 39.53 6.62
N PRO A 206 -32.50 39.08 5.53
CA PRO A 206 -31.95 39.34 4.21
C PRO A 206 -32.12 40.81 3.83
N GLU A 207 -31.26 41.27 2.93
CA GLU A 207 -31.29 42.67 2.52
C GLU A 207 -32.52 42.97 1.67
N TYR A 208 -32.93 42.03 0.81
CA TYR A 208 -34.06 42.24 -0.07
C TYR A 208 -35.40 42.08 0.63
N ALA A 209 -35.41 41.59 1.86
CA ALA A 209 -36.67 41.38 2.59
C ALA A 209 -36.94 42.45 3.65
N ALA A 210 -35.90 43.11 4.14
CA ALA A 210 -36.09 44.15 5.16
C ALA A 210 -36.84 45.33 4.57
N LYS A 211 -37.61 46.00 5.43
CA LYS A 211 -38.35 47.19 5.02
C LYS A 211 -37.39 48.34 4.77
N ALA A 212 -37.88 49.34 4.02
CA ALA A 212 -37.07 50.50 3.71
C ALA A 212 -36.71 51.28 4.97
N GLY A 213 -37.66 51.44 5.87
CA GLY A 213 -37.43 52.14 7.12
C GLY A 213 -38.68 52.89 7.54
N TYR A 214 -38.48 53.88 8.41
CA TYR A 214 -39.56 54.73 8.91
C TYR A 214 -39.39 56.13 8.34
N PHE A 215 -40.42 56.62 7.66
CA PHE A 215 -40.39 57.95 7.06
C PHE A 215 -41.57 58.82 7.49
N LEU A 216 -42.35 58.38 8.46
CA LEU A 216 -43.50 59.15 8.90
C LEU A 216 -43.05 60.41 9.62
N PRO A 217 -43.49 61.60 9.21
CA PRO A 217 -43.11 62.82 9.91
C PRO A 217 -43.71 62.87 11.31
N GLN A 218 -42.99 63.52 12.22
CA GLN A 218 -43.40 63.65 13.60
C GLN A 218 -43.74 65.10 13.91
N GLY A 219 -44.85 65.30 14.61
CA GLY A 219 -45.32 66.63 14.96
C GLY A 219 -46.47 67.14 14.11
N ILE A 220 -46.81 66.45 13.02
CA ILE A 220 -47.91 66.87 12.17
C ILE A 220 -49.24 66.43 12.80
N GLU B 1 -31.12 -28.67 -1.67
CA GLU B 1 -32.45 -29.13 -1.28
C GLU B 1 -33.10 -28.17 -0.29
N ASN B 2 -32.42 -27.92 0.83
CA ASN B 2 -32.89 -26.97 1.82
C ASN B 2 -31.66 -26.46 2.58
N GLU B 3 -31.22 -25.26 2.23
CA GLU B 3 -30.00 -24.70 2.80
C GLU B 3 -30.22 -23.21 3.04
N ILE B 4 -29.13 -22.50 3.32
CA ILE B 4 -29.21 -21.07 3.58
C ILE B 4 -29.63 -20.33 2.32
N GLY B 5 -30.59 -19.43 2.45
CA GLY B 5 -31.06 -18.63 1.34
C GLY B 5 -32.49 -18.88 0.90
N VAL B 6 -33.31 -19.51 1.73
CA VAL B 6 -34.71 -19.79 1.41
C VAL B 6 -35.57 -18.90 2.28
N LEU B 7 -36.38 -18.04 1.65
CA LEU B 7 -37.13 -17.03 2.37
C LEU B 7 -38.58 -17.02 1.93
N PRO B 8 -39.48 -16.59 2.81
CA PRO B 8 -40.93 -16.76 2.59
C PRO B 8 -41.46 -16.05 1.36
N PRO B 9 -40.83 -14.95 0.84
CA PRO B 9 -41.36 -14.35 -0.40
C PRO B 9 -41.64 -15.38 -1.50
N THR B 10 -40.75 -16.37 -1.64
CA THR B 10 -41.01 -17.53 -2.47
C THR B 10 -40.82 -18.77 -1.60
N GLY B 11 -40.75 -19.96 -2.18
CA GLY B 11 -40.38 -21.08 -1.33
C GLY B 11 -39.14 -21.83 -1.72
N PHE B 12 -38.93 -22.05 -3.01
CA PHE B 12 -37.69 -22.65 -3.48
C PHE B 12 -37.14 -21.91 -4.69
N PHE B 13 -38.05 -21.44 -5.55
CA PHE B 13 -37.71 -20.76 -6.79
C PHE B 13 -36.66 -21.53 -7.58
N ASP B 14 -37.04 -22.73 -8.01
CA ASP B 14 -36.22 -23.55 -8.89
C ASP B 14 -37.08 -24.05 -10.04
N PRO B 15 -37.52 -23.15 -10.92
CA PRO B 15 -38.46 -23.55 -11.98
C PRO B 15 -37.82 -24.46 -13.01
N ALA B 16 -36.63 -24.08 -13.50
CA ALA B 16 -35.97 -24.85 -14.53
C ALA B 16 -35.39 -26.16 -14.01
N GLY B 17 -35.38 -26.36 -12.69
CA GLY B 17 -34.81 -27.58 -12.15
C GLY B 17 -33.34 -27.74 -12.44
N LEU B 18 -32.57 -26.66 -12.30
CA LEU B 18 -31.14 -26.73 -12.56
C LEU B 18 -30.40 -27.57 -11.53
N SER B 19 -31.00 -27.86 -10.39
CA SER B 19 -30.38 -28.66 -9.36
C SER B 19 -30.82 -30.13 -9.43
N ASP B 20 -32.12 -30.38 -9.30
CA ASP B 20 -32.66 -31.74 -9.37
C ASP B 20 -31.90 -32.68 -8.44
N GLY B 21 -31.08 -33.55 -9.01
CA GLY B 21 -30.28 -34.46 -8.20
C GLY B 21 -28.89 -33.96 -7.89
N ILE B 22 -28.12 -33.64 -8.93
CA ILE B 22 -26.71 -33.23 -8.87
C ILE B 22 -25.98 -33.93 -7.73
N SER B 23 -25.05 -33.22 -7.10
CA SER B 23 -24.30 -33.73 -5.97
C SER B 23 -24.00 -32.57 -5.02
N GLN B 24 -23.48 -32.91 -3.84
CA GLN B 24 -23.19 -31.87 -2.86
C GLN B 24 -22.11 -30.92 -3.36
N GLU B 25 -21.09 -31.46 -4.03
CA GLU B 25 -20.01 -30.60 -4.53
C GLU B 25 -20.52 -29.63 -5.58
N LYS B 26 -21.40 -30.09 -6.47
CA LYS B 26 -21.92 -29.20 -7.51
C LYS B 26 -22.75 -28.08 -6.90
N PHE B 27 -23.58 -28.40 -5.91
CA PHE B 27 -24.37 -27.36 -5.24
C PHE B 27 -23.48 -26.38 -4.50
N ASP B 28 -22.42 -26.88 -3.85
CA ASP B 28 -21.50 -25.99 -3.16
C ASP B 28 -20.81 -25.05 -4.15
N SER B 29 -20.41 -25.57 -5.30
CA SER B 29 -19.81 -24.72 -6.33
C SER B 29 -20.81 -23.67 -6.81
N TYR B 30 -22.07 -24.07 -7.01
CA TYR B 30 -23.09 -23.11 -7.42
C TYR B 30 -23.24 -22.00 -6.40
N ARG B 31 -23.30 -22.36 -5.11
CA ARG B 31 -23.46 -21.36 -4.06
C ARG B 31 -22.26 -20.42 -4.02
N LEU B 32 -21.05 -20.96 -4.16
CA LEU B 32 -19.87 -20.10 -4.16
C LEU B 32 -19.90 -19.13 -5.33
N ALA B 33 -20.41 -19.57 -6.47
CA ALA B 33 -20.56 -18.63 -7.61
C ALA B 33 -21.60 -17.57 -7.25
N GLU B 34 -22.75 -17.99 -6.71
CA GLU B 34 -23.85 -17.04 -6.38
C GLU B 34 -23.31 -15.95 -5.46
N LEU B 35 -22.43 -16.31 -4.53
CA LEU B 35 -21.87 -15.33 -3.58
C LEU B 35 -20.90 -14.42 -4.33
N LYS B 36 -19.90 -15.01 -5.01
CA LYS B 36 -18.90 -14.15 -5.63
C LYS B 36 -19.56 -13.16 -6.60
N HIS B 37 -20.47 -13.65 -7.44
CA HIS B 37 -21.17 -12.77 -8.37
C HIS B 37 -21.91 -11.67 -7.62
N GLY B 38 -22.57 -12.03 -6.51
CA GLY B 38 -23.31 -11.04 -5.74
C GLY B 38 -22.44 -9.98 -5.12
N ARG B 39 -21.31 -10.38 -4.53
CA ARG B 39 -20.41 -9.40 -3.94
C ARG B 39 -19.85 -8.46 -5.00
N ALA B 40 -19.47 -9.01 -6.15
CA ALA B 40 -18.99 -8.16 -7.24
C ALA B 40 -20.07 -7.18 -7.68
N ALA B 41 -21.32 -7.64 -7.76
CA ALA B 41 -22.40 -6.74 -8.18
C ALA B 41 -22.62 -5.64 -7.17
N MET B 42 -22.57 -5.95 -5.87
CA MET B 42 -22.71 -4.91 -4.86
C MET B 42 -21.64 -3.85 -5.02
N LEU B 43 -20.38 -4.28 -5.14
CA LEU B 43 -19.30 -3.31 -5.28
C LEU B 43 -19.46 -2.49 -6.55
N ALA B 44 -19.88 -3.12 -7.64
CA ALA B 44 -20.04 -2.39 -8.90
C ALA B 44 -21.13 -1.34 -8.79
N VAL B 45 -22.26 -1.67 -8.19
CA VAL B 45 -23.34 -0.69 -8.02
C VAL B 45 -22.87 0.46 -7.15
N LEU B 46 -22.13 0.15 -6.08
CA LEU B 46 -21.63 1.22 -5.22
C LEU B 46 -20.66 2.12 -5.97
N GLY B 47 -19.76 1.53 -6.76
CA GLY B 47 -18.76 2.31 -7.46
C GLY B 47 -19.22 2.94 -8.75
N TYR B 48 -20.43 2.66 -9.19
CA TYR B 48 -20.98 3.34 -10.34
C TYR B 48 -21.52 4.72 -10.01
N VAL B 49 -21.69 5.03 -8.72
CA VAL B 49 -22.29 6.29 -8.28
C VAL B 49 -21.24 7.24 -7.72
N ALA B 50 -20.23 6.72 -7.03
CA ALA B 50 -19.24 7.57 -6.37
C ALA B 50 -18.54 8.54 -7.31
N PRO B 51 -18.06 8.15 -8.49
CA PRO B 51 -17.32 9.11 -9.32
C PRO B 51 -18.15 10.28 -9.80
N GLU B 52 -19.47 10.25 -9.61
CA GLU B 52 -20.31 11.32 -10.09
C GLU B 52 -20.06 12.64 -9.37
N THR B 53 -19.44 12.60 -8.21
CA THR B 53 -19.17 13.81 -7.45
C THR B 53 -17.71 13.96 -7.06
N TYR B 54 -17.10 12.86 -6.64
CA TYR B 54 -15.67 12.89 -6.23
C TYR B 54 -14.83 12.26 -7.34
N ARG B 55 -13.52 12.43 -7.28
CA ARG B 55 -12.61 11.80 -8.28
C ARG B 55 -11.18 12.00 -7.81
N PHE B 56 -10.55 10.96 -7.27
CA PHE B 56 -9.12 11.07 -6.89
C PHE B 56 -8.41 11.82 -8.01
N GLY B 57 -7.45 12.69 -7.67
CA GLY B 57 -6.78 13.48 -8.68
C GLY B 57 -5.38 12.99 -9.03
N TYR B 58 -5.25 11.72 -9.37
CA TYR B 58 -3.95 11.17 -9.73
C TYR B 58 -3.91 10.89 -11.23
N ASP B 59 -2.69 10.79 -11.75
CA ASP B 59 -2.45 10.58 -13.18
C ASP B 59 -2.17 9.11 -13.43
N LEU B 60 -2.95 8.51 -14.32
CA LEU B 60 -2.67 7.13 -14.73
C LEU B 60 -1.37 7.06 -15.52
N ILE B 61 -1.20 7.95 -16.49
CA ILE B 61 0.05 8.12 -17.21
C ILE B 61 0.66 9.44 -16.77
N PRO B 62 1.86 9.44 -16.17
CA PRO B 62 2.43 10.71 -15.68
C PRO B 62 2.54 11.73 -16.79
N GLY B 63 1.81 12.83 -16.65
CA GLY B 63 1.80 13.88 -17.65
C GLY B 63 0.46 14.10 -18.32
N GLU B 64 -0.26 13.01 -18.62
CA GLU B 64 -1.56 13.10 -19.28
C GLU B 64 -2.52 12.18 -18.55
N LEU B 65 -3.72 12.02 -19.12
CA LEU B 65 -4.69 11.03 -18.68
C LEU B 65 -4.92 11.11 -17.16
N SER B 66 -5.42 12.25 -16.73
CA SER B 66 -5.81 12.41 -15.34
C SER B 66 -7.19 11.81 -15.12
N THR B 67 -7.40 11.26 -13.91
CA THR B 67 -8.70 10.69 -13.59
C THR B 67 -9.81 11.73 -13.58
N ASN B 68 -9.46 13.02 -13.48
CA ASN B 68 -10.47 14.07 -13.55
C ASN B 68 -11.12 14.14 -14.92
N ASP B 69 -10.50 13.58 -15.95
CA ASP B 69 -10.95 13.78 -17.32
C ASP B 69 -11.69 12.59 -17.91
N ILE B 70 -11.37 11.37 -17.50
CA ILE B 70 -11.94 10.20 -18.17
C ILE B 70 -13.43 10.12 -17.87
N PRO B 71 -14.27 9.74 -18.84
CA PRO B 71 -15.71 9.71 -18.61
C PRO B 71 -16.10 8.57 -17.68
N ASN B 72 -17.29 8.71 -17.10
CA ASN B 72 -17.81 7.73 -16.17
C ASN B 72 -18.83 6.83 -16.87
N GLY B 73 -18.94 5.60 -16.41
CA GLY B 73 -19.84 4.65 -17.01
C GLY B 73 -19.13 3.59 -17.81
N VAL B 74 -19.73 3.14 -18.92
CA VAL B 74 -19.10 2.15 -19.79
C VAL B 74 -18.14 2.79 -20.78
N ALA B 75 -18.02 4.11 -20.79
CA ALA B 75 -17.06 4.77 -21.67
C ALA B 75 -15.66 4.77 -21.08
N ALA B 76 -15.48 4.32 -19.84
CA ALA B 76 -14.16 4.33 -19.24
C ALA B 76 -13.27 3.24 -19.79
N ILE B 77 -13.83 2.09 -20.14
CA ILE B 77 -13.01 0.97 -20.61
C ILE B 77 -12.31 1.32 -21.91
N LYS B 78 -12.91 2.20 -22.71
CA LYS B 78 -12.22 2.67 -23.91
C LYS B 78 -11.14 3.69 -23.60
N ALA B 79 -11.35 4.51 -22.57
CA ALA B 79 -10.38 5.55 -22.23
C ALA B 79 -9.15 4.98 -21.55
N ILE B 80 -9.34 4.06 -20.61
CA ILE B 80 -8.20 3.50 -19.86
C ILE B 80 -7.38 2.63 -20.79
N PRO B 81 -6.05 2.78 -20.82
CA PRO B 81 -5.22 1.93 -21.66
C PRO B 81 -5.20 0.50 -21.15
N PHE B 82 -4.83 -0.42 -22.05
CA PHE B 82 -4.87 -1.84 -21.73
C PHE B 82 -3.96 -2.20 -20.56
N GLY B 83 -2.85 -1.48 -20.41
CA GLY B 83 -1.93 -1.79 -19.33
C GLY B 83 -2.55 -1.62 -17.96
N GLY B 84 -3.38 -0.60 -17.79
CA GLY B 84 -4.05 -0.40 -16.51
C GLY B 84 -4.97 -1.55 -16.16
N TRP B 85 -5.77 -1.99 -17.13
CA TRP B 85 -6.64 -3.13 -16.88
C TRP B 85 -5.84 -4.39 -16.57
N ALA B 86 -4.73 -4.59 -17.29
CA ALA B 86 -3.89 -5.75 -17.02
C ALA B 86 -3.36 -5.71 -15.59
N GLN B 87 -2.87 -4.55 -15.16
CA GLN B 87 -2.32 -4.45 -13.80
C GLN B 87 -3.40 -4.64 -12.74
N MET B 88 -4.59 -4.09 -12.96
CA MET B 88 -5.67 -4.27 -12.00
C MET B 88 -6.09 -5.74 -11.89
N ILE B 89 -6.23 -6.41 -13.04
CA ILE B 89 -6.61 -7.82 -13.01
C ILE B 89 -5.52 -8.65 -12.35
N ALA B 90 -4.26 -8.29 -12.57
CA ALA B 90 -3.16 -8.99 -11.91
C ALA B 90 -3.25 -8.81 -10.40
N PHE B 91 -3.58 -7.60 -9.94
CA PHE B 91 -3.71 -7.37 -8.51
C PHE B 91 -4.84 -8.19 -7.91
N VAL B 92 -5.99 -8.23 -8.59
CA VAL B 92 -7.11 -9.02 -8.08
C VAL B 92 -6.75 -10.49 -8.05
N GLY B 93 -6.05 -10.98 -9.07
CA GLY B 93 -5.62 -12.36 -9.07
C GLY B 93 -4.63 -12.66 -7.96
N CYS B 94 -3.76 -11.70 -7.65
CA CYS B 94 -2.87 -11.85 -6.50
C CYS B 94 -3.67 -11.98 -5.22
N VAL B 95 -4.74 -11.20 -5.09
CA VAL B 95 -5.59 -11.29 -3.90
C VAL B 95 -6.30 -12.64 -3.86
N GLU B 96 -6.70 -13.17 -5.01
CA GLU B 96 -7.55 -14.35 -5.02
C GLU B 96 -6.75 -15.64 -4.90
N THR B 97 -5.70 -15.80 -5.70
CA THR B 97 -4.93 -17.04 -5.68
C THR B 97 -4.19 -17.22 -4.37
N TYR B 98 -3.44 -16.21 -3.94
CA TYR B 98 -2.78 -16.24 -2.65
C TYR B 98 -3.68 -15.59 -1.60
N GLY B 99 -3.19 -15.51 -0.37
CA GLY B 99 -3.92 -14.85 0.68
C GLY B 99 -3.54 -13.40 0.89
N TRP B 100 -2.81 -12.80 -0.04
CA TRP B 100 -2.27 -11.47 0.17
C TRP B 100 -3.38 -10.43 0.26
N PHE B 101 -3.13 -9.41 1.08
CA PHE B 101 -4.08 -8.31 1.29
C PHE B 101 -5.41 -8.82 1.86
N THR B 102 -5.36 -9.96 2.54
CA THR B 102 -6.51 -10.55 3.20
C THR B 102 -6.14 -10.83 4.65
N SER B 103 -7.08 -10.56 5.57
CA SER B 103 -6.81 -10.70 6.98
C SER B 103 -7.79 -11.68 7.60
N PRO B 104 -7.33 -12.61 8.44
CA PRO B 104 -8.24 -13.56 9.07
C PRO B 104 -8.97 -13.00 10.29
N THR B 105 -8.86 -11.70 10.55
CA THR B 105 -9.57 -11.07 11.64
C THR B 105 -10.92 -10.52 11.23
N GLY B 106 -11.33 -10.71 9.98
CA GLY B 106 -12.61 -10.24 9.51
C GLY B 106 -13.67 -11.31 9.49
N VAL B 107 -13.26 -12.56 9.74
CA VAL B 107 -14.22 -13.66 9.69
C VAL B 107 -15.20 -13.61 10.86
N LEU B 108 -14.75 -13.11 12.01
CA LEU B 108 -15.57 -13.02 13.22
C LEU B 108 -15.98 -14.40 13.72
N ASP B 109 -16.59 -14.47 14.91
CA ASP B 109 -16.99 -15.73 15.51
C ASP B 109 -18.41 -15.60 16.08
N LEU B 110 -19.31 -15.09 15.26
CA LEU B 110 -20.68 -14.90 15.70
C LEU B 110 -21.34 -16.24 16.01
N PRO B 111 -22.37 -16.24 16.87
CA PRO B 111 -23.13 -17.47 17.11
C PRO B 111 -23.81 -17.97 15.85
N ASP B 112 -24.36 -19.17 15.93
CA ASP B 112 -24.87 -19.86 14.75
C ASP B 112 -26.06 -19.13 14.14
N ASP B 113 -27.02 -18.73 14.98
CA ASP B 113 -28.24 -18.11 14.45
C ASP B 113 -27.93 -16.73 13.85
N ILE B 114 -27.10 -15.95 14.52
CA ILE B 114 -26.70 -14.66 13.99
C ILE B 114 -26.00 -14.85 12.65
N LEU B 115 -25.12 -15.84 12.57
CA LEU B 115 -24.42 -16.12 11.32
C LEU B 115 -25.38 -16.49 10.21
N ALA B 116 -26.38 -17.33 10.51
CA ALA B 116 -27.34 -17.74 9.49
C ALA B 116 -28.14 -16.54 8.98
N LYS B 117 -28.63 -15.71 9.91
CA LYS B 117 -29.41 -14.56 9.49
C LYS B 117 -28.58 -13.61 8.64
N ARG B 118 -27.34 -13.34 9.06
CA ARG B 118 -26.50 -12.43 8.31
C ARG B 118 -26.15 -12.99 6.94
N GLN B 119 -25.94 -14.30 6.84
CA GLN B 119 -25.66 -14.90 5.54
C GLN B 119 -26.86 -14.77 4.60
N THR B 120 -28.07 -14.99 5.11
CA THR B 120 -29.24 -14.81 4.26
C THR B 120 -29.37 -13.35 3.81
N ALA B 121 -29.13 -12.42 4.72
CA ALA B 121 -29.21 -11.00 4.36
C ALA B 121 -28.19 -10.65 3.29
N GLU B 122 -26.97 -11.16 3.45
CA GLU B 122 -25.93 -10.93 2.45
C GLU B 122 -26.37 -11.44 1.08
N LEU B 123 -26.92 -12.66 1.04
CA LEU B 123 -27.36 -13.21 -0.23
C LEU B 123 -28.46 -12.35 -0.85
N GLN B 124 -29.43 -11.90 -0.05
CA GLN B 124 -30.54 -11.12 -0.60
C GLN B 124 -30.05 -9.78 -1.15
N HIS B 125 -29.21 -9.08 -0.40
CA HIS B 125 -28.71 -7.80 -0.88
C HIS B 125 -27.91 -7.99 -2.17
N GLY B 126 -27.09 -9.05 -2.25
CA GLY B 126 -26.37 -9.32 -3.48
C GLY B 126 -27.30 -9.60 -4.66
N ARG B 127 -28.32 -10.42 -4.43
CA ARG B 127 -29.24 -10.75 -5.51
C ARG B 127 -29.96 -9.51 -6.02
N LEU B 128 -30.31 -8.58 -5.14
CA LEU B 128 -30.88 -7.32 -5.61
C LEU B 128 -29.86 -6.52 -6.43
N ALA B 129 -28.62 -6.48 -5.97
CA ALA B 129 -27.60 -5.67 -6.64
C ALA B 129 -27.32 -6.16 -8.06
N MET B 130 -27.44 -7.46 -8.30
CA MET B 130 -27.20 -7.97 -9.65
C MET B 130 -28.16 -7.35 -10.66
N LEU B 131 -29.46 -7.39 -10.36
CA LEU B 131 -30.43 -6.80 -11.26
C LEU B 131 -30.30 -5.27 -11.31
N ALA B 132 -29.88 -4.66 -10.19
CA ALA B 132 -29.57 -3.24 -10.25
C ALA B 132 -28.51 -2.96 -11.30
N PHE B 133 -27.45 -3.76 -11.31
CA PHE B 133 -26.40 -3.59 -12.31
C PHE B 133 -26.94 -3.79 -13.71
N LEU B 134 -27.85 -4.74 -13.87
CA LEU B 134 -28.44 -4.98 -15.19
C LEU B 134 -29.13 -3.73 -15.73
N GLU B 135 -30.03 -3.13 -14.95
CA GLU B 135 -30.69 -1.89 -15.41
C GLU B 135 -29.64 -0.82 -15.69
N LEU B 136 -28.69 -0.65 -14.76
CA LEU B 136 -27.71 0.43 -14.92
C LEU B 136 -27.02 0.35 -16.26
N ILE B 137 -26.44 -0.82 -16.59
CA ILE B 137 -25.72 -0.91 -17.85
C ILE B 137 -26.67 -0.84 -19.03
N ARG B 138 -27.88 -1.37 -18.89
CA ARG B 138 -28.86 -1.23 -19.97
C ARG B 138 -29.07 0.24 -20.32
N HIS B 139 -29.39 1.05 -19.33
CA HIS B 139 -29.65 2.46 -19.59
C HIS B 139 -28.41 3.17 -20.14
N ASP B 140 -27.24 2.88 -19.55
CA ASP B 140 -26.03 3.56 -19.99
C ASP B 140 -25.73 3.25 -21.45
N SER B 141 -25.75 1.99 -21.83
CA SER B 141 -25.46 1.61 -23.20
C SER B 141 -26.50 2.15 -24.17
N GLN B 142 -27.79 2.08 -23.79
CA GLN B 142 -28.83 2.57 -24.69
C GLN B 142 -28.66 4.06 -24.97
N ASN B 143 -28.38 4.85 -23.92
CA ASN B 143 -28.22 6.28 -24.13
C ASN B 143 -26.94 6.59 -24.89
N LEU B 144 -25.86 5.85 -24.61
CA LEU B 144 -24.59 6.15 -25.26
C LEU B 144 -24.61 5.79 -26.74
N ALA B 145 -25.30 4.72 -27.11
CA ALA B 145 -25.35 4.32 -28.51
C ALA B 145 -26.05 5.38 -29.36
N GLN B 146 -27.14 5.95 -28.86
CA GLN B 146 -27.88 6.98 -29.57
C GLN B 146 -28.48 7.95 -28.57
N PRO B 147 -27.95 9.17 -28.48
CA PRO B 147 -28.42 10.10 -27.45
C PRO B 147 -29.89 10.46 -27.64
N GLY B 148 -30.55 10.78 -26.52
CA GLY B 148 -31.94 11.14 -26.52
C GLY B 148 -32.89 9.98 -26.32
N PHE B 149 -32.54 8.81 -26.86
CA PHE B 149 -33.33 7.61 -26.64
C PHE B 149 -33.50 7.38 -25.15
N ASP B 150 -34.68 6.89 -24.75
CA ASP B 150 -35.01 6.72 -23.33
C ASP B 150 -34.90 8.07 -22.61
N GLY B 151 -35.85 8.95 -22.96
CA GLY B 151 -35.74 10.38 -22.75
C GLY B 151 -35.28 10.87 -21.39
N LEU B 152 -35.28 10.01 -20.38
CA LEU B 152 -34.68 10.36 -19.10
C LEU B 152 -33.22 10.75 -19.32
N ASP B 153 -32.81 11.85 -18.68
CA ASP B 153 -31.47 12.39 -18.88
C ASP B 153 -30.57 12.08 -17.69
N ASN B 154 -29.27 12.31 -17.89
CA ASN B 154 -28.23 12.09 -16.90
C ASN B 154 -28.05 10.62 -16.57
N LEU B 155 -26.84 10.22 -16.22
CA LEU B 155 -26.64 8.93 -15.59
C LEU B 155 -27.30 8.92 -14.22
N ILE B 156 -27.73 7.74 -13.79
CA ILE B 156 -28.38 7.57 -12.49
C ILE B 156 -29.65 8.38 -12.48
N THR B 157 -30.72 7.85 -13.07
CA THR B 157 -31.98 8.60 -13.17
C THR B 157 -32.53 8.92 -11.79
N GLY B 158 -32.47 7.96 -10.86
CA GLY B 158 -32.78 8.25 -9.48
C GLY B 158 -31.70 9.11 -8.86
N LEU B 159 -31.96 9.56 -7.64
CA LEU B 159 -31.10 10.49 -6.94
C LEU B 159 -30.82 11.74 -7.78
N PRO B 160 -31.85 12.53 -8.10
CA PRO B 160 -31.64 13.70 -8.97
C PRO B 160 -30.92 14.85 -8.29
N PHE B 161 -30.75 14.82 -6.97
CA PHE B 161 -30.09 15.91 -6.28
C PHE B 161 -28.61 16.00 -6.58
N LEU B 162 -28.03 14.99 -7.24
CA LEU B 162 -26.63 15.08 -7.65
C LEU B 162 -26.44 16.19 -8.66
N TYR B 163 -27.38 16.34 -9.59
CA TYR B 163 -27.25 17.34 -10.65
C TYR B 163 -28.11 18.56 -10.36
N GLU C 1 20.52 -31.30 -3.06
CA GLU C 1 19.59 -31.18 -4.18
C GLU C 1 20.33 -31.14 -5.51
N SER C 2 20.48 -32.31 -6.12
CA SER C 2 21.09 -32.44 -7.45
C SER C 2 20.10 -33.16 -8.34
N GLU C 3 19.38 -32.40 -9.16
CA GLU C 3 18.35 -32.93 -10.04
C GLU C 3 18.50 -32.24 -11.39
N ILE C 4 17.48 -32.39 -12.25
CA ILE C 4 17.52 -31.79 -13.58
C ILE C 4 17.67 -30.29 -13.45
N GLY C 5 18.74 -29.75 -14.03
CA GLY C 5 18.97 -28.32 -13.98
C GLY C 5 20.41 -27.92 -13.71
N ALA C 6 21.27 -28.89 -13.37
CA ALA C 6 22.68 -28.63 -13.08
C ALA C 6 23.54 -29.53 -13.96
N GLN C 7 24.15 -28.94 -14.98
CA GLN C 7 24.92 -29.65 -15.99
C GLN C 7 25.52 -28.62 -16.94
N ALA C 8 26.23 -29.10 -17.97
CA ALA C 8 26.70 -28.20 -19.03
C ALA C 8 27.73 -27.19 -18.54
N PRO C 9 28.96 -27.64 -18.35
CA PRO C 9 30.09 -26.84 -17.85
C PRO C 9 29.95 -26.55 -16.37
N LEU C 10 28.91 -25.82 -15.95
CA LEU C 10 28.79 -25.41 -14.57
C LEU C 10 27.72 -26.25 -13.88
N GLY C 11 28.01 -26.70 -12.66
CA GLY C 11 27.17 -27.67 -12.01
C GLY C 11 26.02 -27.03 -11.27
N PHE C 12 25.87 -27.31 -9.98
CA PHE C 12 24.87 -26.64 -9.18
C PHE C 12 25.20 -25.15 -9.11
N TRP C 13 24.38 -24.32 -9.75
CA TRP C 13 24.67 -22.91 -9.95
C TRP C 13 23.64 -22.09 -9.17
N ASP C 14 23.99 -21.73 -7.93
CA ASP C 14 23.15 -20.89 -7.08
C ASP C 14 24.01 -19.78 -6.50
N PRO C 15 24.39 -18.79 -7.31
CA PRO C 15 25.28 -17.73 -6.81
C PRO C 15 24.69 -16.94 -5.65
N LEU C 16 23.39 -16.71 -5.64
CA LEU C 16 22.75 -15.89 -4.62
C LEU C 16 22.27 -16.68 -3.42
N GLY C 17 22.39 -18.00 -3.45
CA GLY C 17 22.02 -18.82 -2.30
C GLY C 17 20.54 -18.79 -1.96
N PHE C 18 19.67 -18.87 -2.97
CA PHE C 18 18.24 -19.00 -2.69
C PHE C 18 17.95 -20.29 -1.95
N LEU C 19 18.58 -21.39 -2.38
CA LEU C 19 18.37 -22.70 -1.75
C LEU C 19 19.39 -22.97 -0.65
N ASP C 20 19.52 -22.03 0.29
CA ASP C 20 20.37 -22.27 1.45
C ASP C 20 19.63 -23.08 2.51
N ARG C 21 18.35 -22.79 2.72
CA ARG C 21 17.53 -23.58 3.62
C ARG C 21 16.79 -24.69 2.87
N ALA C 22 16.08 -24.33 1.81
CA ALA C 22 15.47 -25.26 0.85
C ALA C 22 14.33 -26.08 1.45
N ASP C 23 13.45 -26.54 0.58
CA ASP C 23 12.35 -27.45 0.94
C ASP C 23 11.93 -28.17 -0.32
N GLN C 24 11.21 -29.28 -0.13
CA GLN C 24 10.69 -30.00 -1.28
C GLN C 24 9.62 -29.19 -2.00
N GLU C 25 8.67 -28.62 -1.22
CA GLU C 25 7.61 -27.84 -1.83
C GLU C 25 8.13 -26.55 -2.45
N THR C 26 9.10 -25.90 -1.77
CA THR C 26 9.68 -24.68 -2.32
C THR C 26 10.40 -24.96 -3.63
N PHE C 27 11.20 -26.03 -3.67
CA PHE C 27 11.89 -26.38 -4.90
C PHE C 27 10.91 -26.74 -6.01
N ASP C 28 9.86 -27.48 -5.68
CA ASP C 28 8.87 -27.83 -6.68
C ASP C 28 8.18 -26.58 -7.23
N ARG C 29 7.82 -25.65 -6.36
CA ARG C 29 7.17 -24.42 -6.80
C ARG C 29 8.09 -23.59 -7.69
N LEU C 30 9.36 -23.45 -7.30
CA LEU C 30 10.30 -22.69 -8.12
C LEU C 30 10.51 -23.35 -9.48
N ARG C 31 10.63 -24.68 -9.49
CA ARG C 31 10.79 -25.38 -10.76
C ARG C 31 9.58 -25.19 -11.65
N TYR C 32 8.38 -25.26 -11.08
CA TYR C 32 7.17 -25.06 -11.88
C TYR C 32 7.11 -23.65 -12.44
N VAL C 33 7.46 -22.65 -11.63
CA VAL C 33 7.46 -21.27 -12.11
C VAL C 33 8.45 -21.11 -13.24
N GLU C 34 9.65 -21.68 -13.08
CA GLU C 34 10.68 -21.59 -14.13
C GLU C 34 10.16 -22.23 -15.41
N LEU C 35 9.56 -23.42 -15.30
CA LEU C 35 9.08 -24.13 -16.48
C LEU C 35 7.97 -23.35 -17.20
N LYS C 36 7.02 -22.80 -16.44
CA LYS C 36 5.92 -22.06 -17.06
C LYS C 36 6.43 -20.80 -17.74
N HIS C 37 7.29 -20.04 -17.05
CA HIS C 37 7.88 -18.85 -17.65
C HIS C 37 8.63 -19.22 -18.93
N GLY C 38 9.36 -20.34 -18.92
CA GLY C 38 10.10 -20.74 -20.11
C GLY C 38 9.21 -21.11 -21.28
N ARG C 39 8.15 -21.88 -21.00
CA ARG C 39 7.22 -22.26 -22.07
C ARG C 39 6.61 -21.02 -22.71
N ILE C 40 6.09 -20.12 -21.87
CA ILE C 40 5.47 -18.90 -22.40
C ILE C 40 6.50 -18.10 -23.19
N ALA C 41 7.74 -18.04 -22.70
CA ALA C 41 8.77 -17.26 -23.36
C ALA C 41 9.07 -17.79 -24.75
N GLN C 42 9.24 -19.11 -24.88
CA GLN C 42 9.56 -19.65 -26.20
C GLN C 42 8.39 -19.48 -27.17
N LEU C 43 7.16 -19.68 -26.68
CA LEU C 43 6.01 -19.48 -27.57
C LEU C 43 5.93 -18.03 -28.03
N ALA C 44 6.16 -17.08 -27.11
CA ALA C 44 6.13 -15.67 -27.48
C ALA C 44 7.24 -15.33 -28.46
N PHE C 45 8.43 -15.90 -28.28
CA PHE C 45 9.53 -15.66 -29.20
C PHE C 45 9.18 -16.12 -30.60
N VAL C 46 8.62 -17.32 -30.72
CA VAL C 46 8.22 -17.83 -32.03
C VAL C 46 7.16 -16.93 -32.65
N GLY C 47 6.18 -16.52 -31.86
CA GLY C 47 5.13 -15.66 -32.40
C GLY C 47 5.66 -14.32 -32.87
N ASN C 48 6.55 -13.71 -32.09
CA ASN C 48 7.13 -12.43 -32.49
C ASN C 48 7.94 -12.57 -33.76
N LEU C 49 8.72 -13.65 -33.89
CA LEU C 49 9.47 -13.86 -35.12
C LEU C 49 8.54 -14.02 -36.32
N ILE C 50 7.50 -14.85 -36.17
CA ILE C 50 6.66 -15.14 -37.32
C ILE C 50 5.85 -13.92 -37.74
N THR C 51 5.45 -13.06 -36.79
CA THR C 51 4.79 -11.83 -37.18
C THR C 51 5.78 -10.77 -37.67
N ARG C 52 7.06 -10.91 -37.33
CA ARG C 52 8.08 -10.06 -37.94
C ARG C 52 8.33 -10.45 -39.38
N ALA C 53 8.16 -11.73 -39.72
CA ALA C 53 8.44 -12.19 -41.07
C ALA C 53 7.52 -11.51 -42.08
N GLY C 54 6.24 -11.37 -41.75
CA GLY C 54 5.30 -10.72 -42.64
C GLY C 54 3.98 -11.43 -42.78
N TYR C 55 3.88 -12.63 -42.21
CA TYR C 55 2.64 -13.38 -42.29
C TYR C 55 1.58 -12.77 -41.39
N HIS C 56 0.32 -12.86 -41.83
CA HIS C 56 -0.79 -12.31 -41.08
C HIS C 56 -2.04 -13.13 -41.36
N LEU C 57 -2.90 -13.23 -40.34
CA LEU C 57 -4.17 -13.91 -40.51
C LEU C 57 -5.08 -13.10 -41.44
N PRO C 58 -5.91 -13.77 -42.24
CA PRO C 58 -6.86 -13.04 -43.08
C PRO C 58 -8.02 -12.48 -42.26
N GLY C 59 -8.68 -11.50 -42.84
CA GLY C 59 -9.85 -10.91 -42.23
C GLY C 59 -9.53 -9.65 -41.42
N ASP C 60 -10.49 -9.27 -40.58
CA ASP C 60 -10.38 -8.08 -39.76
C ASP C 60 -10.54 -8.46 -38.30
N ILE C 61 -9.80 -7.76 -37.44
CA ILE C 61 -9.84 -8.01 -36.00
C ILE C 61 -10.99 -7.22 -35.38
N SER C 62 -10.93 -5.90 -35.50
CA SER C 62 -12.00 -5.04 -35.02
C SER C 62 -12.93 -4.69 -36.18
N LEU C 63 -13.86 -3.77 -35.94
CA LEU C 63 -14.83 -3.37 -36.96
C LEU C 63 -14.13 -2.43 -37.94
N GLY C 64 -13.57 -3.00 -39.00
CA GLY C 64 -12.94 -2.21 -40.03
C GLY C 64 -11.44 -2.03 -39.85
N ARG C 65 -10.75 -3.13 -39.54
CA ARG C 65 -9.30 -3.08 -39.33
C ARG C 65 -8.76 -4.49 -39.51
N ALA C 66 -7.96 -4.70 -40.54
CA ALA C 66 -7.45 -6.03 -40.86
C ALA C 66 -6.29 -6.40 -39.92
N PHE C 67 -6.02 -7.71 -39.86
CA PHE C 67 -4.92 -8.20 -39.03
C PHE C 67 -3.58 -7.65 -39.50
N ALA C 68 -3.46 -7.29 -40.78
CA ALA C 68 -2.22 -6.81 -41.33
C ALA C 68 -2.05 -5.30 -41.20
N ASP C 69 -2.98 -4.61 -40.52
CA ASP C 69 -2.88 -3.18 -40.36
C ASP C 69 -2.20 -2.77 -39.06
N VAL C 70 -2.31 -3.58 -38.02
CA VAL C 70 -1.77 -3.23 -36.71
C VAL C 70 -0.25 -3.19 -36.76
N PRO C 71 0.40 -2.36 -35.94
CA PRO C 71 1.86 -2.34 -35.92
C PRO C 71 2.43 -3.64 -35.36
N ASN C 72 3.74 -3.77 -35.47
CA ASN C 72 4.44 -4.97 -35.05
C ASN C 72 5.29 -4.66 -33.83
N GLY C 73 5.09 -5.41 -32.75
CA GLY C 73 5.88 -5.24 -31.55
C GLY C 73 5.10 -4.75 -30.35
N ILE C 74 5.74 -3.89 -29.55
CA ILE C 74 5.10 -3.37 -28.34
C ILE C 74 3.92 -2.47 -28.70
N ALA C 75 4.03 -1.73 -29.80
CA ALA C 75 3.00 -0.77 -30.16
C ALA C 75 1.65 -1.43 -30.43
N ALA C 76 1.63 -2.75 -30.63
CA ALA C 76 0.37 -3.44 -30.88
C ALA C 76 -0.59 -3.32 -29.71
N ILE C 77 -0.07 -3.40 -28.49
CA ILE C 77 -0.90 -3.40 -27.30
C ILE C 77 -1.00 -2.01 -26.67
N ASN C 78 0.09 -1.26 -26.65
CA ASN C 78 0.12 0.04 -25.99
C ASN C 78 0.63 1.10 -26.94
N GLY C 79 0.13 2.32 -26.77
CA GLY C 79 0.52 3.44 -27.60
C GLY C 79 -0.53 3.77 -28.63
N PRO C 80 -0.35 4.87 -29.34
CA PRO C 80 -1.29 5.24 -30.40
C PRO C 80 -1.25 4.22 -31.53
N ASP C 81 -2.39 4.07 -32.20
CA ASP C 81 -2.56 3.11 -33.28
C ASP C 81 -2.30 1.68 -32.78
N ALA C 82 -3.11 1.27 -31.82
CA ALA C 82 -3.04 -0.05 -31.25
C ALA C 82 -4.39 -0.74 -31.39
N ILE C 83 -4.42 -2.04 -31.06
CA ILE C 83 -5.67 -2.78 -31.09
C ILE C 83 -6.64 -2.17 -30.09
N SER C 84 -7.92 -2.16 -30.46
CA SER C 84 -8.94 -1.62 -29.58
C SER C 84 -8.95 -2.38 -28.26
N THR C 85 -9.14 -1.65 -27.16
CA THR C 85 -9.04 -2.26 -25.84
C THR C 85 -10.04 -3.39 -25.65
N ALA C 86 -11.21 -3.30 -26.29
CA ALA C 86 -12.22 -4.34 -26.13
C ALA C 86 -11.71 -5.68 -26.66
N ALA C 87 -11.09 -5.66 -27.84
CA ALA C 87 -10.60 -6.91 -28.43
C ALA C 87 -9.50 -7.53 -27.58
N LEU C 88 -8.58 -6.70 -27.08
CA LEU C 88 -7.52 -7.22 -26.22
C LEU C 88 -8.10 -7.79 -24.94
N LEU C 89 -9.09 -7.12 -24.35
CA LEU C 89 -9.70 -7.64 -23.13
C LEU C 89 -10.37 -8.98 -23.37
N GLN C 90 -11.06 -9.12 -24.51
CA GLN C 90 -11.74 -10.38 -24.78
C GLN C 90 -10.74 -11.51 -25.05
N THR C 91 -9.66 -11.22 -25.77
CA THR C 91 -8.62 -12.23 -25.97
C THR C 91 -7.99 -12.64 -24.65
N LEU C 92 -7.74 -11.67 -23.76
CA LEU C 92 -7.21 -11.98 -22.45
C LEU C 92 -8.17 -12.85 -21.66
N ALA C 93 -9.48 -12.55 -21.74
CA ALA C 93 -10.46 -13.37 -21.06
C ALA C 93 -10.47 -14.79 -21.58
N PHE C 94 -10.34 -14.95 -22.90
CA PHE C 94 -10.28 -16.29 -23.48
C PHE C 94 -9.03 -17.04 -22.99
N ILE C 95 -7.90 -16.35 -22.94
CA ILE C 95 -6.68 -16.97 -22.43
C ILE C 95 -6.87 -17.41 -20.98
N GLY C 96 -7.48 -16.55 -20.16
CA GLY C 96 -7.71 -16.91 -18.78
C GLY C 96 -8.63 -18.09 -18.62
N PHE C 97 -9.71 -18.12 -19.40
CA PHE C 97 -10.66 -19.23 -19.32
C PHE C 97 -9.99 -20.54 -19.70
N LEU C 98 -9.21 -20.54 -20.79
CA LEU C 98 -8.52 -21.77 -21.16
C LEU C 98 -7.50 -22.16 -20.10
N GLU C 99 -6.80 -21.19 -19.52
CA GLU C 99 -5.78 -21.50 -18.51
C GLU C 99 -6.42 -22.13 -17.27
N THR C 100 -7.57 -21.62 -16.85
CA THR C 100 -8.19 -22.10 -15.61
C THR C 100 -9.16 -23.27 -15.83
N ARG C 101 -9.50 -23.62 -17.06
CA ARG C 101 -10.42 -24.71 -17.30
C ARG C 101 -9.87 -25.79 -18.23
N VAL C 102 -8.62 -25.71 -18.64
CA VAL C 102 -8.05 -26.65 -19.60
C VAL C 102 -6.83 -27.38 -19.05
N MET C 103 -5.84 -26.62 -18.58
CA MET C 103 -4.55 -27.20 -18.23
C MET C 103 -4.38 -27.37 -16.73
N ILE C 104 -5.43 -27.82 -16.04
CA ILE C 104 -5.32 -28.25 -14.67
C ILE C 104 -5.33 -29.78 -14.62
N ASP C 105 -4.98 -30.35 -13.48
CA ASP C 105 -4.97 -31.79 -13.30
C ASP C 105 -6.32 -32.23 -12.78
N ALA C 106 -7.13 -32.85 -13.63
CA ALA C 106 -8.48 -33.28 -13.28
C ALA C 106 -8.61 -34.79 -13.15
N THR C 107 -7.52 -35.54 -13.32
CA THR C 107 -7.56 -36.99 -13.23
C THR C 107 -6.67 -37.53 -12.14
N GLY C 108 -5.43 -37.06 -12.05
CA GLY C 108 -4.50 -37.58 -11.06
C GLY C 108 -3.23 -38.15 -11.66
N GLU C 109 -2.84 -37.65 -12.84
CA GLU C 109 -1.58 -38.09 -13.43
C GLU C 109 -0.41 -37.77 -12.53
N SER C 110 -0.40 -36.57 -11.94
CA SER C 110 0.54 -36.19 -10.88
C SER C 110 1.96 -36.30 -11.42
N GLN C 111 2.79 -37.21 -10.92
CA GLN C 111 4.21 -37.25 -11.24
C GLN C 111 4.86 -35.91 -10.92
N PHE C 112 5.09 -35.10 -11.94
CA PHE C 112 5.66 -33.77 -11.77
C PHE C 112 4.58 -32.72 -11.93
N ARG C 113 4.67 -31.65 -11.13
CA ARG C 113 3.71 -30.56 -11.21
C ARG C 113 3.87 -29.84 -12.54
N GLY C 114 2.88 -30.01 -13.43
CA GLY C 114 2.95 -29.43 -14.75
C GLY C 114 2.57 -30.41 -15.83
N ASP C 115 2.20 -31.63 -15.43
CA ASP C 115 1.79 -32.67 -16.34
C ASP C 115 0.27 -32.59 -16.52
N PHE C 116 -0.18 -32.46 -17.76
CA PHE C 116 -1.58 -32.23 -18.09
C PHE C 116 -2.08 -33.28 -19.07
N ARG C 117 -1.78 -34.55 -18.79
CA ARG C 117 -2.23 -35.63 -19.66
C ARG C 117 -3.75 -35.73 -19.69
N ASN C 118 -4.35 -36.02 -18.53
CA ASN C 118 -5.79 -36.28 -18.43
C ASN C 118 -6.20 -37.40 -19.37
N GLY C 119 -5.33 -38.40 -19.52
CA GLY C 119 -5.59 -39.53 -20.38
C GLY C 119 -5.16 -39.36 -21.82
N PHE C 120 -4.76 -38.16 -22.22
CA PHE C 120 -4.36 -37.89 -23.60
C PHE C 120 -2.84 -37.77 -23.66
N ASP C 121 -2.21 -38.64 -24.43
CA ASP C 121 -0.77 -38.63 -24.61
C ASP C 121 -0.43 -39.36 -25.90
N PHE C 122 0.79 -39.13 -26.39
CA PHE C 122 1.24 -39.78 -27.62
C PHE C 122 2.21 -40.92 -27.36
N GLY C 123 3.30 -40.66 -26.63
CA GLY C 123 4.29 -41.68 -26.39
C GLY C 123 4.79 -41.74 -24.97
N TRP C 124 4.32 -40.83 -24.11
CA TRP C 124 4.79 -40.81 -22.73
C TRP C 124 4.13 -41.93 -21.93
N ASP C 125 4.64 -43.14 -22.10
CA ASP C 125 4.06 -44.34 -21.51
C ASP C 125 4.95 -45.54 -21.87
N LYS C 126 5.01 -45.88 -23.15
CA LYS C 126 5.91 -46.92 -23.62
C LYS C 126 7.35 -46.63 -23.19
N GLN C 127 7.84 -45.44 -23.53
CA GLN C 127 9.16 -45.03 -23.09
C GLN C 127 9.14 -44.76 -21.59
N SER C 128 10.20 -45.16 -20.88
CA SER C 128 10.18 -44.98 -19.44
C SER C 128 11.52 -44.71 -18.75
N PRO C 129 12.62 -45.47 -19.05
CA PRO C 129 13.75 -45.44 -18.12
C PRO C 129 14.39 -44.07 -17.95
N GLU C 130 14.93 -43.47 -19.01
CA GLU C 130 15.68 -42.22 -18.88
C GLU C 130 15.34 -41.15 -19.91
N TRP C 131 14.63 -41.48 -21.00
CA TRP C 131 14.26 -40.46 -21.98
C TRP C 131 13.50 -39.32 -21.33
N GLN C 132 12.76 -39.60 -20.26
CA GLN C 132 12.07 -38.54 -19.53
C GLN C 132 13.06 -37.51 -19.01
N THR C 133 14.15 -37.98 -18.40
CA THR C 133 15.11 -37.06 -17.78
C THR C 133 15.78 -36.17 -18.82
N ASN C 134 16.33 -36.75 -19.88
CA ASN C 134 17.05 -35.93 -20.84
C ASN C 134 16.09 -35.03 -21.62
N LYS C 135 14.87 -35.50 -21.88
CA LYS C 135 13.89 -34.64 -22.52
C LYS C 135 13.54 -33.44 -21.65
N ARG C 136 13.34 -33.68 -20.35
CA ARG C 136 13.00 -32.58 -19.45
C ARG C 136 14.15 -31.58 -19.35
N ALA C 137 15.38 -32.09 -19.33
CA ALA C 137 16.53 -31.19 -19.38
C ALA C 137 16.52 -30.37 -20.68
N ILE C 138 15.92 -30.92 -21.73
CA ILE C 138 15.75 -30.11 -22.96
C ILE C 138 14.62 -29.10 -22.77
N GLU C 139 13.40 -29.58 -22.51
CA GLU C 139 12.24 -28.66 -22.35
C GLU C 139 12.70 -27.42 -21.57
N LEU C 140 13.15 -27.62 -20.33
CA LEU C 140 13.55 -26.48 -19.47
C LEU C 140 14.69 -25.70 -20.13
N ASN C 141 15.79 -26.38 -20.46
CA ASN C 141 16.96 -25.67 -21.03
C ASN C 141 16.47 -24.72 -22.11
N GLN C 142 15.82 -25.26 -23.15
CA GLN C 142 15.36 -24.40 -24.26
C GLN C 142 14.56 -23.25 -23.67
N GLY C 143 13.74 -23.53 -22.65
CA GLY C 143 12.96 -22.47 -22.03
C GLY C 143 13.83 -21.34 -21.51
N ARG C 144 14.94 -21.68 -20.85
CA ARG C 144 15.84 -20.66 -20.35
C ARG C 144 16.41 -19.82 -21.48
N ALA C 145 16.89 -20.48 -22.53
CA ALA C 145 17.50 -19.77 -23.65
C ALA C 145 16.49 -18.85 -24.33
N ALA C 146 15.29 -19.37 -24.59
CA ALA C 146 14.27 -18.55 -25.25
C ALA C 146 13.79 -17.43 -24.35
N MET C 147 13.80 -17.65 -23.03
CA MET C 147 13.43 -16.58 -22.11
C MET C 147 14.42 -15.43 -22.20
N MET C 148 15.72 -15.74 -22.18
CA MET C 148 16.71 -14.69 -22.37
C MET C 148 16.54 -14.02 -23.73
N GLY C 149 16.23 -14.82 -24.76
CA GLY C 149 16.08 -14.26 -26.09
C GLY C 149 14.93 -13.28 -26.20
N ILE C 150 13.77 -13.64 -25.62
CA ILE C 150 12.61 -12.76 -25.69
C ILE C 150 12.85 -11.49 -24.87
N LEU C 151 13.51 -11.63 -23.72
CA LEU C 151 13.87 -10.43 -22.97
C LEU C 151 14.74 -9.50 -23.80
N GLY C 152 15.73 -10.07 -24.50
CA GLY C 152 16.59 -9.27 -25.35
C GLY C 152 15.84 -8.61 -26.49
N LEU C 153 14.89 -9.34 -27.09
CA LEU C 153 14.10 -8.76 -28.17
C LEU C 153 13.30 -7.57 -27.67
N MET C 154 12.68 -7.70 -26.49
CA MET C 154 11.93 -6.58 -25.93
C MET C 154 12.84 -5.40 -25.63
N MET C 155 14.02 -5.67 -25.05
CA MET C 155 14.99 -4.61 -24.80
C MET C 155 15.33 -3.86 -26.09
N HIS C 156 15.68 -4.60 -27.13
CA HIS C 156 16.11 -3.98 -28.39
C HIS C 156 14.98 -3.18 -29.02
N GLU C 157 13.79 -3.76 -29.09
CA GLU C 157 12.67 -3.05 -29.71
C GLU C 157 12.24 -1.84 -28.89
N GLN C 158 12.52 -1.83 -27.59
CA GLN C 158 12.20 -0.65 -26.80
C GLN C 158 13.25 0.45 -26.97
N VAL C 159 14.53 0.06 -27.05
CA VAL C 159 15.59 1.07 -27.14
C VAL C 159 15.94 1.41 -28.58
N GLY C 160 15.73 0.48 -29.52
CA GLY C 160 16.09 0.72 -30.91
C GLY C 160 15.24 1.76 -31.58
N PHE D 1 19.34 -13.17 19.88
CA PHE D 1 19.45 -12.08 18.91
C PHE D 1 18.62 -10.89 19.36
N GLU D 2 17.73 -11.13 20.32
CA GLU D 2 16.86 -10.09 20.84
C GLU D 2 17.54 -9.19 21.86
N ASN D 3 18.83 -9.38 22.11
CA ASN D 3 19.56 -8.60 23.09
C ASN D 3 20.81 -7.93 22.54
N GLU D 4 21.21 -8.24 21.31
CA GLU D 4 22.39 -7.63 20.71
C GLU D 4 22.19 -6.12 20.54
N LEU D 5 23.29 -5.43 20.26
CA LEU D 5 23.22 -3.99 20.07
C LEU D 5 22.48 -3.66 18.78
N GLY D 6 22.00 -2.42 18.70
CA GLY D 6 21.07 -2.02 17.67
C GLY D 6 19.64 -2.00 18.13
N ALA D 7 19.34 -2.60 19.28
CA ALA D 7 18.02 -2.57 19.88
C ALA D 7 17.81 -1.28 20.66
N GLN D 8 17.90 -0.15 19.97
CA GLN D 8 17.76 1.15 20.62
C GLN D 8 16.44 1.21 21.39
N PRO D 9 16.41 1.87 22.54
CA PRO D 9 15.18 1.96 23.35
C PRO D 9 13.97 2.44 22.58
N PRO D 10 14.07 3.53 21.75
CA PRO D 10 12.88 4.07 21.08
C PRO D 10 11.87 3.05 20.60
N LEU D 11 12.36 2.01 19.91
CA LEU D 11 11.52 0.95 19.39
C LEU D 11 11.85 -0.43 19.94
N GLY D 12 13.04 -0.62 20.51
CA GLY D 12 13.45 -1.95 20.94
C GLY D 12 13.84 -2.80 19.75
N PHE D 13 13.77 -4.11 19.94
CA PHE D 13 13.99 -5.03 18.82
C PHE D 13 12.90 -4.84 17.78
N PHE D 14 13.31 -4.74 16.52
CA PHE D 14 12.38 -4.36 15.44
C PHE D 14 12.68 -5.23 14.23
N ASP D 15 11.85 -6.25 14.01
CA ASP D 15 11.99 -7.16 12.87
C ASP D 15 10.62 -7.42 12.28
N PRO D 16 10.08 -6.47 11.50
CA PRO D 16 8.72 -6.67 10.98
C PRO D 16 8.61 -7.81 9.98
N LEU D 17 9.56 -7.92 9.05
CA LEU D 17 9.51 -9.02 8.09
C LEU D 17 9.81 -10.36 8.76
N GLY D 18 10.57 -10.34 9.86
CA GLY D 18 10.90 -11.57 10.55
C GLY D 18 11.76 -12.52 9.77
N MET D 19 12.78 -12.02 9.08
CA MET D 19 13.66 -12.91 8.33
C MET D 19 14.59 -13.70 9.23
N LEU D 20 14.88 -13.20 10.43
CA LEU D 20 15.75 -13.92 11.35
C LEU D 20 15.13 -15.25 11.76
N ASP D 21 14.02 -15.20 12.50
CA ASP D 21 13.31 -16.39 12.97
C ASP D 21 14.27 -17.46 13.45
N GLU D 22 14.43 -18.51 12.63
CA GLU D 22 15.45 -19.51 12.88
C GLU D 22 16.69 -19.15 12.06
N ALA D 23 17.84 -19.08 12.73
CA ALA D 23 19.07 -18.68 12.06
C ALA D 23 20.26 -19.18 12.88
N GLY D 24 21.39 -19.31 12.20
CA GLY D 24 22.61 -19.70 12.87
C GLY D 24 23.34 -18.48 13.40
N GLN D 25 24.60 -18.31 12.99
CA GLN D 25 25.36 -17.12 13.36
C GLN D 25 26.03 -16.43 12.18
N ALA D 26 26.31 -17.13 11.09
CA ALA D 26 26.87 -16.49 9.91
C ALA D 26 25.87 -15.53 9.28
N ARG D 27 24.58 -15.86 9.33
CA ARG D 27 23.57 -14.98 8.76
C ARG D 27 23.55 -13.63 9.47
N PHE D 28 23.53 -13.64 10.80
CA PHE D 28 23.52 -12.40 11.56
C PHE D 28 24.78 -11.60 11.31
N ASP D 29 25.94 -12.26 11.28
CA ASP D 29 27.19 -11.56 11.02
C ASP D 29 27.19 -10.93 9.64
N ARG D 30 26.72 -11.64 8.62
CA ARG D 30 26.67 -11.09 7.28
C ARG D 30 25.73 -9.89 7.21
N LEU D 31 24.56 -10.00 7.85
CA LEU D 31 23.62 -8.88 7.84
C LEU D 31 24.21 -7.66 8.53
N ARG D 32 24.84 -7.85 9.68
CA ARG D 32 25.45 -6.72 10.37
C ARG D 32 26.58 -6.11 9.54
N TYR D 33 27.39 -6.96 8.90
CA TYR D 33 28.49 -6.46 8.09
C TYR D 33 27.98 -5.61 6.93
N VAL D 34 26.96 -6.09 6.23
CA VAL D 34 26.46 -5.33 5.09
C VAL D 34 25.79 -4.04 5.55
N GLU D 35 25.07 -4.11 6.68
CA GLU D 35 24.41 -2.90 7.23
C GLU D 35 25.49 -1.86 7.57
N LEU D 36 26.56 -2.27 8.23
CA LEU D 36 27.63 -1.34 8.61
C LEU D 36 28.34 -0.76 7.39
N LYS D 37 28.60 -1.60 6.38
CA LYS D 37 29.24 -1.12 5.17
C LYS D 37 28.39 -0.07 4.48
N HIS D 38 27.08 -0.34 4.35
CA HIS D 38 26.18 0.64 3.76
C HIS D 38 26.15 1.92 4.57
N GLY D 39 26.15 1.80 5.90
CA GLY D 39 26.14 3.00 6.73
C GLY D 39 27.36 3.87 6.52
N ARG D 40 28.54 3.26 6.51
CA ARG D 40 29.76 4.04 6.30
C ARG D 40 29.77 4.70 4.92
N ILE D 41 29.40 3.93 3.89
CA ILE D 41 29.39 4.48 2.53
C ILE D 41 28.42 5.65 2.45
N CYS D 42 27.24 5.52 3.05
CA CYS D 42 26.24 6.57 2.95
C CYS D 42 26.65 7.80 3.73
N GLN D 43 27.29 7.63 4.90
CA GLN D 43 27.78 8.78 5.63
C GLN D 43 28.78 9.56 4.80
N LEU D 44 29.75 8.86 4.21
CA LEU D 44 30.73 9.56 3.38
C LEU D 44 30.07 10.25 2.20
N ALA D 45 29.15 9.56 1.52
CA ALA D 45 28.51 10.13 0.34
C ALA D 45 27.70 11.36 0.70
N PHE D 46 26.95 11.32 1.80
CA PHE D 46 26.16 12.46 2.22
C PHE D 46 27.04 13.64 2.57
N LEU D 47 28.13 13.39 3.30
CA LEU D 47 29.04 14.49 3.63
C LEU D 47 29.61 15.13 2.38
N GLY D 48 30.04 14.31 1.42
CA GLY D 48 30.58 14.84 0.19
C GLY D 48 29.56 15.65 -0.59
N ASN D 49 28.33 15.12 -0.70
CA ASN D 49 27.29 15.82 -1.45
C ASN D 49 26.94 17.15 -0.80
N ILE D 50 26.81 17.17 0.53
CA ILE D 50 26.43 18.40 1.20
C ILE D 50 27.57 19.43 1.11
N ILE D 51 28.82 18.98 1.19
CA ILE D 51 29.92 19.93 1.12
C ILE D 51 30.07 20.48 -0.30
N THR D 52 29.77 19.67 -1.31
CA THR D 52 29.82 20.18 -2.68
C THR D 52 28.68 21.14 -2.95
N ARG D 53 27.48 20.83 -2.46
CA ARG D 53 26.36 21.75 -2.61
C ARG D 53 26.52 23.02 -1.79
N ALA D 54 27.35 22.98 -0.74
CA ALA D 54 27.53 24.17 0.09
C ALA D 54 28.13 25.32 -0.71
N GLY D 55 28.94 25.02 -1.72
CA GLY D 55 29.51 26.02 -2.60
C GLY D 55 31.03 26.01 -2.66
N ILE D 56 31.69 25.44 -1.66
CA ILE D 56 33.15 25.42 -1.62
C ILE D 56 33.66 24.25 -2.44
N HIS D 57 34.57 24.54 -3.38
CA HIS D 57 35.15 23.53 -4.25
C HIS D 57 36.66 23.63 -4.19
N LEU D 58 37.33 22.52 -4.46
CA LEU D 58 38.79 22.50 -4.41
C LEU D 58 39.37 23.34 -5.54
N PRO D 59 40.26 24.28 -5.24
CA PRO D 59 41.00 24.93 -6.33
C PRO D 59 41.82 23.94 -7.13
N GLY D 60 42.29 22.89 -6.49
CA GLY D 60 42.99 21.80 -7.13
C GLY D 60 42.12 20.70 -7.69
N ALA D 61 40.80 20.87 -7.68
CA ALA D 61 39.90 19.88 -8.27
C ALA D 61 39.95 19.88 -9.79
N ILE D 62 40.65 20.83 -10.40
CA ILE D 62 40.72 20.88 -11.86
C ILE D 62 41.40 19.61 -12.38
N SER D 63 41.01 19.22 -13.58
CA SER D 63 41.52 18.01 -14.24
C SER D 63 42.21 18.41 -15.54
N LEU D 64 42.55 17.39 -16.33
CA LEU D 64 43.26 17.59 -17.59
C LEU D 64 42.53 18.59 -18.48
N ASP D 65 43.29 19.33 -19.28
CA ASP D 65 42.77 20.37 -20.17
C ASP D 65 42.07 21.47 -19.38
N GLY D 66 42.56 21.76 -18.19
CA GLY D 66 42.00 22.81 -17.35
C GLY D 66 40.78 22.33 -16.59
N THR D 67 39.62 22.31 -17.26
CA THR D 67 38.37 21.84 -16.67
C THR D 67 38.18 22.40 -15.28
N LYS D 68 38.02 23.72 -15.18
CA LYS D 68 37.97 24.39 -13.89
C LYS D 68 36.95 23.74 -12.97
N PHE D 69 37.31 23.65 -11.69
CA PHE D 69 36.45 22.98 -10.70
C PHE D 69 35.06 23.59 -10.67
N SER D 70 34.93 24.88 -10.97
CA SER D 70 33.63 25.52 -10.94
C SER D 70 32.71 25.05 -12.07
N ASP D 71 33.27 24.40 -13.09
CA ASP D 71 32.44 23.89 -14.18
C ASP D 71 31.66 22.64 -13.77
N ILE D 72 32.16 21.88 -12.81
CA ILE D 72 31.53 20.63 -12.43
C ILE D 72 30.26 20.91 -11.64
N GLY D 73 29.16 20.29 -12.05
CA GLY D 73 27.90 20.42 -11.35
C GLY D 73 27.78 19.46 -10.20
N ASN D 74 26.55 19.29 -9.72
CA ASN D 74 26.27 18.43 -8.59
C ASN D 74 25.08 17.53 -8.89
N GLY D 75 25.02 16.40 -8.20
CA GLY D 75 23.97 15.42 -8.42
C GLY D 75 24.36 14.39 -9.46
N TRP D 76 23.46 13.43 -9.65
CA TRP D 76 23.69 12.37 -10.62
C TRP D 76 23.83 12.94 -12.02
N ALA D 77 22.94 13.86 -12.39
CA ALA D 77 23.08 14.55 -13.66
C ALA D 77 24.32 15.45 -13.67
N GLY D 78 24.61 16.09 -12.54
CA GLY D 78 25.74 16.98 -12.45
C GLY D 78 27.09 16.31 -12.40
N SER D 79 27.12 14.98 -12.41
CA SER D 79 28.37 14.24 -12.43
C SER D 79 28.76 13.77 -13.82
N PHE D 80 28.02 14.15 -14.85
CA PHE D 80 28.31 13.72 -16.22
C PHE D 80 29.18 14.71 -16.97
N GLU D 81 30.24 15.19 -16.33
CA GLU D 81 31.23 15.98 -17.05
C GLU D 81 32.66 15.69 -16.64
N VAL D 82 32.90 14.74 -15.74
CA VAL D 82 34.26 14.38 -15.33
C VAL D 82 34.87 13.52 -16.42
N PRO D 83 36.19 13.55 -16.60
CA PRO D 83 36.81 12.70 -17.62
C PRO D 83 36.57 11.23 -17.34
N LYS D 84 36.42 10.46 -18.43
CA LYS D 84 36.16 9.03 -18.30
C LYS D 84 37.30 8.32 -17.58
N ASP D 85 38.54 8.58 -18.02
CA ASP D 85 39.67 7.88 -17.42
C ASP D 85 39.84 8.23 -15.95
N GLY D 86 39.49 9.45 -15.54
CA GLY D 86 39.56 9.77 -14.13
C GLY D 86 38.61 8.93 -13.31
N ALA D 87 37.38 8.77 -13.79
CA ALA D 87 36.40 7.94 -13.09
C ALA D 87 36.83 6.48 -13.09
N LEU D 88 37.40 6.01 -14.19
CA LEU D 88 37.93 4.65 -14.22
C LEU D 88 39.05 4.47 -13.20
N GLN D 89 39.91 5.48 -13.06
CA GLN D 89 40.95 5.42 -12.06
C GLN D 89 40.37 5.37 -10.66
N ILE D 90 39.33 6.16 -10.40
CA ILE D 90 38.69 6.17 -9.09
C ILE D 90 38.07 4.81 -8.80
N LEU D 91 37.38 4.24 -9.78
CA LEU D 91 36.76 2.93 -9.61
C LEU D 91 37.81 1.85 -9.36
N PHE D 92 38.92 1.91 -10.10
CA PHE D 92 39.99 0.96 -9.89
C PHE D 92 40.57 1.09 -8.48
N PHE D 93 40.72 2.32 -8.00
CA PHE D 93 41.23 2.51 -6.65
C PHE D 93 40.28 1.93 -5.60
N VAL D 94 38.98 2.16 -5.76
CA VAL D 94 38.01 1.65 -4.80
C VAL D 94 37.96 0.13 -4.85
N GLY D 95 38.02 -0.45 -6.06
CA GLY D 95 38.06 -1.90 -6.17
C GLY D 95 39.29 -2.50 -5.54
N PHE D 96 40.43 -1.82 -5.69
CA PHE D 96 41.65 -2.26 -5.00
C PHE D 96 41.48 -2.19 -3.49
N LEU D 97 40.85 -1.12 -2.99
CA LEU D 97 40.58 -1.01 -1.56
C LEU D 97 39.70 -2.15 -1.08
N GLU D 98 38.76 -2.60 -1.92
CA GLU D 98 37.93 -3.73 -1.55
C GLU D 98 38.70 -5.04 -1.61
N LEU D 99 39.67 -5.15 -2.53
CA LEU D 99 40.47 -6.37 -2.63
C LEU D 99 41.54 -6.44 -1.55
N PHE D 100 42.10 -5.30 -1.15
CA PHE D 100 43.10 -5.29 -0.11
C PHE D 100 43.01 -3.96 0.64
N VAL D 101 43.47 -4.00 1.90
CA VAL D 101 43.46 -2.91 2.88
C VAL D 101 42.17 -2.96 3.70
N MET D 102 41.02 -2.90 3.03
CA MET D 102 39.76 -2.83 3.76
C MET D 102 39.27 -4.20 4.19
N LYS D 103 40.11 -4.96 4.88
CA LYS D 103 39.73 -6.24 5.46
C LYS D 103 40.50 -6.43 6.76
N ASP D 104 40.19 -7.53 7.44
CA ASP D 104 40.96 -7.95 8.61
C ASP D 104 42.18 -8.73 8.13
N VAL D 105 43.33 -8.06 8.11
CA VAL D 105 44.56 -8.65 7.58
C VAL D 105 45.49 -9.08 8.71
N THR D 106 44.94 -9.33 9.90
CA THR D 106 45.75 -9.82 11.00
C THR D 106 45.19 -11.11 11.57
N GLY D 107 43.87 -11.26 11.54
CA GLY D 107 43.22 -12.44 12.05
C GLY D 107 42.47 -12.24 13.36
N GLU D 108 42.41 -11.02 13.87
CA GLU D 108 41.71 -10.71 15.11
C GLU D 108 40.28 -10.31 14.78
N GLY D 109 39.33 -10.93 15.48
CA GLY D 109 37.93 -10.81 15.12
C GLY D 109 37.01 -10.45 16.27
N GLU D 110 37.44 -9.51 17.12
CA GLU D 110 36.67 -9.19 18.32
C GLU D 110 35.24 -8.81 17.98
N PHE D 111 35.01 -8.21 16.81
CA PHE D 111 33.66 -8.06 16.29
C PHE D 111 33.73 -7.86 14.79
N VAL D 112 32.58 -8.00 14.14
CA VAL D 112 32.51 -7.84 12.69
C VAL D 112 32.75 -6.38 12.34
N GLY D 113 33.67 -6.15 11.40
CA GLY D 113 34.03 -4.81 10.99
C GLY D 113 35.20 -4.21 11.72
N ASP D 114 35.86 -4.95 12.60
CA ASP D 114 37.00 -4.47 13.35
C ASP D 114 38.31 -4.83 12.65
N PHE D 115 38.49 -4.30 11.45
CA PHE D 115 39.68 -4.61 10.68
C PHE D 115 40.93 -4.10 11.39
N ARG D 116 41.09 -2.77 11.41
CA ARG D 116 42.12 -2.07 12.18
C ARG D 116 43.53 -2.41 11.71
N ASN D 117 43.65 -3.37 10.80
CA ASN D 117 44.95 -3.85 10.30
C ASN D 117 45.88 -4.24 11.43
N GLY D 118 45.34 -4.39 12.65
CA GLY D 118 46.13 -4.65 13.84
C GLY D 118 47.32 -3.74 14.06
N ALA D 119 47.37 -2.61 13.34
CA ALA D 119 48.52 -1.73 13.42
C ALA D 119 48.19 -0.25 13.50
N LEU D 120 46.96 0.18 13.25
CA LEU D 120 46.65 1.60 13.20
C LEU D 120 45.66 1.99 14.29
N ASP D 121 45.86 1.47 15.49
CA ASP D 121 44.97 1.79 16.60
C ASP D 121 45.23 3.22 17.08
N PHE D 122 44.15 3.93 17.39
CA PHE D 122 44.22 5.31 17.87
C PHE D 122 43.89 5.41 19.36
N GLY D 123 43.94 4.29 20.08
CA GLY D 123 43.57 4.26 21.47
C GLY D 123 42.26 3.53 21.67
N TRP D 124 42.34 2.25 22.02
CA TRP D 124 41.16 1.40 22.13
C TRP D 124 40.94 0.88 23.54
N ASP D 125 41.99 0.34 24.18
CA ASP D 125 41.84 -0.15 25.53
C ASP D 125 41.57 0.96 26.54
N SER D 126 41.72 2.22 26.13
CA SER D 126 41.43 3.33 27.04
C SER D 126 39.95 3.37 27.42
N PHE D 127 39.06 3.11 26.46
CA PHE D 127 37.63 3.18 26.72
C PHE D 127 37.19 2.10 27.69
N SER D 128 36.12 2.40 28.43
CA SER D 128 35.53 1.44 29.34
C SER D 128 34.75 0.38 28.57
N GLU D 129 34.20 -0.58 29.29
CA GLU D 129 33.43 -1.65 28.64
C GLU D 129 32.17 -1.09 27.98
N GLU D 130 31.47 -0.19 28.67
CA GLU D 130 30.22 0.35 28.13
C GLU D 130 30.47 1.37 27.02
N THR D 131 31.61 2.06 27.05
CA THR D 131 31.90 3.06 26.03
C THR D 131 32.03 2.42 24.66
N LYS D 132 32.59 1.21 24.60
CA LYS D 132 32.64 0.48 23.33
C LYS D 132 31.24 0.30 22.76
N LEU D 133 30.32 -0.20 23.57
CA LEU D 133 28.96 -0.41 23.11
C LEU D 133 28.32 0.90 22.67
N GLN D 134 28.54 1.96 23.44
CA GLN D 134 27.93 3.25 23.11
C GLN D 134 28.45 3.77 21.77
N LYS D 135 29.76 3.69 21.55
CA LYS D 135 30.32 4.18 20.29
C LYS D 135 29.86 3.33 19.12
N ARG D 136 29.81 2.01 19.28
CA ARG D 136 29.33 1.15 18.20
C ARG D 136 27.89 1.48 17.86
N ALA D 137 27.08 1.76 18.87
CA ALA D 137 25.68 2.17 18.62
C ALA D 137 25.67 3.54 17.92
N ILE D 138 26.23 4.57 18.56
CA ILE D 138 26.19 5.94 17.99
C ILE D 138 26.63 5.89 16.52
N GLU D 139 27.59 5.02 16.20
CA GLU D 139 28.06 4.89 14.80
C GLU D 139 26.93 4.30 13.97
N LEU D 140 26.59 3.03 14.22
CA LEU D 140 25.55 2.35 13.40
C LEU D 140 24.35 3.28 13.18
N ASN D 141 23.81 3.86 14.25
CA ASN D 141 22.58 4.63 14.07
C ASN D 141 22.80 5.82 13.14
N ASN D 142 23.92 6.53 13.28
CA ASN D 142 24.20 7.62 12.35
C ASN D 142 24.37 7.09 10.94
N GLY D 143 24.88 5.87 10.78
CA GLY D 143 24.94 5.27 9.47
C GLY D 143 23.56 5.02 8.88
N ARG D 144 22.64 4.49 9.68
CA ARG D 144 21.28 4.29 9.20
C ARG D 144 20.65 5.61 8.76
N ALA D 145 20.81 6.65 9.58
CA ALA D 145 20.23 7.95 9.24
C ALA D 145 20.82 8.48 7.94
N ALA D 146 22.14 8.35 7.77
CA ALA D 146 22.75 8.80 6.53
C ALA D 146 22.24 8.02 5.33
N MET D 147 22.03 6.71 5.50
CA MET D 147 21.47 5.91 4.41
C MET D 147 20.14 6.47 3.96
N MET D 148 19.23 6.68 4.91
CA MET D 148 17.91 7.18 4.54
C MET D 148 18.00 8.57 3.91
N GLY D 149 18.86 9.43 4.47
CA GLY D 149 18.98 10.77 3.95
C GLY D 149 19.51 10.82 2.53
N ILE D 150 20.55 10.03 2.25
CA ILE D 150 21.12 10.04 0.90
C ILE D 150 20.14 9.44 -0.10
N LEU D 151 19.39 8.41 0.31
CA LEU D 151 18.37 7.88 -0.60
C LEU D 151 17.33 8.96 -0.92
N GLY D 152 16.90 9.70 0.10
CA GLY D 152 15.93 10.76 -0.14
C GLY D 152 16.47 11.85 -1.04
N LEU D 153 17.71 12.25 -0.82
CA LEU D 153 18.31 13.27 -1.68
C LEU D 153 18.38 12.80 -3.12
N MET D 154 18.83 11.56 -3.33
CA MET D 154 18.93 11.03 -4.69
C MET D 154 17.57 10.93 -5.35
N VAL D 155 16.55 10.49 -4.61
CA VAL D 155 15.22 10.36 -5.21
C VAL D 155 14.64 11.72 -5.55
N HIS D 156 14.65 12.65 -4.59
CA HIS D 156 14.06 13.95 -4.84
C HIS D 156 14.85 14.76 -5.85
N GLU D 157 16.12 14.41 -6.09
CA GLU D 157 16.88 15.07 -7.13
C GLU D 157 16.29 14.79 -8.52
N GLN D 158 15.85 13.56 -8.75
CA GLN D 158 15.27 13.19 -10.03
C GLN D 158 13.78 13.49 -10.10
N LEU D 159 13.10 13.45 -8.96
CA LEU D 159 11.66 13.68 -8.94
C LEU D 159 11.32 15.11 -9.36
N GLY D 160 12.12 16.07 -8.93
CA GLY D 160 11.86 17.46 -9.25
C GLY D 160 11.00 18.13 -8.20
N GLY D 161 11.54 19.15 -7.56
CA GLY D 161 10.81 19.83 -6.49
C GLY D 161 11.73 20.73 -5.69
N GLU D 162 11.25 21.12 -4.50
CA GLU D 162 11.97 22.05 -3.63
C GLU D 162 11.92 21.52 -2.19
N LEU D 163 12.92 20.73 -1.82
CA LEU D 163 13.07 20.28 -0.45
C LEU D 163 13.31 21.47 0.47
N PRO D 164 12.88 21.39 1.73
CA PRO D 164 13.17 22.48 2.68
C PRO D 164 14.66 22.59 2.94
N ILE D 165 15.03 23.60 3.74
CA ILE D 165 16.43 23.88 4.08
C ILE D 165 17.23 23.97 2.79
N VAL D 166 17.83 22.85 2.36
CA VAL D 166 18.61 22.76 1.13
C VAL D 166 17.84 23.38 -0.04
N GLY D 167 18.51 24.23 -0.80
CA GLY D 167 17.90 24.94 -1.92
C GLY D 167 17.15 24.09 -2.92
N GLN D 168 17.86 23.24 -3.66
CA GLN D 168 17.27 22.39 -4.69
C GLN D 168 16.64 23.21 -5.83
MG CLA E . -29.99 4.44 21.26
CHA CLA E . -28.17 5.82 23.86
CHB CLA E . -32.72 4.26 23.27
CHC CLA E . -31.76 3.10 18.64
CHD CLA E . -27.13 4.68 19.20
NA CLA E . -30.35 4.95 23.26
C1A CLA E . -29.46 5.52 24.18
C2A CLA E . -30.13 5.71 25.54
C3A CLA E . -31.58 5.20 25.31
C4A CLA E . -31.57 4.76 23.84
CMA CLA E . -31.94 4.07 26.23
CAA CLA E . -30.08 7.13 26.06
CBA CLA E . -31.15 8.02 25.48
CGA CLA E . -31.21 9.24 26.35
O1A CLA E . -31.88 9.42 27.36
O2A CLA E . -30.41 10.25 25.90
NB CLA E . -31.88 3.79 21.01
C1B CLA E . -32.85 3.84 21.94
C2B CLA E . -34.13 3.36 21.34
C3B CLA E . -33.87 3.03 20.04
C4B CLA E . -32.42 3.30 19.81
CMB CLA E . -35.39 3.31 22.10
CAB CLA E . -34.72 2.54 18.99
CBB CLA E . -35.64 1.58 19.14
NC CLA E . -29.52 3.96 19.29
C1C CLA E . -30.39 3.41 18.40
C2C CLA E . -29.73 3.18 17.12
C3C CLA E . -28.43 3.66 17.26
C4C CLA E . -28.30 4.14 18.63
CMC CLA E . -30.36 2.61 15.95
CAC CLA E . -27.37 3.65 16.24
CBC CLA E . -27.19 5.00 15.60
ND CLA E . -28.08 5.05 21.42
C1D CLA E . -27.01 5.12 20.49
C2D CLA E . -25.83 5.70 21.16
C3D CLA E . -26.21 5.98 22.46
C4D CLA E . -27.62 5.57 22.57
CMD CLA E . -24.54 5.92 20.51
CAD CLA E . -25.79 6.50 23.75
OBD CLA E . -24.70 6.90 24.11
CBD CLA E . -27.05 6.45 24.66
CGD CLA E . -26.81 5.70 25.94
O1D CLA E . -27.31 4.64 26.31
O2D CLA E . -25.93 6.31 26.78
CED CLA E . -26.14 6.11 28.19
C1 CLA E . -30.81 10.93 24.71
C2 CLA E . -31.69 12.06 25.11
C3 CLA E . -32.15 12.96 24.22
C4 CLA E . -33.02 14.09 24.62
C5 CLA E . -31.79 12.85 22.78
C6 CLA E . -31.34 14.16 22.17
C7 CLA E . -32.33 14.62 21.12
C8 CLA E . -31.74 15.70 20.22
C9 CLA E . -32.39 17.04 20.51
C10 CLA E . -31.93 15.34 18.75
C11 CLA E . -30.96 14.27 18.30
C12 CLA E . -31.65 13.20 17.47
C13 CLA E . -31.21 13.21 16.02
C14 CLA E . -31.74 14.43 15.29
C15 CLA E . -31.66 11.95 15.30
C16 CLA E . -31.08 11.85 13.91
C17 CLA E . -31.79 10.78 13.10
C18 CLA E . -30.86 10.15 12.06
C19 CLA E . -30.33 8.81 12.54
C20 CLA E . -31.58 9.98 10.73
MG CLA F . -16.93 3.99 19.97
CHA CLA F . -17.82 1.63 22.33
CHB CLA F . -14.02 2.33 19.40
CHC CLA F . -16.16 6.27 17.53
CHD CLA F . -19.95 5.71 20.61
NA CLA F . -16.09 2.26 20.77
C1A CLA F . -16.62 1.41 21.74
C2A CLA F . -15.67 0.25 22.02
C3A CLA F . -14.43 0.58 21.18
C4A CLA F . -14.86 1.80 20.37
CMA CLA F . -13.26 0.89 22.07
CAA CLA F . -16.27 -1.05 21.55
CBA CLA F . -17.05 -0.87 20.27
CGA CLA F . -16.21 -1.25 19.10
O1A CLA F . -15.93 -2.37 18.69
O2A CLA F . -15.70 -0.18 18.44
NB CLA F . -15.37 4.27 18.73
C1B CLA F . -14.30 3.45 18.61
C2B CLA F . -13.43 3.90 17.49
C3B CLA F . -14.03 5.01 16.96
C4B CLA F . -15.27 5.26 17.74
CMB CLA F . -12.20 3.21 17.13
CAB CLA F . -13.65 5.87 15.87
CBB CLA F . -12.82 5.57 14.87
NC CLA F . -17.88 5.69 19.24
C1C CLA F . -17.38 6.48 18.23
C2C CLA F . -18.29 7.57 17.95
C3C CLA F . -19.37 7.42 18.82
C4C CLA F . -19.10 6.22 19.62
CMC CLA F . -18.08 8.61 16.95
CAC CLA F . -20.56 8.27 18.91
CBC CLA F . -21.73 7.68 18.16
ND CLA F . -18.54 3.78 21.16
C1D CLA F . -19.71 4.56 21.34
C2D CLA F . -20.54 3.94 22.38
C3D CLA F . -19.87 2.81 22.79
C4D CLA F . -18.63 2.75 22.00
CMD CLA F . -21.82 4.46 22.83
CAD CLA F . -19.87 1.66 23.67
OBD CLA F . -20.71 1.30 24.48
CBD CLA F . -18.56 0.87 23.41
CGD CLA F . -17.72 0.78 24.64
O1D CLA F . -17.59 1.64 25.52
O2D CLA F . -17.04 -0.38 24.77
CED CLA F . -16.04 -0.45 25.78
C1 CLA F . -14.72 -0.48 17.43
C2 CLA F . -15.33 -0.09 16.14
C3 CLA F . -14.59 0.26 15.08
C4 CLA F . -13.13 0.28 15.15
C5 CLA F . -15.23 0.65 13.80
C6 CLA F . -14.45 1.73 13.08
C7 CLA F . -15.39 2.69 12.38
C8 CLA F . -16.24 1.98 11.34
C9 CLA F . -15.39 1.42 10.23
C10 CLA F . -17.25 2.95 10.77
C11 CLA F . -18.01 2.38 9.59
C12 CLA F . -18.63 3.47 8.76
C13 CLA F . -19.29 4.53 9.63
C14 CLA F . -20.80 4.53 9.44
C15 CLA F . -18.72 5.92 9.32
C16 CLA F . -19.10 6.34 7.92
C17 CLA F . -18.01 7.18 7.28
C18 CLA F . -18.24 7.31 5.80
C19 CLA F . -18.28 5.94 5.13
C20 CLA F . -19.53 8.04 5.53
MG CLA G . -8.90 6.92 11.07
CHA CLA G . -7.00 4.14 11.89
CHB CLA G . -11.73 5.08 11.33
CHC CLA G . -10.71 9.69 10.13
CHD CLA G . -5.91 8.74 10.55
NA CLA G . -9.27 4.94 11.58
C1A CLA G . -8.36 3.93 11.91
C2A CLA G . -9.07 2.62 12.23
C3A CLA G . -10.56 2.96 12.02
C4A CLA G . -10.54 4.43 11.63
CMA CLA G . -11.17 2.12 10.92
CAA CLA G . -8.85 2.22 13.66
CBA CLA G . -8.13 0.90 13.81
CGA CLA G . -9.14 -0.21 13.73
O1A CLA G . -10.34 -0.14 13.94
O2A CLA G . -8.60 -1.42 13.39
NB CLA G . -10.86 7.34 10.90
C1B CLA G . -11.84 6.42 10.93
C2B CLA G . -13.12 7.01 10.45
C3B CLA G . -12.84 8.31 10.11
C4B CLA G . -11.39 8.54 10.38
CMB CLA G . -14.36 6.25 10.36
CAB CLA G . -13.67 9.35 9.56
CBB CLA G . -14.63 9.18 8.65
NC CLA G . -8.40 8.87 10.50
C1C CLA G . -9.30 9.84 10.19
C2C CLA G . -8.62 11.08 9.87
C3C CLA G . -7.25 10.81 9.94
C4C CLA G . -7.12 9.41 10.34
CMC CLA G . -9.27 12.34 9.51
CAC CLA G . -6.15 11.75 9.70
CBC CLA G . -5.69 12.41 10.97
ND CLA G . -6.91 6.57 11.14
C1D CLA G . -5.80 7.42 10.92
C2D CLA G . -4.55 6.64 11.15
C3D CLA G . -4.97 5.38 11.53
C4D CLA G . -6.44 5.39 11.51
CMD CLA G . -3.21 7.17 11.00
CAD CLA G . -4.55 4.05 11.92
OBD CLA G . -3.42 3.59 12.02
CBD CLA G . -5.83 3.23 12.20
CGD CLA G . -5.85 1.94 11.44
O1D CLA G . -5.57 0.81 11.85
O2D CLA G . -6.21 2.08 10.13
CED CLA G . -5.68 1.12 9.22
C1 CLA G . -8.45 -1.72 11.98
C2 CLA G . -9.80 -1.63 11.36
C3 CLA G . -10.00 -1.64 10.04
C4 CLA G . -11.36 -1.56 9.46
C5 CLA G . -8.86 -1.76 9.08
C6 CLA G . -8.82 -0.60 8.09
C7 CLA G . -7.81 -0.83 6.98
C8 CLA G . -7.58 0.44 6.17
C9 CLA G . -8.90 1.12 5.86
C10 CLA G . -6.83 0.15 4.88
C11 CLA G . -6.35 1.44 4.24
C12 CLA G . -6.06 1.26 2.76
C13 CLA G . -5.39 2.49 2.17
C14 CLA G . -3.93 2.54 2.56
C15 CLA G . -6.11 3.77 2.56
C16 CLA G . -5.21 4.99 2.54
C17 CLA G . -5.20 5.67 1.19
C18 CLA G . -4.43 6.98 1.21
C19 CLA G . -4.99 7.94 2.24
C20 CLA G . -2.96 6.73 1.50
MG CLA H . -4.17 26.47 13.90
CHA CLA H . -2.94 29.06 11.95
CHB CLA H . -3.10 24.22 11.60
CHC CLA H . -5.23 23.93 15.97
CHD CLA H . -5.21 28.84 16.31
NA CLA H . -3.21 26.64 12.06
C1A CLA H . -2.75 27.81 11.44
C2A CLA H . -2.08 27.48 10.10
C3A CLA H . -2.22 25.95 9.98
C4A CLA H . -2.88 25.55 11.31
CMA CLA H . -3.06 25.55 8.80
CAA CLA H . -0.61 27.85 10.16
CBA CLA H . 0.16 26.97 11.12
CGA CLA H . 0.53 27.73 12.34
O1A CLA H . 1.02 28.87 12.42
O2A CLA H . 0.28 27.06 13.51
NB CLA H . -4.13 24.46 13.82
C1B CLA H . -3.69 23.73 12.76
C2B CLA H . -3.96 22.29 13.01
C3B CLA H . -4.56 22.20 14.24
C4B CLA H . -4.68 23.58 14.76
CMB CLA H . -3.61 21.26 12.03
CAB CLA H . -5.04 21.06 14.97
CBB CLA H . -5.60 19.97 14.44
NC CLA H . -5.08 26.41 15.77
C1C CLA H . -5.42 25.26 16.43
C2C CLA H . -6.01 25.59 17.73
C3C CLA H . -6.00 26.98 17.83
C4C CLA H . -5.40 27.49 16.60
CMC CLA H . -6.49 24.61 18.70
CAC CLA H . -6.48 27.79 18.94
CBC CLA H . -5.37 28.15 19.90
ND CLA H . -4.24 28.48 14.08
C1D CLA H . -4.65 29.33 15.14
C2D CLA H . -4.39 30.73 14.75
C3D CLA H . -3.77 30.69 13.53
C4D CLA H . -3.65 29.27 13.17
CMD CLA H . -4.76 31.90 15.56
CAD CLA H . -3.20 31.45 12.44
OBD CLA H . -3.20 32.66 12.23
CBD CLA H . -2.55 30.43 11.46
CGD CLA H . -2.98 30.68 10.04
O1D CLA H . -2.37 30.42 9.01
O2D CLA H . -4.21 31.28 9.94
CED CLA H . -5.08 30.80 8.92
C1 CLA H . -0.10 27.84 14.65
C2 CLA H . -0.45 26.90 15.74
C3 CLA H . -0.96 27.30 16.91
MG CLA I . 11.07 19.52 16.53
CHA CLA I . 10.63 20.78 19.73
CHB CLA I . 11.28 16.38 17.80
CHC CLA I . 11.37 18.31 13.33
CHD CLA I . 10.90 22.83 15.26
NA CLA I . 10.98 18.73 18.46
C1A CLA I . 10.77 19.42 19.66
C2A CLA I . 10.76 18.46 20.85
C3A CLA I . 11.09 17.10 20.21
C4A CLA I . 11.11 17.39 18.71
CMA CLA I . 12.42 16.58 20.69
CAA CLA I . 9.37 18.42 21.46
CBA CLA I . 8.30 18.27 20.40
CGA CLA I . 6.93 18.32 20.99
O1A CLA I . 6.56 17.94 22.11
O2A CLA I . 6.00 18.84 20.14
NB CLA I . 11.25 17.69 15.71
C1B CLA I . 11.34 16.53 16.40
C2B CLA I . 11.53 15.40 15.45
C3B CLA I . 11.55 15.93 14.19
C4B CLA I . 11.38 17.40 14.34
CMB CLA I . 11.66 14.00 15.88
CAB CLA I . 11.73 15.27 12.93
CBB CLA I . 10.94 15.41 11.85
NC CLA I . 11.13 20.42 14.65
C1C CLA I . 11.25 19.74 13.47
C2C CLA I . 11.24 20.66 12.35
C3C CLA I . 11.12 21.94 12.89
C4C CLA I . 11.04 21.77 14.34
CMC CLA I . 11.36 20.28 10.95
CAC CLA I . 11.07 23.22 12.16
CBC CLA I . 12.45 23.74 11.87
ND CLA I . 10.88 21.39 17.26
C1D CLA I . 10.81 22.66 16.63
C2D CLA I . 10.64 23.70 17.67
C3D CLA I . 10.57 23.04 18.87
C4D CLA I . 10.71 21.61 18.56
CMD CLA I . 10.56 25.14 17.39
CAD CLA I . 10.43 23.17 20.32
OBD CLA I . 10.31 24.17 21.00
CBD CLA I . 10.45 21.72 20.90
CGD CLA I . 11.53 21.54 21.93
O1D CLA I . 11.45 21.71 23.15
O2D CLA I . 12.72 21.14 21.40
CED CLA I . 13.90 21.79 21.87
C1 CLA I . 4.63 18.45 20.35
C2 CLA I . 3.83 18.97 19.21
C3 CLA I . 2.50 18.78 19.11
C4 CLA I . 1.74 18.05 20.14
C5 CLA I . 1.74 19.32 17.95
C6 CLA I . 0.59 18.41 17.53
C7 CLA I . -0.52 19.22 16.87
C8 CLA I . -1.60 18.35 16.27
C9 CLA I . -2.45 17.71 17.34
C10 CLA I . -1.01 17.27 15.37
C11 CLA I . -1.89 17.00 14.18
C12 CLA I . -1.08 16.50 13.01
C13 CLA I . -1.91 16.45 11.73
C14 CLA I . -2.87 15.28 11.79
C15 CLA I . -1.03 16.35 10.49
C16 CLA I . -1.83 16.70 9.26
C17 CLA I . -1.97 18.20 9.09
C18 CLA I . -0.98 18.73 8.05
C19 CLA I . -1.46 18.46 6.65
C20 CLA I . -0.75 20.22 8.26
MG CLA J . 0.22 6.67 14.74
CHA CLA J . -2.38 4.56 15.58
CHB CLA J . 2.45 4.31 15.77
CHC CLA J . 2.77 8.67 13.59
CHD CLA J . -2.13 9.13 13.80
NA CLA J . 0.04 4.76 15.57
C1A CLA J . -1.14 4.04 15.82
C2A CLA J . -0.83 2.68 16.42
C3A CLA J . 0.69 2.74 16.68
C4A CLA J . 1.12 4.01 15.95
CMA CLA J . 1.03 2.79 18.14
CAA CLA J . -1.18 1.55 15.47
CBA CLA J . -0.83 1.87 14.03
CGA CLA J . -1.56 0.94 13.11
O1A CLA J . -2.76 0.62 13.14
O2A CLA J . -0.78 0.41 12.12
NB CLA J . 2.23 6.54 14.75
C1B CLA J . 2.94 5.45 15.12
C2B CLA J . 4.36 5.60 14.70
C3B CLA J . 4.45 6.82 14.08
C4B CLA J . 3.11 7.44 14.10
CMB CLA J . 5.38 4.59 14.96
CAB CLA J . 5.60 7.44 13.46
CBB CLA J . 6.15 6.94 12.34
NC CLA J . 0.29 8.58 13.90
C1C CLA J . 1.45 9.21 13.52
C2C CLA J . 1.13 10.52 12.97
C3C CLA J . -0.25 10.64 13.02
C4C CLA J . -0.77 9.43 13.60
CMC CLA J . 2.11 11.47 12.46
CAC CLA J . -1.05 11.80 12.58
CBC CLA J . -1.49 11.67 11.15
ND CLA J . -1.78 6.88 14.72
C1D CLA J . -2.62 7.94 14.31
C2D CLA J . -4.02 7.55 14.52
C3D CLA J . -4.00 6.25 14.99
C4D CLA J . -2.57 5.88 15.10
CMD CLA J . -5.16 8.41 14.24
CAD CLA J . -4.77 5.12 15.46
OBD CLA J . -5.98 5.00 15.60
CBD CLA J . -3.76 3.99 15.81
CGD CLA J . -3.90 3.48 17.21
O1D CLA J . -3.25 3.80 18.20
O2D CLA J . -4.86 2.53 17.34
CED CLA J . -4.66 1.54 18.35
C1 CLA J . -1.11 0.76 10.75
C2 CLA J . -1.76 -0.41 10.12
C3 CLA J . -2.09 -0.48 8.82
C4 CLA J . -2.74 -1.67 8.24
C5 CLA J . -1.80 0.64 7.87
C6 CLA J . -1.68 0.23 6.42
C7 CLA J . -0.25 -0.09 6.06
C8 CLA J . 0.21 0.57 4.75
C9 CLA J . -0.19 2.02 4.69
C10 CLA J . -0.34 -0.15 3.52
C11 CLA J . 0.61 -0.04 2.35
C12 CLA J . -0.05 -0.44 1.05
C13 CLA J . 0.92 -1.11 0.08
C14 CLA J . 2.21 -0.32 -0.04
C15 CLA J . 0.29 -1.30 -1.29
C16 CLA J . -0.08 0.04 -1.89
C17 CLA J . -1.28 -0.05 -2.82
C18 CLA J . -1.69 1.31 -3.35
C19 CLA J . -0.99 1.62 -4.65
C20 CLA J . -3.19 1.39 -3.53
MG CLA K . -6.83 14.43 28.68
CHA CLA K . -4.67 12.49 30.56
CHB CLA K . -9.14 14.24 31.17
CHC CLA K . -8.90 16.44 26.83
CHD CLA K . -4.40 14.59 26.13
NA CLA K . -6.87 13.51 30.55
C1A CLA K . -5.87 12.74 31.16
C2A CLA K . -6.30 12.25 32.53
C3A CLA K . -7.76 12.74 32.65
C4A CLA K . -7.95 13.56 31.38
CMA CLA K . -8.72 11.60 32.73
CAA CLA K . -5.46 12.89 33.61
CBA CLA K . -5.18 14.35 33.32
CGA CLA K . -6.14 15.21 34.07
O1A CLA K . -6.13 15.51 35.27
O2A CLA K . -7.13 15.73 33.29
NB CLA K . -8.69 15.14 28.92
C1B CLA K . -9.44 15.02 30.05
C2B CLA K . -10.67 15.85 29.94
C3B CLA K . -10.61 16.48 28.71
C4B CLA K . -9.35 16.03 28.05
CMB CLA K . -11.65 15.92 31.01
CAB CLA K . -11.50 17.41 28.07
CBB CLA K . -12.51 18.07 28.64
NC CLA K . -6.67 15.34 26.82
C1C CLA K . -7.64 16.12 26.25
C2C CLA K . -7.20 16.60 24.95
C3C CLA K . -5.93 16.08 24.76
C4C CLA K . -5.60 15.28 25.93
CMC CLA K . -7.95 17.46 24.06
CAC CLA K . -5.07 16.29 23.59
CBC CLA K . -4.16 17.47 23.79
ND CLA K . -4.95 13.79 28.37
C1D CLA K . -4.08 13.87 27.26
C2D CLA K . -2.84 13.13 27.55
C3D CLA K . -3.00 12.61 28.82
C4D CLA K . -4.33 13.02 29.27
CMD CLA K . -1.71 13.03 26.64
CAD CLA K . -2.40 11.84 29.90
OBD CLA K . -1.27 11.42 30.02
CBD CLA K . -3.48 11.66 30.99
CGD CLA K . -3.86 10.22 31.13
O1D CLA K . -4.95 9.69 30.90
O2D CLA K . -2.85 9.43 31.58
CED CLA K . -3.21 8.16 32.13
C1 CLA K . -7.12 17.15 33.06
C2 CLA K . -7.96 17.76 34.12
C3 CLA K . -8.88 18.71 33.87
C4 CLA K . -9.69 19.29 34.96
C5 CLA K . -9.13 19.21 32.50
C6 CLA K . -9.55 20.68 32.50
C7 CLA K . -9.88 21.15 31.10
C8 CLA K . -9.88 22.66 30.99
C9 CLA K . -10.61 23.29 32.16
C10 CLA K . -10.50 23.12 29.69
C11 CLA K . -9.69 24.21 29.03
C12 CLA K . -9.74 24.10 27.52
C13 CLA K . -9.72 25.48 26.86
C14 CLA K . -11.08 26.12 26.96
C15 CLA K . -9.29 25.38 25.40
C16 CLA K . -7.79 25.35 25.28
C17 CLA K . -7.35 25.46 23.84
C18 CLA K . -5.95 24.90 23.63
C19 CLA K . -4.96 25.59 24.55
C20 CLA K . -5.92 23.41 23.88
MG CLA L . -25.46 14.42 29.05
CHA CLA L . -22.57 14.74 30.92
CHB CLA L . -27.19 13.64 31.86
CHC CLA L . -28.31 14.23 27.16
CHD CLA L . -23.62 15.23 26.14
NA CLA L . -24.93 14.21 31.06
C1A CLA L . -23.67 14.40 31.64
C2A CLA L . -23.73 14.13 33.15
C3A CLA L . -25.19 13.70 33.38
C4A CLA L . -25.84 13.85 32.02
CMA CLA L . -25.28 12.27 33.87
CAA CLA L . -23.42 15.39 33.96
CBA CLA L . -24.09 16.60 33.37
CGA CLA L . -24.01 17.75 34.33
O1A CLA L . -24.45 17.82 35.48
O2A CLA L . -23.32 18.82 33.82
NB CLA L . -27.39 14.03 29.44
C1B CLA L . -27.91 13.74 30.66
C2B CLA L . -29.37 13.54 30.55
C3B CLA L . -29.70 13.71 29.22
C4B CLA L . -28.44 14.02 28.50
CMB CLA L . -30.22 13.21 31.68
CAB CLA L . -30.99 13.59 28.59
CBB CLA L . -31.56 14.53 27.83
NC CLA L . -25.87 14.66 27.02
C1C CLA L . -27.11 14.52 26.47
C2C CLA L . -27.04 14.74 25.03
C3C CLA L . -25.72 15.05 24.73
C4C CLA L . -24.99 14.99 26.00
CMC CLA L . -28.20 14.66 24.13
CAC CLA L . -25.15 15.35 23.41
CBC CLA L . -25.55 16.70 22.89
ND CLA L . -23.55 14.81 28.55
C1D CLA L . -22.92 15.17 27.33
C2D CLA L . -21.50 15.41 27.58
C3D CLA L . -21.30 15.26 28.93
C4D CLA L . -22.61 14.91 29.50
CMD CLA L . -20.54 15.76 26.54
CAD CLA L . -20.35 15.28 30.03
OBD CLA L . -19.14 15.47 30.00
CBD CLA L . -21.14 15.02 31.34
CGD CLA L . -20.58 13.86 32.09
O1D CLA L . -20.72 12.66 31.83
O2D CLA L . -19.85 14.20 33.18
CED CLA L . -20.06 13.42 34.36
C1 CLA L . -24.08 19.91 33.25
C2 CLA L . -23.10 20.91 32.77
C3 CLA L . -23.40 21.91 31.92
C4 CLA L . -22.37 22.89 31.47
C5 CLA L . -24.77 22.09 31.37
C6 CLA L . -24.77 22.66 29.97
NB KC1 M . -16.91 21.56 26.34
ND KC1 M . -19.53 19.90 28.66
C1A KC1 M . -17.11 20.35 30.39
C1B KC1 M . -15.75 22.10 26.75
C1C KC1 M . -19.33 21.19 24.73
C1D KC1 M . -20.84 19.74 28.40
C2A KC1 M . -15.99 20.82 31.20
C2B KC1 M . -15.16 22.84 25.71
C2C KC1 M . -20.58 21.22 24.03
C2D KC1 M . -21.47 19.34 29.59
C3A KC1 M . -15.16 21.49 30.34
C3B KC1 M . -15.98 22.74 24.63
C3C KC1 M . -21.52 20.74 24.86
C3D KC1 M . -20.50 19.27 30.58
C4A KC1 M . -15.72 21.46 29.07
C4B KC1 M . -17.08 21.92 25.07
C4C KC1 M . -20.87 20.42 26.11
C4D KC1 M . -19.30 19.63 29.96
CAA KC1 M . -15.75 20.63 32.63
CAB KC1 M . -15.76 23.34 23.30
CAC KC1 M . -22.99 20.60 24.56
CAD KC1 M . -20.23 18.98 31.99
CBA KC1 M . -14.89 19.67 33.02
CBB KC1 M . -16.55 24.31 22.87
CBC KC1 M . -23.29 19.14 24.27
CBD KC1 M . -18.83 19.48 32.18
CED KC1 M . -18.32 19.67 34.89
CGA KC1 M . -14.08 19.87 34.15
CGD KC1 M . -18.91 20.80 32.89
CHA KC1 M . -18.22 19.63 30.81
CHB KC1 M . -15.13 22.04 27.97
CHC KC1 M . -18.11 21.61 24.21
CHD KC1 M . -21.53 19.89 27.21
CMA KC1 M . -13.86 22.16 30.71
CMB KC1 M . -13.86 23.60 25.78
CMC KC1 M . -20.81 21.69 22.61
CMD KC1 M . -22.93 19.04 29.76
NA KC1 M . -16.92 20.76 29.08
NC KC1 M . -19.52 20.70 25.99
O1A KC1 M . -12.94 19.44 34.17
O1D KC1 M . -18.86 21.83 32.28
O2A KC1 M . -14.65 20.26 35.31
O2D KC1 M . -18.91 20.82 34.23
OBD KC1 M . -20.84 18.20 32.69
MG KC1 M . -18.10 20.44 27.44
MG CLA N . -24.96 20.77 9.52
CHA CLA N . -25.17 21.47 6.14
CHB CLA N . -26.62 23.65 10.22
CHC CLA N . -24.89 19.94 12.84
CHD CLA N . -23.30 17.75 8.72
NA CLA N . -25.71 22.32 8.35
C1A CLA N . -25.74 22.41 6.96
C2A CLA N . -26.41 23.70 6.51
C3A CLA N . -26.72 24.43 7.84
C4A CLA N . -26.33 23.40 8.89
CMA CLA N . -25.93 25.70 7.95
CAA CLA N . -27.72 23.42 5.81
NB CLA N . -25.62 21.63 11.20
C1B CLA N . -26.31 22.80 11.29
C2B CLA N . -26.69 23.07 12.70
C3B CLA N . -26.20 22.02 13.44
C4B CLA N . -25.51 21.09 12.50
CMB CLA N . -27.43 24.26 13.13
CAB CLA N . -26.26 21.75 14.85
CBB CLA N . -27.31 21.98 15.63
NC CLA N . -24.18 19.17 10.58
C1C CLA N . -24.24 19.04 11.94
C2C CLA N . -23.59 17.81 12.34
C3C CLA N . -23.17 17.17 11.19
C4C CLA N . -23.54 18.03 10.08
CMC CLA N . -23.45 17.37 13.72
CAC CLA N . -22.46 15.87 11.13
CBC CLA N . -23.39 14.77 10.70
ND CLA N . -24.27 19.82 7.87
C1D CLA N . -23.63 18.57 7.69
C2D CLA N . -23.42 18.37 6.25
C3D CLA N . -23.97 19.45 5.61
C4D CLA N . -24.52 20.32 6.66
CMD CLA N . -22.73 17.21 5.67
CAD CLA N . -24.22 20.11 4.35
OBD CLA N . -23.86 19.80 3.22
CBD CLA N . -25.07 21.39 4.64
CGD CLA N . -24.47 22.62 4.05
O1D CLA N . -24.09 23.64 4.64
O2D CLA N . -24.33 22.60 2.70
CED CLA N . -23.93 23.80 2.04
MG CLA O . 5.99 5.51 10.80
CHA CLA O . 9.00 6.92 9.80
CHB CLA O . 4.31 8.16 9.52
CHC CLA O . 3.05 4.04 11.79
CHD CLA O . 7.79 2.79 12.19
NA CLA O . 6.58 7.25 9.81
C1A CLA O . 7.89 7.66 9.50
C2A CLA O . 7.87 9.01 8.77
C3A CLA O . 6.37 9.39 8.74
C4A CLA O . 5.69 8.19 9.40
CMA CLA O . 6.11 10.66 9.50
CAA CLA O . 8.40 8.86 7.36
CBA CLA O . 7.42 8.12 6.47
CGA CLA O . 7.56 6.64 6.64
O1A CLA O . 6.68 5.79 6.73
O2A CLA O . 8.86 6.22 6.69
NB CLA O . 4.05 6.03 10.73
C1B CLA O . 3.56 7.13 10.10
C2B CLA O . 2.07 7.10 10.11
C3B CLA O . 1.70 5.94 10.74
C4B CLA O . 2.96 5.24 11.14
CMB CLA O . 1.25 8.14 9.50
CAB CLA O . 0.36 5.44 10.97
CBB CLA O . -0.06 4.76 12.04
NC CLA O . 5.51 3.73 11.79
C1C CLA O . 4.24 3.33 12.10
C2C CLA O . 4.28 2.05 12.80
C3C CLA O . 5.63 1.70 12.91
C4C CLA O . 6.39 2.77 12.28
CMC CLA O . 3.12 1.31 13.27
CAC CLA O . 6.19 0.51 13.55
CBC CLA O . 6.46 0.74 15.02
ND CLA O . 7.90 4.88 10.91
C1D CLA O . 8.51 3.77 11.53
C2D CLA O . 9.98 3.85 11.36
C3D CLA O . 10.21 5.03 10.68
C4D CLA O . 8.90 5.65 10.45
CMD CLA O . 10.94 2.86 11.84
CAD CLA O . 11.21 5.90 10.10
OBD CLA O . 12.42 5.74 10.00
CBD CLA O . 10.46 7.17 9.58
CGD CLA O . 10.92 8.41 10.30
O1D CLA O . 11.45 9.42 9.83
O2D CLA O . 10.73 8.37 11.64
CED CLA O . 10.97 9.58 12.36
C1 CLA O . 9.28 5.39 5.59
C2 CLA O . 10.36 4.50 6.09
C3 CLA O . 10.66 3.35 5.48
C4 CLA O . 11.73 2.46 5.97
C5 CLA O . 9.92 2.93 4.26
C6 CLA O . 10.70 1.96 3.38
C7 CLA O . 11.42 2.69 2.28
C8 CLA O . 12.13 1.74 1.33
C9 CLA O . 13.62 2.01 1.31
C10 CLA O . 11.55 1.83 -0.07
C11 CLA O . 12.35 1.00 -1.06
MG CLA P . 0.86 -3.58 8.61
CHA CLA P . 3.24 -1.99 6.65
CHB CLA P . 2.04 -1.97 11.34
CHC CLA P . -1.62 -5.07 10.46
CHD CLA P . -0.30 -5.28 5.73
NA CLA P . 2.40 -2.22 8.92
C1A CLA P . 3.28 -1.67 7.98
C2A CLA P . 4.26 -0.71 8.63
C3A CLA P . 3.94 -0.85 10.14
C4A CLA P . 2.70 -1.73 10.16
CMA CLA P . 5.08 -1.50 10.86
CAA CLA P . 4.00 0.72 8.17
CBA CLA P . 2.58 1.16 8.46
CGA CLA P . 2.45 2.63 8.19
O1A CLA P . 3.17 3.55 8.57
O2A CLA P . 1.37 2.93 7.41
NB CLA P . 0.32 -3.55 10.54
C1B CLA P . 0.90 -2.77 11.50
C2B CLA P . 0.15 -2.92 12.78
C3B CLA P . -0.89 -3.80 12.53
C4B CLA P . -0.78 -4.21 11.10
CMB CLA P . 0.52 -2.22 14.00
CAB CLA P . -1.92 -4.31 13.40
CBB CLA P . -2.63 -3.58 14.27
NC CLA P . -0.66 -4.95 8.17
C1C CLA P . -1.56 -5.42 9.09
C2C CLA P . -2.48 -6.35 8.45
C3C CLA P . -2.11 -6.42 7.12
C4C CLA P . -0.96 -5.52 6.95
CMC CLA P . -3.56 -7.04 9.14
CAC CLA P . -2.74 -7.23 6.06
CBC CLA P . -3.67 -6.42 5.20
ND CLA P . 1.32 -3.69 6.64
C1D CLA P . 0.77 -4.43 5.57
C2D CLA P . 1.50 -4.11 4.33
C3D CLA P . 2.45 -3.16 4.68
C4D CLA P . 2.30 -2.94 6.13
CMD CLA P . 1.21 -4.68 3.02
CAD CLA P . 3.54 -2.33 4.24
OBD CLA P . 4.01 -2.21 3.11
CBD CLA P . 4.08 -1.56 5.47
CGD CLA P . 5.54 -1.84 5.68
O1D CLA P . 6.49 -1.23 5.21
O2D CLA P . 5.78 -2.91 6.49
CED CLA P . 6.78 -3.84 6.07
C1 CLA P . 0.24 3.58 8.04
C2 CLA P . -0.17 4.67 7.13
C3 CLA P . -1.45 4.96 6.79
C4 CLA P . -1.75 6.08 5.86
C5 CLA P . -2.62 4.20 7.30
C6 CLA P . -3.85 5.07 7.43
C7 CLA P . -5.10 4.36 6.94
C8 CLA P . -6.23 5.32 6.56
C9 CLA P . -6.26 6.50 7.50
C10 CLA P . -7.56 4.59 6.50
C11 CLA P . -8.67 5.23 7.32
C12 CLA P . -9.59 6.10 6.50
C13 CLA P . -10.83 5.37 5.97
C14 CLA P . -11.98 6.33 5.80
C15 CLA P . -11.24 4.20 6.86
C16 CLA P . -12.58 3.63 6.43
C A86 Q . -10.89 21.71 23.77
O A86 Q . -21.65 20.54 16.63
C1 A86 Q . -11.44 20.58 24.56
C10 A86 Q . -18.98 21.27 18.78
C11 A86 Q . -19.90 20.52 18.14
C12 A86 Q . -20.18 19.13 18.62
C13 A86 Q . -20.61 21.07 16.99
C14 A86 Q . -20.07 22.28 16.28
C15 A86 Q . -21.14 22.91 15.37
C16 A86 Q . -22.11 23.97 15.85
C17 A86 Q . -22.63 24.88 14.73
C18 A86 Q . -22.68 24.28 13.32
C19 A86 Q . -22.65 22.77 13.31
C2 A86 Q . -12.57 19.97 24.17
C20 A86 Q . -21.42 22.25 14.03
C21 A86 Q . -20.74 21.07 13.34
C22 A86 Q . -23.29 23.33 16.58
C23 A86 Q . -21.37 24.85 16.84
C24 A86 Q . -10.77 20.16 25.80
C25 A86 Q . -9.61 20.69 26.19
C26 A86 Q . -9.06 20.18 27.44
C27 A86 Q . -7.81 20.39 27.87
C28 A86 Q . -6.84 21.20 27.08
C29 A86 Q . -7.44 19.79 29.17
C3 A86 Q . -13.25 20.40 22.94
C30 A86 Q . -6.25 19.71 29.55
C31 A86 Q . -5.07 19.60 29.97
C32 A86 Q . -4.29 18.38 29.53
C33 A86 Q . -3.06 18.13 30.40
C34 A86 Q . -2.39 19.45 30.76
C35 A86 Q . -3.36 20.16 31.68
C36 A86 Q . -4.50 20.69 30.85
C37 A86 Q . -5.60 21.23 31.75
C38 A86 Q . -0.21 20.25 31.35
C39 A86 Q . 1.24 19.95 31.59
C4 A86 Q . -14.48 19.97 22.68
C40 A86 Q . -3.86 18.60 28.09
C41 A86 Q . -5.20 17.17 29.63
C5 A86 Q . -15.16 20.41 21.47
C6 A86 Q . -16.33 19.89 21.10
C7 A86 Q . -16.98 18.82 21.93
C8 A86 Q . -16.99 20.37 19.87
C9 A86 Q . -18.26 20.76 19.94
O1 A86 Q . -20.50 23.33 14.18
O2 A86 Q . -23.88 24.72 12.67
O3 A86 Q . -4.02 21.74 30.02
O4 A86 Q . -1.19 19.18 31.46
O5 A86 Q . -0.59 21.38 31.08
C DD6 R . -10.13 12.87 13.18
C1 DD6 R . -11.24 13.72 12.66
C10 DD6 R . -17.43 6.23 13.67
C11 DD6 R . -18.70 5.79 13.79
C12 DD6 R . -19.83 6.74 13.62
C13 DD6 R . -18.95 4.37 14.07
C14 DD6 R . -19.81 3.95 15.00
C15 DD6 R . -20.01 2.47 15.25
C16 DD6 R . -19.19 1.83 16.38
C17 DD6 R . -19.11 0.31 16.30
C18 DD6 R . -20.33 -0.25 15.59
C19 DD6 R . -20.28 0.12 14.12
C2 DD6 R . -12.48 13.21 12.54
C20 DD6 R . -20.54 1.62 14.11
C21 DD6 R . -20.84 2.32 12.80
C22 DD6 R . -17.79 2.42 16.33
C23 DD6 R . -19.82 2.20 17.72
C24 DD6 R . -10.95 15.12 12.27
C25 DD6 R . -9.69 15.46 11.94
C26 DD6 R . -9.37 16.82 11.54
C27 DD6 R . -8.09 17.22 11.39
C28 DD6 R . -6.98 16.25 11.64
C29 DD6 R . -7.81 18.39 11.04
C3 DD6 R . -12.75 11.82 12.91
C30 DD6 R . -7.53 19.49 10.68
C31 DD6 R . -7.21 20.63 10.26
C32 DD6 R . -6.51 20.76 8.95
C33 DD6 R . -6.16 22.23 8.75
C34 DD6 R . -7.44 23.05 8.84
C35 DD6 R . -7.98 22.98 10.26
C36 DD6 R . -7.49 21.73 10.96
C37 DD6 R . -7.31 21.74 12.45
C4 DD6 R . -13.98 11.32 12.80
C40 DD6 R . -5.24 19.92 8.98
C41 DD6 R . -7.43 20.29 7.84
C5 DD6 R . -14.27 9.94 13.15
C6 DD6 R . -15.54 9.48 13.09
C7 DD6 R . -16.63 10.41 12.68
C8 DD6 R . -15.86 8.07 13.42
C9 DD6 R . -17.12 7.63 13.37
O1 DD6 R . -21.37 2.05 15.19
O2 DD6 R . -20.29 -1.65 15.70
O4 DD6 R . -7.15 24.41 8.50
C1 LMG S . -31.04 -7.87 16.30
O1 LMG S . -32.26 -7.24 16.04
C2 LMG S . -31.37 -9.26 16.85
O2 LMG S . -32.00 -9.03 18.07
C3 LMG S . -29.99 -9.87 17.15
O3 LMG S . -30.24 -11.15 17.64
C4 LMG S . -29.17 -9.95 15.81
O4 LMG S . -29.82 -10.82 14.96
C5 LMG S . -29.17 -8.55 15.15
O5 LMG S . -27.42 -9.43 13.90
C6 LMG S . -28.58 -8.70 13.74
O6 LMG S . -30.46 -8.04 15.03
C7 LMG S . -32.13 -6.09 15.25
C8 LMG S . -31.84 -4.93 16.23
C9 LMG S . -30.42 -4.41 15.97
O7 LMG S . -32.69 -3.85 15.88
C10 LMG S . -33.00 -2.94 16.85
O9 LMG S . -32.56 -3.08 17.98
C11 LMG S . -34.14 -2.06 16.44
C12 LMG S . -33.73 -1.16 15.29
C13 LMG S . -34.75 -0.07 15.02
C14 LMG S . -34.13 0.87 14.01
C15 LMG S . -35.10 1.99 13.72
O8 LMG S . -30.42 -3.94 14.65
C28 LMG S . -29.97 -2.69 14.46
O10 LMG S . -29.95 -1.91 15.41
C29 LMG S . -29.71 -2.33 13.05
C30 LMG S . -30.92 -1.69 12.43
C31 LMG S . -30.45 -0.68 11.41
C32 LMG S . -31.68 0.06 10.92
C33 LMG S . -31.45 1.52 11.17
C1 LMG T . -28.46 29.03 5.88
O1 LMG T . -29.59 28.37 6.38
C2 LMG T . -28.13 28.33 4.57
O2 LMG T . -27.75 27.03 4.93
C3 LMG T . -26.87 29.03 3.98
O3 LMG T . -27.17 29.25 2.63
C4 LMG T . -26.57 30.39 4.69
O4 LMG T . -25.84 31.20 3.85
C5 LMG T . -27.92 31.14 5.05
O5 LMG T . -29.60 32.55 4.22
C6 LMG T . -28.47 31.86 3.80
O6 LMG T . -28.94 30.31 5.57
C7 LMG T . -30.02 28.88 7.62
C8 LMG T . -29.68 27.77 8.64
C9 LMG T . -29.07 28.44 9.87
O7 LMG T . -30.88 27.18 9.07
C10 LMG T . -31.34 26.07 8.45
O9 LMG T . -31.28 26.00 7.23
C11 LMG T . -31.70 24.98 9.40
O8 LMG T . -29.84 28.01 10.97
C28 LMG T . -29.37 28.31 12.19
O10 LMG T . -28.42 29.07 12.30
C29 LMG T . -30.05 27.60 13.30
O1 LHG U . -30.37 8.79 30.48
C1 LHG U . -29.42 9.76 30.08
C2 LHG U . -28.05 9.22 30.37
O2 LHG U . -27.96 8.75 31.70
C3 LHG U . -26.96 10.26 30.26
O3 LHG U . -26.74 10.22 28.87
P LHG U . -25.46 10.95 28.23
O4 LHG U . -25.46 12.35 28.73
O5 LHG U . -24.44 9.89 28.20
O6 LHG U . -26.12 11.10 26.72
C4 LHG U . -25.85 10.16 25.73
C5 LHG U . -26.29 10.86 24.45
C6 LHG U . -25.15 11.61 23.81
O7 LHG U . -26.64 9.83 23.56
C7 LHG U . -27.71 10.15 22.79
O9 LHG U . -28.22 11.24 22.81
C8 LHG U . -27.89 9.12 21.74
C9 LHG U . -29.19 9.38 21.01
C10 LHG U . -29.22 8.54 19.76
O8 LHG U . -24.60 10.68 22.88
C23 LHG U . -23.49 11.06 22.19
O10 LHG U . -22.40 10.67 22.58
C24 LHG U . -23.60 11.63 20.79
C11 LHG U . -30.70 8.41 19.49
C12 LHG U . -30.89 7.77 18.17
C13 LHG U . -32.37 7.59 17.92
C25 LHG U . -24.58 10.92 19.88
O1 LHG V . -29.77 23.07 -2.96
C1 LHG V . -29.55 21.67 -3.08
C2 LHG V . -28.20 21.44 -3.71
O2 LHG V . -27.97 20.06 -3.92
C3 LHG V . -27.05 21.91 -2.85
O3 LHG V . -26.03 21.04 -3.30
P LHG V . -24.70 20.77 -2.44
O4 LHG V . -23.80 21.94 -2.63
O5 LHG V . -24.49 19.31 -2.51
O6 LHG V . -25.41 21.11 -0.97
C4 LHG V . -24.90 20.56 0.21
C5 LHG V . -25.98 19.56 0.64
C6 LHG V . -27.38 20.06 0.34
O7 LHG V . -25.75 18.39 -0.11
C7 LHG V . -25.17 17.39 0.61
O9 LHG V . -24.55 17.61 1.63
C8 LHG V . -25.64 16.08 0.15
C9 LHG V . -25.53 15.10 1.29
C10 LHG V . -25.48 13.70 0.74
O8 LHG V . -27.43 21.34 0.97
C23 LHG V . -28.52 22.13 0.67
O10 LHG V . -28.37 23.12 -0.03
C24 LHG V . -29.90 21.72 1.11
C11 LHG V . -25.38 12.87 1.99
C12 LHG V . -25.27 11.43 1.60
C13 LHG V . -23.88 11.20 1.04
C14 LHG V . -23.35 9.84 1.41
C15 LHG V . -21.86 9.91 1.19
C16 LHG V . -21.20 8.85 2.00
C17 LHG V . -19.69 8.98 1.90
C18 LHG V . -19.43 10.30 2.58
C19 LHG V . -18.02 10.81 2.40
C20 LHG V . -17.22 9.90 3.30
C21 LHG V . -15.82 10.42 3.42
C22 LHG V . -15.01 9.40 4.20
C25 LHG V . -31.04 22.59 0.61
C26 LHG V . -32.03 21.94 -0.36
C27 LHG V . -32.41 20.66 0.33
C28 LHG V . -33.38 20.78 1.48
C29 LHG V . -33.36 19.43 2.18
C30 LHG V . -33.22 19.47 3.68
C31 LHG V . -33.30 18.12 4.38
C32 LHG V . -32.68 18.09 5.76
C33 LHG V . -32.87 16.69 6.29
C34 LHG V . -32.47 16.49 7.74
C35 LHG V . -33.28 15.39 8.40
C36 LHG V . -32.61 15.02 9.70
C37 LHG V . -32.62 16.24 10.57
C38 LHG V . -32.40 15.96 12.04
MG CLA W . -19.73 10.83 -2.06
CHA CLA W . -21.73 13.65 -2.06
CHB CLA W . -17.03 12.75 -1.33
CHC CLA W . -17.84 7.97 -1.85
CHD CLA W . -22.58 8.86 -2.74
NA CLA W . -19.45 12.87 -1.79
C1A CLA W . -20.41 13.89 -1.81
C2A CLA W . -19.78 15.25 -1.54
C3A CLA W . -18.26 14.93 -1.49
C4A CLA W . -18.22 13.41 -1.53
CMA CLA W . -17.55 15.55 -2.66
CAA CLA W . -20.24 15.77 -0.20
CBA CLA W . -20.06 14.72 0.88
CGA CLA W . -20.86 15.05 2.10
O1A CLA W . -20.98 16.13 2.69
O2A CLA W . -21.53 13.96 2.60
NB CLA W . -17.78 10.44 -1.72
C1B CLA W . -16.85 11.35 -1.36
C2B CLA W . -15.59 10.67 -1.00
C3B CLA W . -15.80 9.31 -1.14
C4B CLA W . -17.21 9.15 -1.61
CMB CLA W . -14.39 11.40 -0.58
CAB CLA W . -14.94 8.20 -0.93
CBB CLA W . -13.64 8.14 -1.24
NC CLA W . -20.14 8.80 -2.30
C1C CLA W . -19.20 7.80 -2.18
C2C CLA W . -19.82 6.51 -2.41
C3C CLA W . -21.17 6.76 -2.63
C4C CLA W . -21.36 8.20 -2.56
CMC CLA W . -19.13 5.22 -2.37
CAC CLA W . -22.22 5.76 -2.91
CBC CLA W . -23.04 5.46 -1.67
ND CLA W . -21.70 11.12 -2.38
C1D CLA W . -22.76 10.22 -2.66
C2D CLA W . -24.01 10.99 -2.81
C3D CLA W . -23.68 12.32 -2.59
C4D CLA W . -22.22 12.34 -2.32
CMD CLA W . -25.32 10.41 -3.11
CAD CLA W . -24.15 13.68 -2.51
OBD CLA W . -25.28 14.12 -2.68
CBD CLA W . -22.93 14.58 -2.16
CGD CLA W . -22.71 15.66 -3.18
O1D CLA W . -21.89 16.56 -3.18
O2D CLA W . -23.56 15.58 -4.23
CED CLA W . -24.40 16.70 -4.47
C1 CLA W . -21.66 13.87 4.04
C2 CLA W . -22.70 12.83 4.27
C3 CLA W . -23.16 12.47 5.48
C4 CLA W . -22.67 13.09 6.72
C5 CLA W . -24.21 11.42 5.61
C6 CLA W . -23.75 10.26 6.48
C7 CLA W . -23.45 9.04 5.63
C8 CLA W . -24.71 8.31 5.18
C9 CLA W . -25.66 8.10 6.33
C10 CLA W . -24.36 6.96 4.54
C1A DGD X . -11.94 17.30 -2.00
C2A DGD X . -12.74 16.18 -1.45
C3A DGD X . -12.47 16.03 0.03
C4A DGD X . -11.45 14.95 0.26
C5A DGD X . -11.11 14.87 1.73
C6A DGD X . -11.02 13.44 2.19
C7A DGD X . -12.33 13.17 2.90
C8A DGD X . -12.07 12.79 4.33
C9A DGD X . -12.46 13.97 5.18
CAA DGD X . -12.06 13.69 6.60
CBA DGD X . -11.78 15.03 7.30
CCA DGD X . -12.14 14.84 8.75
CDA DGD X . -13.62 14.52 8.82
O1A DGD X . -10.89 17.76 -1.57
C1B DGD X . -10.84 17.95 -5.18
C2B DGD X . -9.42 18.43 -5.19
C3B DGD X . -8.48 17.35 -5.65
C4B DGD X . -8.07 16.47 -4.48
C5B DGD X . -6.64 16.05 -4.79
C6B DGD X . -5.73 17.25 -4.52
C7B DGD X . -6.02 17.70 -3.10
C8B DGD X . -5.20 16.81 -2.21
C9B DGD X . -6.15 16.27 -1.18
CAB DGD X . -5.62 14.89 -0.89
CBB DGD X . -6.61 14.36 0.07
CCB DGD X . -6.45 12.87 0.08
CDB DGD X . -7.84 12.43 0.37
CEB DGD X . -7.99 11.02 -0.10
CFB DGD X . -9.37 10.64 0.36
CGB DGD X . -9.53 9.18 0.08
CHB DGD X . -10.25 8.55 1.25
CIB DGD X . -9.84 7.10 1.31
O1B DGD X . -11.21 16.82 -4.92
O1G DGD X . -12.75 18.02 -2.80
C1G DGD X . -12.29 19.26 -3.27
C2G DGD X . -12.75 19.37 -4.75
O2G DGD X . -11.71 18.91 -5.61
C3G DGD X . -13.96 18.44 -4.92
O3G DGD X . -13.82 18.09 -6.28
C A86 Y . -38.34 -8.81 -19.40
O A86 Y . -35.40 -7.95 -6.75
C1 A86 Y . -38.74 -7.38 -19.20
C10 A86 Y . -36.84 -8.10 -9.75
C11 A86 Y . -36.82 -7.56 -8.52
C12 A86 Y . -37.27 -6.15 -8.30
C13 A86 Y . -36.35 -8.35 -7.40
C14 A86 Y . -37.02 -9.65 -7.01
C15 A86 Y . -36.69 -10.63 -5.89
C16 A86 Y . -38.05 -10.69 -5.22
C17 A86 Y . -38.03 -11.60 -4.00
C18 A86 Y . -36.94 -12.64 -3.81
C19 A86 Y . -35.79 -11.64 -3.71
C2 A86 Y . -38.68 -6.84 -17.98
C20 A86 Y . -35.58 -10.65 -4.85
C21 A86 Y . -34.40 -9.76 -4.46
C22 A86 Y . -38.21 -11.88 -6.15
C23 A86 Y . -38.74 -11.88 -5.86
C24 A86 Y . -39.19 -6.56 -20.34
C25 A86 Y . -39.26 -7.09 -21.55
C26 A86 Y . -39.71 -6.26 -22.67
C27 A86 Y . -39.79 -6.77 -23.90
C28 A86 Y . -39.40 -8.20 -24.15
C29 A86 Y . -40.24 -5.93 -25.03
C3 A86 Y . -38.23 -7.62 -16.83
C30 A86 Y . -40.38 -6.20 -26.24
C31 A86 Y . -40.65 -6.08 -27.46
C32 A86 Y . -41.14 -7.26 -28.25
C33 A86 Y . -41.91 -6.71 -29.44
C34 A86 Y . -41.05 -5.84 -30.35
C35 A86 Y . -41.41 -4.74 -29.36
C36 A86 Y . -40.49 -4.75 -28.14
C37 A86 Y . -39.00 -4.61 -28.41
C38 A86 Y . -39.45 -6.94 -32.22
C39 A86 Y . -39.00 -6.27 -33.48
C4 A86 Y . -38.20 -7.00 -15.66
C40 A86 Y . -39.96 -8.13 -28.68
C41 A86 Y . -42.01 -8.14 -27.37
C5 A86 Y . -37.77 -7.72 -14.48
C6 A86 Y . -37.75 -7.12 -13.28
C7 A86 Y . -38.15 -5.68 -13.14
C8 A86 Y . -37.30 -7.88 -12.09
C9 A86 Y . -37.29 -7.31 -10.89
O1 A86 Y . -35.37 -11.09 -6.18
O2 A86 Y . -37.11 -13.26 -2.53
O3 A86 Y . -40.90 -3.71 -27.24
O4 A86 Y . -39.87 -6.12 -31.09
O5 A86 Y . -39.47 -8.15 -32.09
C A86 Z . -4.95 0.78 -7.03
O A86 Z . -15.25 -7.26 -6.43
C1 A86 Z . -5.49 1.04 -8.40
C10 A86 Z . -12.44 -5.47 -6.93
C11 A86 Z . -13.39 -6.28 -7.42
C12 A86 Z . -13.79 -6.17 -8.85
C13 A86 Z . -14.04 -7.26 -6.56
C14 A86 Z . -13.21 -8.29 -5.82
C15 A86 Z . -13.63 -9.43 -4.90
C16 A86 Z . -14.74 -10.34 -5.44
C17 A86 Z . -15.12 -11.45 -4.46
C18 A86 Z . -14.13 -11.92 -3.41
C19 A86 Z . -13.73 -10.84 -2.41
C2 A86 Z . -6.63 0.42 -8.79
C20 A86 Z . -13.24 -9.89 -3.50
C21 A86 Z . -13.68 -8.47 -3.14
C22 A86 Z . -13.60 -11.15 -6.04
C23 A86 Z . -13.66 -11.21 -6.09
C24 A86 Z . -4.81 1.94 -9.33
C25 A86 Z . -3.65 2.49 -8.99
C26 A86 Z . -2.97 3.38 -9.95
C27 A86 Z . -1.78 3.89 -9.67
C28 A86 Z . -1.10 3.57 -8.38
C29 A86 Z . -1.11 4.78 -10.63
C3 A86 Z . -7.30 -0.49 -7.88
C30 A86 Z . 0.02 5.33 -10.51
C31 A86 Z . 1.04 6.02 -10.69
C32 A86 Z . 2.26 5.45 -11.35
C33 A86 Z . 3.36 6.38 -11.81
C34 A86 Z . 3.57 7.46 -10.75
C35 A86 Z . 2.50 7.72 -9.69
C36 A86 Z . 1.11 7.45 -10.24
C37 A86 Z . 0.13 7.77 -9.11
C38 A86 Z . 5.31 7.99 -9.69
C39 A86 Z . 5.95 9.35 -9.74
C4 A86 Z . -8.35 -1.10 -8.43
C40 A86 Z . 1.94 4.36 -12.36
C41 A86 Z . 2.81 4.29 -10.54
C5 A86 Z . -9.11 -2.07 -7.64
C6 A86 Z . -10.13 -2.75 -8.16
C7 A86 Z . -10.55 -2.54 -9.58
C8 A86 Z . -10.83 -3.74 -7.32
C9 A86 Z . -11.80 -4.50 -7.81
O1 A86 Z . -12.30 -9.82 -4.56
O2 A86 Z . -14.68 -13.02 -2.69
O3 A86 Z . 0.85 8.32 -11.35
O4 A86 Z . 3.88 7.90 -9.43
O5 A86 Z . 5.94 6.96 -9.86
C DD6 AA . -20.49 -9.38 -11.70
C1 DD6 AA . -21.37 -8.34 -12.31
C10 DD6 AA . -29.17 -14.66 -13.03
C11 DD6 AA . -30.46 -15.04 -12.99
C12 DD6 AA . -31.53 -13.99 -12.98
C13 DD6 AA . -30.84 -16.46 -12.98
C14 DD6 AA . -32.01 -16.81 -12.45
C15 DD6 AA . -32.49 -18.26 -12.39
C16 DD6 AA . -32.09 -19.17 -11.23
C17 DD6 AA . -32.12 -20.62 -11.67
C18 DD6 AA . -33.48 -20.94 -12.28
C19 DD6 AA . -33.52 -20.31 -13.66
C2 DD6 AA . -22.65 -8.64 -12.60
C20 DD6 AA . -33.30 -18.80 -13.56
C21 DD6 AA . -33.45 -17.95 -14.81
C22 DD6 AA . -30.72 -18.83 -10.69
C23 DD6 AA . -33.09 -18.99 -10.11
C24 DD6 AA . -20.86 -7.00 -12.61
C25 DD6 AA . -19.60 -6.65 -12.43
C26 DD6 AA . -19.26 -5.27 -12.78
C27 DD6 AA . -17.98 -4.85 -12.95
C28 DD6 AA . -16.87 -5.82 -12.77
C29 DD6 AA . -17.76 -3.66 -13.27
C3 DD6 AA . -23.27 -9.94 -12.38
C30 DD6 AA . -17.54 -2.54 -13.57
C31 DD6 AA . -17.39 -1.33 -13.90
C32 DD6 AA . -17.02 -1.01 -15.33
C33 DD6 AA . -16.50 0.40 -15.46
C34 DD6 AA . -17.40 1.37 -14.71
C35 DD6 AA . -17.21 1.04 -13.24
C36 DD6 AA . -17.61 -0.39 -12.99
C37 DD6 AA . -18.29 -0.78 -11.72
C4 DD6 AA . -24.51 -10.12 -12.82
C40 DD6 AA . -15.93 -1.97 -15.80
C41 DD6 AA . -18.27 -1.16 -16.22
C5 DD6 AA . -25.21 -11.39 -12.70
C6 DD6 AA . -26.51 -11.49 -13.03
C7 DD6 AA . -27.26 -10.29 -13.51
C8 DD6 AA . -27.23 -12.77 -12.94
C9 DD6 AA . -28.38 -13.43 -13.06
O1 DD6 AA . -33.92 -18.22 -12.43
O2 DD6 AA . -33.63 -22.35 -12.38
O4 DD6 AA . -16.96 2.71 -14.91
C A86 BA . -21.11 -2.61 0.23
O A86 BA . -31.13 -0.72 -7.88
C1 A86 BA . -22.14 -3.43 0.95
C10 A86 BA . -28.98 -0.96 -5.34
C11 A86 BA . -30.24 -0.84 -5.77
C12 A86 BA . -31.38 -1.43 -4.99
C13 A86 BA . -30.51 -0.13 -7.01
C14 A86 BA . -30.08 1.29 -7.23
C15 A86 BA . -30.18 2.24 -8.43
C16 A86 BA . -30.60 3.59 -7.86
C17 A86 BA . -30.74 4.64 -8.95
C18 A86 BA . -30.12 4.46 -10.32
C19 A86 BA . -30.81 3.22 -10.87
C2 A86 BA . -23.39 -3.49 0.51
C20 A86 BA . -30.61 2.09 -9.88
C21 A86 BA . -31.47 0.95 -10.39
C22 A86 BA . -29.08 3.75 -7.84
C23 A86 BA . -29.11 3.90 -7.74
C24 A86 BA . -21.76 -4.20 2.15
C25 A86 BA . -20.53 -4.23 2.64
C26 A86 BA . -20.29 -5.03 3.82
C27 A86 BA . -19.07 -5.14 4.35
C28 A86 BA . -17.90 -4.43 3.74
C29 A86 BA . -18.87 -5.96 5.57
C3 A86 BA . -23.81 -2.76 -0.68
C30 A86 BA . -17.94 -6.29 6.33
C31 A86 BA . -16.94 -6.42 7.09
C32 A86 BA . -16.58 -5.38 8.10
C33 A86 BA . -15.11 -5.09 8.32
C34 A86 BA . -14.34 -6.40 8.34
C35 A86 BA . -14.62 -7.15 7.05
C36 A86 BA . -16.06 -7.63 7.00
C37 A86 BA . -15.73 -8.50 5.81
C38 A86 BA . -11.79 -5.80 9.30
C39 A86 BA . -11.44 -6.93 10.22
C4 A86 BA . -25.09 -2.93 -1.00
C40 A86 BA . -17.44 -4.13 8.04
C41 A86 BA . -17.32 -5.64 9.41
C5 A86 BA . -25.62 -2.27 -2.17
C6 A86 BA . -26.91 -2.38 -2.53
C7 A86 BA . -27.85 -3.23 -1.75
C8 A86 BA . -27.36 -1.68 -3.74
C9 A86 BA . -28.64 -1.67 -4.11
O1 A86 BA . -29.41 1.51 -9.37
O2 A86 BA . -30.49 5.57 -11.14
O3 A86 BA . -16.29 -8.47 8.13
O4 A86 BA . -13.02 -5.86 8.54
O5 A86 BA . -11.09 -4.82 9.19
MG CLA CA . -37.86 -9.33 1.70
CHA CLA CA . -35.37 -9.70 4.07
CHB CLA CA . -40.07 -10.89 3.77
CHC CLA CA . -40.34 -8.79 -0.62
CHD CLA CA . -35.56 -7.65 -0.39
NA CLA CA . -37.70 -10.19 3.60
C1A CLA CA . -36.59 -10.23 4.43
C2A CLA CA . -36.90 -10.94 5.74
C3A CLA CA . -38.36 -11.38 5.56
C4A CLA CA . -38.76 -10.78 4.22
CMA CLA CA . -38.45 -12.88 5.56
CAA CLA CA . -36.79 -9.99 6.92
CBA CLA CA . -37.43 -8.65 6.61
CGA CLA CA . -37.66 -7.89 7.87
O1A CLA CA . -38.38 -8.18 8.83
O2A CLA CA . -36.94 -6.73 7.94
NB CLA CA . -39.82 -9.78 1.59
C1B CLA CA . -40.55 -10.39 2.55
C2B CLA CA . -41.98 -10.44 2.13
C3B CLA CA . -42.06 -9.84 0.89
C4B CLA CA . -40.69 -9.42 0.53
CMB CLA CA . -43.03 -11.03 2.96
CAB CLA CA . -43.19 -9.62 0.04
CBB CLA CA . -44.32 -9.03 0.41
NC CLA CA . -37.91 -8.43 -0.18
C1C CLA CA . -39.04 -8.33 -0.96
C2C CLA CA . -38.71 -7.64 -2.20
C3C CLA CA . -37.38 -7.29 -2.13
C4C CLA CA . -36.88 -7.79 -0.85
CMC CLA CA . -39.67 -7.36 -3.27
CAC CLA CA . -36.59 -6.57 -3.13
CBC CLA CA . -36.53 -5.10 -2.86
ND CLA CA . -35.91 -8.83 1.73
C1D CLA CA . -35.09 -8.12 0.82
C2D CLA CA . -33.73 -8.01 1.37
C3D CLA CA . -33.78 -8.61 2.62
C4D CLA CA . -35.16 -9.08 2.80
CMD CLA CA . -32.61 -7.38 0.71
CAD CLA CA . -33.05 -8.96 3.82
OBD CLA CA . -31.86 -8.81 4.08
CBD CLA CA . -34.05 -9.63 4.79
CGD CLA CA . -33.60 -10.99 5.24
O1D CLA CA . -33.86 -12.06 4.70
O2D CLA CA . -32.84 -11.00 6.36
CED CLA CA . -32.97 -12.14 7.21
C1 CLA CA . -37.43 -5.60 7.17
C2 CLA CA . -36.87 -4.40 7.84
C3 CLA CA . -36.85 -3.17 7.30
C4 CLA CA . -36.27 -2.02 8.03
C5 CLA CA . -37.43 -2.91 5.95
C6 CLA CA . -36.57 -2.00 5.12
C7 CLA CA . -37.24 -0.66 4.88
C8 CLA CA . -36.47 0.21 3.90
C9 CLA CA . -35.04 0.40 4.39
C10 CLA CA . -37.15 1.57 3.74
MG CLA DA . -29.80 -17.96 -7.37
CHA CLA DA . -31.27 -20.40 -5.40
CHB CLA DA . -27.19 -20.03 -8.00
CHC CLA DA . -28.45 -15.54 -9.40
CHD CLA DA . -32.61 -15.88 -6.79
NA CLA DA . -29.32 -19.89 -6.77
C1A CLA DA . -30.07 -20.76 -5.96
C2A CLA DA . -29.36 -22.09 -5.78
C3A CLA DA . -28.02 -21.89 -6.51
C4A CLA DA . -28.17 -20.52 -7.15
CMA CLA DA . -26.85 -21.93 -5.56
CAA CLA DA . -30.15 -23.19 -6.46
CBA CLA DA . -30.65 -22.77 -7.83
CGA CLA DA . -29.67 -23.12 -8.90
O1A CLA DA . -29.25 -24.24 -9.21
O2A CLA DA . -29.23 -22.04 -9.61
NB CLA DA . -28.13 -17.81 -8.46
C1B CLA DA . -27.20 -18.79 -8.63
C2B CLA DA . -26.16 -18.33 -9.60
C3B CLA DA . -26.52 -17.06 -10.00
C4B CLA DA . -27.76 -16.70 -9.27
CMB CLA DA . -25.04 -19.17 -9.98
CAB CLA DA . -25.88 -16.15 -10.91
CBB CLA DA . -24.58 -16.02 -11.13
NC CLA DA . -30.42 -16.05 -7.95
C1C CLA DA . -29.70 -15.23 -8.77
C2C CLA DA . -30.41 -13.97 -8.96
C3C CLA DA . -31.60 -14.08 -8.25
C4C CLA DA . -31.60 -15.39 -7.62
CMC CLA DA . -29.92 -12.86 -9.76
CAC CLA DA . -32.65 -13.06 -8.13
CBC CLA DA . -33.83 -13.38 -9.02
ND CLA DA . -31.53 -18.03 -6.32
C1D CLA DA . -32.61 -17.12 -6.19
C2D CLA DA . -33.62 -17.70 -5.29
C3D CLA DA . -33.14 -18.94 -4.92
C4D CLA DA . -31.85 -19.11 -5.63
CMD CLA DA . -34.85 -17.04 -4.87
CAD CLA DA . -33.37 -20.14 -4.14
OBD CLA DA . -34.23 -20.37 -3.32
CBD CLA DA . -32.22 -21.13 -4.48
CGD CLA DA . -31.53 -21.59 -3.24
O1D CLA DA . -31.09 -20.92 -2.31
O2D CLA DA . -31.39 -22.95 -3.15
CED CLA DA . -31.48 -23.53 -1.85
C1 CLA DA . -28.33 -22.29 -10.71
C2 CLA DA . -28.21 -21.02 -11.47
C3 CLA DA . -27.50 -20.89 -12.60
C4 CLA DA . -26.76 -22.02 -13.20
C5 CLA DA . -27.43 -19.59 -13.32
C6 CLA DA . -28.20 -19.55 -14.63
C7 CLA DA . -28.20 -18.16 -15.21
C8 CLA DA . -29.27 -17.97 -16.28
C9 CLA DA . -29.02 -18.90 -17.44
C10 CLA DA . -29.32 -16.52 -16.77
C11 CLA DA . -30.74 -16.02 -16.95
C12 CLA DA . -30.81 -14.51 -17.02
C13 CLA DA . -32.25 -14.00 -16.94
C14 CLA DA . -32.92 -14.08 -18.30
C15 CLA DA . -32.32 -12.57 -16.40
C16 CLA DA . -33.75 -12.12 -16.19
C17 CLA DA . -34.25 -12.44 -14.79
C18 CLA DA . -35.54 -11.71 -14.44
C19 CLA DA . -36.66 -12.16 -15.34
C20 CLA DA . -35.90 -11.96 -13.00
NB KC2 EA . -22.29 -14.28 -15.06
ND KC2 EA . -18.81 -15.78 -14.13
C1A KC2 EA . -20.73 -18.10 -14.24
C1B KC2 EA . -23.40 -15.00 -15.32
C1C KC2 EA . -20.30 -12.02 -15.18
C1D KC2 EA . -17.59 -15.19 -14.17
C2A KC2 EA . -21.68 -19.19 -14.48
C2B KC2 EA . -24.42 -14.19 -15.87
C2C KC2 EA . -19.33 -11.02 -15.40
C2D KC2 EA . -16.60 -16.17 -14.02
C3A KC2 EA . -22.84 -18.59 -14.84
C3B KC2 EA . -23.90 -12.94 -15.95
C3C KC2 EA . -18.11 -11.55 -15.11
C3D KC2 EA . -17.24 -17.39 -13.90
C4A KC2 EA . -22.64 -17.21 -14.81
C4B KC2 EA . -22.56 -13.02 -15.43
C4C KC2 EA . -18.40 -12.92 -14.70
C4D KC2 EA . -18.62 -17.11 -13.97
CAA KC2 EA . -21.45 -20.63 -14.38
CAB KC2 EA . -24.59 -11.75 -16.46
CAC KC2 EA . -16.79 -10.91 -15.18
CAD KC2 EA . -17.07 -18.83 -13.71
CBA KC2 EA . -21.39 -21.19 -13.15
CBB KC2 EA . -24.19 -11.17 -17.59
CBC KC2 EA . -16.50 -9.92 -14.35
CBD KC2 EA . -18.46 -19.38 -13.96
CED KC2 EA . -17.68 -21.59 -16.88
CGA KC2 EA . -21.83 -22.52 -12.97
CGD KC2 EA . -18.48 -19.96 -15.35
CHA KC2 EA . -19.39 -18.23 -13.85
CHB KC2 EA . -23.66 -16.33 -15.13
CHC KC2 EA . -21.75 -11.81 -15.39
CHD KC2 EA . -17.25 -13.78 -14.33
CMA KC2 EA . -24.13 -19.29 -15.18
CMB KC2 EA . -25.79 -14.63 -16.29
CMC KC2 EA . -19.60 -9.62 -15.86
CMD KC2 EA . -15.12 -15.94 -14.01
NA KC2 EA . -21.36 -16.88 -14.45
NC KC2 EA . -19.72 -13.18 -14.76
O1A KC2 EA . -22.38 -23.09 -13.89
O1D KC2 EA . -18.57 -19.21 -16.28
O2A KC2 EA . -21.39 -23.22 -11.91
O2D KC2 EA . -18.06 -21.22 -15.54
OBD KC2 EA . -16.09 -19.42 -13.35
MG KC2 EA . -20.61 -14.98 -14.28
MG CLA FA . -14.02 2.78 -9.08
CHA CLA FA . -12.32 5.45 -10.49
CHB CLA FA . -13.25 0.86 -11.78
CHC CLA FA . -15.55 0.12 -7.55
CHD CLA FA . -14.78 4.82 -6.28
NA CLA FA . -12.97 3.13 -10.84
C1A CLA FA . -12.32 4.31 -11.24
C2A CLA FA . -11.67 4.14 -12.60
C3A CLA FA . -12.02 2.68 -13.00
C4A CLA FA . -12.80 2.17 -11.80
CMA CLA FA . -12.83 2.63 -14.26
CAA CLA FA . -10.16 4.28 -12.49
CBA CLA FA . -9.55 3.11 -11.76
CGA CLA FA . -9.46 3.39 -10.30
O1A CLA FA . -8.76 4.20 -9.71
O2A CLA FA . -10.31 2.61 -9.56
NB CLA FA . -14.32 0.86 -9.56
C1B CLA FA . -13.97 0.27 -10.73
C2B CLA FA . -14.47 -1.14 -10.75
C3B CLA FA . -15.11 -1.35 -9.56
C4B CLA FA . -15.03 -0.08 -8.78
CMB CLA FA . -14.24 -2.02 -11.88
CAB CLA FA . -15.79 -2.50 -9.04
CBB CLA FA . -16.60 -3.31 -9.73
NC CLA FA . -15.00 2.53 -7.25
C1C CLA FA . -15.53 1.34 -6.82
C2C CLA FA . -16.09 1.51 -5.50
C3C CLA FA . -15.91 2.85 -5.15
C4C CLA FA . -15.21 3.48 -6.26
CMC CLA FA . -16.74 0.46 -4.72
CAC CLA FA . -16.30 3.50 -3.89
CBC CLA FA . -15.13 3.62 -2.94
ND CLA FA . -13.74 4.70 -8.49
C1D CLA FA . -14.09 5.40 -7.32
C2D CLA FA . -13.58 6.79 -7.41
C3D CLA FA . -12.89 6.86 -8.60
C4D CLA FA . -13.00 5.53 -9.23
CMD CLA FA . -13.79 7.81 -6.40
CAD CLA FA . -12.11 7.69 -9.49
OBD CLA FA . -11.80 8.87 -9.37
CBD CLA FA . -11.70 6.81 -10.70
CGD CLA FA . -12.11 7.43 -12.00
O1D CLA FA . -11.42 8.08 -12.77
O2D CLA FA . -13.42 7.24 -12.31
CED CLA FA . -13.76 7.20 -13.70
C1 CLA FA . -10.17 2.67 -8.13
C2 CLA FA . -10.98 1.55 -7.58
C3 CLA FA . -11.30 1.42 -6.30
C4 CLA FA . -10.87 2.40 -5.27
C5 CLA FA . -12.12 0.27 -5.82
C6 CLA FA . -11.51 -0.43 -4.62
C7 CLA FA . -12.41 -1.54 -4.13
C8 CLA FA . -11.65 -2.57 -3.32
C9 CLA FA . -12.38 -3.89 -3.30
C10 CLA FA . -11.44 -2.08 -1.89
C11 CLA FA . -10.63 -3.08 -1.10
C12 CLA FA . -10.43 -2.64 0.34
C13 CLA FA . -9.71 -1.32 0.43
C14 CLA FA . -8.30 -1.41 -0.11
C15 CLA FA . -9.67 -0.79 1.87
C16 CLA FA . -9.83 -1.90 2.89
C17 CLA FA . -10.83 -1.51 3.94
C18 CLA FA . -10.95 -2.55 5.05
C19 CLA FA . -12.17 -2.29 5.91
C20 CLA FA . -11.03 -3.95 4.45
MG CLA GA . 1.73 0.63 -12.58
CHA CLA GA . 0.53 2.20 -15.43
CHB CLA GA . 4.90 0.89 -13.78
CHC CLA GA . 2.89 -0.81 -9.69
CHD CLA GA . -1.58 0.42 -11.35
NA CLA GA . 2.55 1.40 -14.34
C1A CLA GA . 1.88 2.01 -15.41
C2A CLA GA . 2.87 2.43 -16.50
C3A CLA GA . 4.22 1.90 -15.99
C4A CLA GA . 3.89 1.36 -14.61
CMA CLA GA . 4.79 0.83 -16.88
CAA CLA GA . 2.92 3.93 -16.64
CBA CLA GA . 2.69 4.36 -18.09
CGA CLA GA . 3.73 3.74 -18.97
O1A CLA GA . 4.93 3.57 -18.73
O2A CLA GA . 3.24 3.33 -20.17
NB CLA GA . 3.55 0.10 -11.89
C1B CLA GA . 4.73 0.35 -12.50
C2B CLA GA . 5.85 -0.02 -11.60
C3B CLA GA . 5.29 -0.51 -10.44
C4B CLA GA . 3.81 -0.44 -10.61
CMB CLA GA . 7.25 0.14 -11.99
CAB CLA GA . 5.90 -0.99 -9.22
CBB CLA GA . 6.96 -0.48 -8.62
NC CLA GA . 0.81 -0.09 -10.85
C1C CLA GA . 1.48 -0.65 -9.80
C2C CLA GA . 0.53 -1.06 -8.78
C3C CLA GA . -0.73 -0.69 -9.23
C4C CLA GA . -0.54 -0.08 -10.54
CMC CLA GA . 0.89 -1.72 -7.52
CAC CLA GA . -2.01 -0.90 -8.55
CBC CLA GA . -2.65 -2.22 -8.93
ND CLA GA . -0.12 1.15 -13.18
C1D CLA GA . -1.39 1.00 -12.59
C2D CLA GA . -2.42 1.57 -13.50
C3D CLA GA . -1.73 2.04 -14.59
C4D CLA GA . -0.31 1.76 -14.36
CMD CLA GA . -3.84 1.61 -13.20
CAD CLA GA . -1.83 2.69 -15.88
OBD CLA GA . -2.82 3.11 -16.47
CBD CLA GA . -0.39 2.80 -16.45
CGD CLA GA . -0.30 2.10 -17.78
O1D CLA GA . -0.21 0.89 -17.98
O2D CLA GA . -0.34 2.93 -18.85
CED CLA GA . -0.32 2.32 -20.15
C1 CLA GA . 3.90 2.20 -20.80
C2 CLA GA . 3.03 1.01 -20.59
C3 CLA GA . 3.25 -0.17 -21.17
C4 CLA GA . 4.38 -0.39 -22.10
C5 CLA GA . 2.35 -1.33 -20.93
C6 CLA GA . 2.70 -2.08 -19.65
C7 CLA GA . 1.92 -3.38 -19.56
C8 CLA GA . 1.96 -3.98 -18.16
C9 CLA GA . 3.25 -3.66 -17.45
C10 CLA GA . 1.78 -5.50 -18.22
C11 CLA GA . 1.21 -6.05 -16.93
C12 CLA GA . 1.08 -7.56 -16.98
C13 CLA GA . 0.59 -8.15 -15.67
C14 CLA GA . 1.30 -7.51 -14.49
C15 CLA GA . 0.78 -9.65 -15.63
C16 CLA GA . -0.03 -10.33 -16.71
C17 CLA GA . -1.53 -10.23 -16.46
C18 CLA GA . -1.97 -11.06 -15.27
C19 CLA GA . -3.46 -10.96 -15.08
C20 CLA GA . -1.56 -12.49 -15.45
MG CLA HA . -12.01 -15.07 -10.49
CHA CLA HA . -14.22 -17.68 -9.95
CHB CLA HA . -9.41 -17.24 -10.28
CHC CLA HA . -9.89 -12.51 -11.34
CHD CLA HA . -14.74 -12.85 -10.68
NA CLA HA . -11.86 -17.12 -10.12
C1A CLA HA . -12.89 -18.04 -9.94
C2A CLA HA . -12.34 -19.44 -9.68
C3A CLA HA . -10.82 -19.21 -9.60
C4A CLA HA . -10.67 -17.76 -10.03
CMA CLA HA . -10.29 -19.45 -8.21
CAA CLA HA . -12.68 -20.40 -10.80
CBA CLA HA . -12.67 -19.74 -12.15
CGA CLA HA . -13.33 -20.64 -13.14
O1A CLA HA . -14.10 -21.57 -12.93
O2A CLA HA . -13.02 -20.34 -14.43
NB CLA HA . -10.01 -14.89 -10.70
C1B CLA HA . -9.13 -15.92 -10.69
C2B CLA HA . -7.81 -15.46 -11.18
C3B CLA HA . -7.94 -14.12 -11.49
C4B CLA HA . -9.35 -13.74 -11.18
CMB CLA HA . -6.67 -16.36 -11.27
CAB CLA HA . -7.01 -13.14 -12.00
CBB CLA HA . -5.76 -13.34 -12.38
NC CLA HA . -12.27 -13.04 -10.87
C1C CLA HA . -11.26 -12.17 -11.18
C2C CLA HA . -11.79 -10.83 -11.38
C3C CLA HA . -13.18 -10.94 -11.23
C4C CLA HA . -13.46 -12.31 -10.90
CMC CLA HA . -11.00 -9.65 -11.73
CAC CLA HA . -14.15 -9.84 -11.35
CBC CLA HA . -14.68 -9.41 -10.00
ND CLA HA . -14.01 -15.16 -10.29
C1D CLA HA . -15.02 -14.17 -10.41
C2D CLA HA . -16.34 -14.81 -10.21
C3D CLA HA . -16.09 -16.16 -10.07
C4D CLA HA . -14.63 -16.33 -10.12
CMD CLA HA . -17.61 -14.11 -10.24
CAD CLA HA . -16.66 -17.47 -9.85
OBD CLA HA . -17.84 -17.80 -9.71
CBD CLA HA . -15.49 -18.49 -9.80
CGD CLA HA . -15.52 -19.31 -8.55
O1D CLA HA . -14.68 -19.34 -7.65
O2D CLA HA . -16.62 -20.10 -8.45
CED CLA HA . -16.89 -21.02 -9.51
C1 CLA HA . -13.25 -18.98 -14.84
MG CLA IA . -19.90 -9.95 3.76
CHA CLA IA . -18.15 -12.11 5.82
CHB CLA IA . -22.58 -10.15 5.85
CHC CLA IA . -21.51 -7.62 1.84
CHD CLA IA . -17.06 -9.71 1.67
NA CLA IA . -20.29 -10.99 5.52
C1A CLA IA . -19.42 -11.82 6.24
C2A CLA IA . -20.10 -12.37 7.49
C3A CLA IA . -21.55 -11.89 7.35
C4A CLA IA . -21.49 -10.92 6.17
CMA CLA IA . -22.47 -13.04 7.06
CAA CLA IA . -19.48 -11.73 8.73
CBA CLA IA . -19.26 -10.24 8.58
CGA CLA IA . -20.38 -9.46 9.18
O1A CLA IA . -20.84 -9.52 10.32
O2A CLA IA . -20.95 -8.55 8.32
NB CLA IA . -21.71 -9.08 3.82
C1B CLA IA . -22.64 -9.24 4.78
C2B CLA IA . -23.79 -8.33 4.54
C3B CLA IA . -23.50 -7.61 3.42
C4B CLA IA . -22.17 -8.08 2.93
CMB CLA IA . -24.95 -8.31 5.44
CAB CLA IA . -24.23 -6.58 2.72
CBB CLA IA . -25.53 -6.33 2.82
NC CLA IA . -19.38 -8.91 2.04
C1C CLA IA . -20.19 -8.00 1.42
C2C CLA IA . -19.53 -7.45 0.25
C3C CLA IA . -18.26 -8.02 0.21
C4C CLA IA . -18.18 -8.94 1.35
CMC CLA IA . -20.10 -6.47 -0.66
CAC CLA IA . -17.22 -7.76 -0.78
CBC CLA IA . -16.36 -6.58 -0.39
ND CLA IA . -18.05 -10.76 3.66
C1D CLA IA . -16.97 -10.57 2.76
C2D CLA IA . -15.85 -11.41 3.17
C3D CLA IA . -16.25 -12.05 4.33
C4D CLA IA . -17.62 -11.58 4.61
CMD CLA IA . -14.58 -11.53 2.46
CAD CLA IA . -15.91 -13.00 5.37
OBD CLA IA . -14.91 -13.69 5.48
CBD CLA IA . -17.08 -13.00 6.39
CGD CLA IA . -17.58 -14.39 6.64
O1D CLA IA . -17.66 -15.32 5.84
O2D CLA IA . -17.98 -14.62 7.92
CED CLA IA . -17.84 -15.94 8.44
C1 CLA IA . -21.09 -7.19 8.80
C2 CLA IA . -22.38 -6.67 8.26
C3 CLA IA . -22.61 -5.41 7.89
C4 CLA IA . -23.93 -4.98 7.36
C5 CLA IA . -21.59 -4.34 7.99
C6 CLA IA . -21.78 -3.27 6.91
C7 CLA IA . -21.08 -1.98 7.30
C8 CLA IA . -20.38 -1.35 6.10
C9 CLA IA . -18.93 -1.09 6.41
C10 CLA IA . -21.07 -0.06 5.68
C11 CLA IA . -20.52 0.46 4.37
C12 CLA IA . -20.76 1.95 4.24
C13 CLA IA . -21.28 2.32 2.86
C14 CLA IA . -20.24 3.11 2.09
C15 CLA IA . -22.57 3.12 2.95
MG CLA JA . -30.21 -3.31 3.56
CHA CLA JA . -31.26 -5.33 6.17
CHB CLA JA . -27.18 -2.96 5.05
CHC CLA JA . -29.25 -1.29 0.96
CHD CLA JA . -33.43 -3.60 2.11
NA CLA JA . -29.38 -4.07 5.31
C1A CLA JA . -29.97 -4.90 6.28
C2A CLA JA . -28.98 -5.21 7.40
C3A CLA JA . -27.71 -4.43 6.99
C4A CLA JA . -28.10 -3.78 5.68
CMA CLA JA . -27.34 -3.37 7.98
CAA CLA JA . -28.68 -6.69 7.54
CBA CLA JA . -28.45 -7.02 9.00
CGA CLA JA . -27.06 -6.62 9.40
O1A CLA JA . -26.00 -6.89 8.84
O2A CLA JA . -27.02 -5.86 10.54
NB CLA JA . -28.52 -2.37 3.07
C1B CLA JA . -27.40 -2.30 3.83
C2B CLA JA . -26.39 -1.44 3.17
C3B CLA JA . -26.97 -0.97 2.02
C4B CLA JA . -28.34 -1.53 1.95
CMB CLA JA . -25.08 -1.17 3.77
CAB CLA JA . -26.49 -0.06 1.00
CBB CLA JA . -25.68 0.98 1.18
NC CLA JA . -31.17 -2.58 1.85
C1C CLA JA . -30.58 -1.77 0.92
C2C CLA JA . -31.54 -1.50 -0.15
C3C CLA JA . -32.73 -2.14 0.18
C4C CLA JA . -32.49 -2.82 1.44
CMC CLA JA . -31.27 -0.70 -1.33
CAC CLA JA . -33.97 -2.16 -0.61
CBC CLA JA . -34.83 -0.94 -0.42
ND CLA JA . -31.98 -4.17 4.00
C1D CLA JA . -33.21 -4.21 3.31
C2D CLA JA . -34.17 -5.04 4.05
C3D CLA JA . -33.47 -5.51 5.15
C4D CLA JA . -32.11 -4.94 5.07
CMD CLA JA . -35.56 -5.28 3.64
CAD CLA JA . -33.51 -6.31 6.34
OBD CLA JA . -34.43 -6.96 6.79
CBD CLA JA . -32.11 -6.23 7.02
CGD CLA JA . -32.22 -5.74 8.45
O1D CLA JA . -32.41 -6.42 9.46
O2D CLA JA . -32.09 -4.40 8.61
CED CLA JA . -32.40 -3.86 9.90
C1 CLA JA . -25.82 -5.12 10.83
C2 CLA JA . -26.19 -4.16 11.89
C3 CLA JA . -25.74 -2.89 11.94
C4 CLA JA . -26.14 -1.96 13.01
C5 CLA JA . -24.81 -2.35 10.91
C6 CLA JA . -25.01 -0.87 10.65
MG CLA KA . -35.66 -1.63 -15.76
CHA CLA KA . -37.40 0.49 -17.86
CHB CLA KA . -35.94 0.64 -13.23
CHC CLA KA . -34.26 -3.92 -13.63
CHD CLA KA . -35.45 -3.97 -18.41
NA CLA KA . -36.46 0.29 -15.62
C1A CLA KA . -37.18 0.99 -16.60
C2A CLA KA . -37.63 2.35 -16.10
C3A CLA KA . -36.97 2.44 -14.70
C4A CLA KA . -36.41 1.04 -14.47
CMA CLA KA . -35.90 3.50 -14.70
CAA CLA KA . -39.14 2.40 -15.94
NB CLA KA . -35.17 -1.63 -13.80
C1B CLA KA . -35.42 -0.64 -12.92
C2B CLA KA . -35.04 -1.07 -11.55
C3B CLA KA . -34.58 -2.37 -11.66
C4B CLA KA . -34.65 -2.74 -13.10
CMB CLA KA . -35.19 -0.22 -10.38
CAB CLA KA . -34.07 -3.27 -10.67
CBB CLA KA . -33.25 -2.93 -9.67
NC CLA KA . -34.91 -3.55 -16.01
C1C CLA KA . -34.34 -4.29 -15.00
C2C CLA KA . -33.90 -5.56 -15.54
C3C CLA KA . -34.27 -5.60 -16.87
C4C CLA KA . -34.91 -4.33 -17.16
CMC CLA KA . -33.20 -6.59 -14.77
CAC CLA KA . -34.01 -6.68 -17.83
CBC CLA KA . -34.91 -7.88 -17.67
ND CLA KA . -36.13 -1.72 -17.72
C1D CLA KA . -36.04 -2.76 -18.68
C2D CLA KA . -36.67 -2.31 -19.95
C3D CLA KA . -37.22 -1.08 -19.68
C4D CLA KA . -36.87 -0.76 -18.28
CMD CLA KA . -36.73 -3.09 -21.18
CAD CLA KA . -37.96 0.04 -20.21
OBD CLA KA . -38.38 0.24 -21.34
CBD CLA KA . -38.16 1.04 -19.04
CGD CLA KA . -37.71 2.42 -19.46
O1D CLA KA . -36.71 2.72 -20.11
O2D CLA KA . -38.52 3.41 -19.04
CED CLA KA . -39.03 4.27 -20.06
MG CLA LA . -8.18 -6.18 1.28
CHA CLA LA . -10.23 -7.70 3.62
CHB CLA LA . -10.03 -7.54 -1.22
CHC CLA LA . -6.32 -4.40 -0.99
CHD CLA LA . -6.34 -4.72 3.92
NA CLA LA . -9.82 -7.45 1.24
C1A CLA LA . -10.54 -7.96 2.32
C2A CLA LA . -11.69 -8.84 1.83
C3A CLA LA . -11.46 -8.94 0.31
C4A CLA LA . -10.36 -7.90 0.07
CMA CLA LA . -11.00 -10.31 -0.09
CAA CLA LA . -13.00 -8.14 2.12
CBA CLA LA . -12.93 -6.65 1.88
CGA CLA LA . -13.87 -5.93 2.80
O1A CLA LA . -14.73 -6.41 3.52
O2A CLA LA . -13.72 -4.57 2.78
NB CLA LA . -8.16 -6.03 -0.72
C1B CLA LA . -9.04 -6.61 -1.57
C2B CLA LA . -8.81 -6.14 -2.95
C3B CLA LA . -7.76 -5.25 -2.89
C4B CLA LA . -7.33 -5.18 -1.47
CMB CLA LA . -9.61 -6.61 -4.08
CAB CLA LA . -7.11 -4.48 -3.92
CBB CLA LA . -7.64 -4.08 -5.07
NC CLA LA . -6.57 -4.86 1.45
C1C CLA LA . -5.95 -4.26 0.38
C2C CLA LA . -4.88 -3.39 0.85
C3C CLA LA . -4.90 -3.46 2.25
C4C CLA LA . -5.97 -4.37 2.61
CMC CLA LA . -4.00 -2.61 -0.01
CAC CLA LA . -4.01 -2.75 3.18
CBC CLA LA . -2.68 -3.43 3.32
ND CLA LA . -8.15 -6.24 3.30
C1D CLA LA . -7.35 -5.58 4.27
C2D CLA LA . -7.81 -5.97 5.62
C3D CLA LA . -8.91 -6.79 5.42
C4D CLA LA . -9.09 -6.91 3.97
CMD CLA LA . -7.20 -5.51 6.86
CAD CLA LA . -9.93 -7.60 6.05
OBD CLA LA . -10.11 -7.84 7.24
CBD CLA LA . -10.85 -8.15 4.92
CGD CLA LA . -10.99 -9.64 4.98
O1D CLA LA . -10.61 -10.47 4.15
O2D CLA LA . -11.61 -10.11 6.09
CED CLA LA . -12.03 -11.46 6.08
C1 CLA LA . -14.00 -3.88 1.55
C2 CLA LA . -14.97 -2.80 1.87
C3 CLA LA . -15.29 -1.82 1.01
C4 CLA LA . -14.68 -1.72 -0.34
C5 CLA LA . -16.26 -0.77 1.38
C6 CLA LA . -15.93 0.59 0.79
C7 CLA LA . -16.74 1.68 1.47
C8 CLA LA . -16.23 3.09 1.16
C9 CLA LA . -14.73 3.10 0.97
C10 CLA LA . -16.63 4.06 2.26
C11 CLA LA . -16.16 5.47 1.96
MG CLA MA . -30.90 -3.36 -25.62
CHA CLA MA . -30.26 -1.75 -28.61
CHB CLA MA . -34.18 -3.67 -26.48
CHC CLA MA . -31.45 -5.07 -22.69
CHD CLA MA . -27.49 -3.01 -24.75
NA CLA MA . -32.02 -2.78 -27.28
C1A CLA MA . -31.57 -2.12 -28.43
C2A CLA MA . -32.71 -1.88 -29.40
C3A CLA MA . -33.95 -2.41 -28.65
C4A CLA MA . -33.35 -3.00 -27.37
CMA CLA MA . -34.94 -1.32 -28.35
CAA CLA MA . -32.51 -2.65 -30.69
CBA CLA MA . -32.87 -4.12 -30.52
CGA CLA MA . -32.35 -4.90 -31.68
O1A CLA MA . -32.32 -4.58 -32.88
O2A CLA MA . -31.85 -6.12 -31.33
NB CLA MA . -32.51 -4.20 -24.75
C1B CLA MA . -33.76 -4.25 -25.27
C2B CLA MA . -34.65 -5.01 -24.37
C3B CLA MA . -33.89 -5.41 -23.30
C4B CLA MA . -32.52 -4.90 -23.52
CMB CLA MA . -36.07 -5.22 -24.65
CAB CLA MA . -34.25 -6.17 -22.13
CBB CLA MA . -35.02 -7.25 -22.12
NC CLA MA . -29.69 -3.90 -24.01
C1C CLA MA . -30.13 -4.59 -22.91
C2C CLA MA . -29.03 -4.80 -21.99
C3C CLA MA . -27.90 -4.23 -22.57
C4C CLA MA . -28.33 -3.67 -23.84
CMC CLA MA . -29.12 -5.50 -20.71
CAC CLA MA . -26.54 -4.19 -22.02
CBC CLA MA . -25.65 -5.24 -22.64
ND CLA MA . -29.24 -2.53 -26.41
C1D CLA MA . -27.89 -2.47 -25.96
C2D CLA MA . -27.07 -1.78 -26.97
C3D CLA MA . -27.94 -1.49 -28.02
C4D CLA MA . -29.26 -1.98 -27.62
CMD CLA MA . -25.65 -1.52 -26.85
CAD CLA MA . -28.07 -0.87 -29.33
OBD CLA MA . -27.24 -0.30 -30.01
CBD CLA MA . -29.56 -1.05 -29.75
CGD CLA MA . -30.18 0.26 -30.10
O1D CLA MA . -30.08 0.90 -31.15
O2D CLA MA . -30.95 0.79 -29.10
CED CLA MA . -31.35 2.15 -29.23
C1 CLA MA . -31.66 -7.08 -32.40
C2 CLA MA . -31.13 -8.31 -31.79
MG CLA NA . -35.26 7.91 -6.09
CHA CLA NA . -36.66 6.89 -9.07
CHB CLA NA . -36.44 11.06 -6.62
CHC CLA NA . -33.93 8.87 -3.07
CHD CLA NA . -34.05 4.63 -5.58
NA CLA NA . -36.36 8.80 -7.62
C1A CLA NA . -36.86 8.21 -8.79
C2A CLA NA . -37.62 9.23 -9.65
C3A CLA NA . -37.44 10.55 -8.87
C4A CLA NA . -36.70 10.13 -7.61
CMA CLA NA . -36.65 11.56 -9.67
CAA CLA NA . -39.09 8.89 -9.75
CBA CLA NA . -39.64 8.40 -8.44
CGA CLA NA . -41.13 8.43 -8.46
O1A CLA NA . -41.89 8.43 -9.43
O2A CLA NA . -41.68 8.44 -7.20
NB CLA NA . -35.16 9.65 -5.06
C1B CLA NA . -35.77 10.80 -5.42
C2B CLA NA . -35.62 11.80 -4.32
C3B CLA NA . -34.91 11.19 -3.31
C4B CLA NA . -34.62 9.81 -3.78
CMB CLA NA . -36.18 13.15 -4.41
CAB CLA NA . -34.49 11.67 -2.04
CBB CLA NA . -33.99 12.88 -1.81
NC CLA NA . -34.18 6.92 -4.61
C1C CLA NA . -33.73 7.50 -3.46
C2C CLA NA . -33.00 6.53 -2.65
C3C CLA NA . -33.03 5.34 -3.36
C4C CLA NA . -33.78 5.58 -4.58
CMC CLA NA . -32.39 6.80 -1.37
CAC CLA NA . -32.43 4.06 -2.94
CBC CLA NA . -33.46 3.11 -2.37
ND CLA NA . -35.32 6.14 -7.04
C1D CLA NA . -34.77 4.87 -6.73
C2D CLA NA . -35.10 3.93 -7.82
C3D CLA NA . -35.83 4.65 -8.74
C4D CLA NA . -35.93 6.02 -8.21
CMD CLA NA . -34.73 2.51 -7.84
CAD CLA NA . -36.54 4.62 -10.00
OBD CLA NA . -36.70 3.68 -10.78
CBD CLA NA . -37.08 6.05 -10.26
CGD CLA NA . -36.54 6.62 -11.54
O1D CLA NA . -35.40 7.01 -11.78
O2D CLA NA . -37.47 6.71 -12.53
CED CLA NA . -37.16 7.53 -13.66
C1 CLA NA . -42.84 7.61 -7.00
C2 CLA NA . -42.76 7.10 -5.61
C3 CLA NA . -43.53 6.08 -5.18
C4 CLA NA . -44.50 5.39 -6.08
C5 CLA NA . -43.42 5.59 -3.78
C6 CLA NA . -42.68 4.26 -3.67
C7 CLA NA . -43.63 3.11 -3.42
C1B LMT OA . -1.29 16.86 -8.92
C2B LMT OA . -2.32 17.48 -9.88
C3B LMT OA . -1.60 18.13 -11.07
C4B LMT OA . -0.75 17.08 -11.83
C5B LMT OA . 0.05 16.27 -10.78
C6B LMT OA . 1.49 16.13 -11.24
O1B LMT OA . -1.69 15.57 -8.59
O2B LMT OA . -3.14 16.48 -10.29
O3B LMT OA . -0.85 19.22 -10.70
O4' LMT OA . -1.55 16.23 -12.55
O5B LMT OA . -0.01 16.84 -9.50
O6B LMT OA . 2.24 17.18 -10.79
C1' LMT OA . -3.00 13.55 -5.93
C2' LMT OA . -2.84 15.08 -5.80
C3' LMT OA . -1.42 15.52 -6.22
C4' LMT OA . -0.98 14.92 -7.57
C5' LMT OA . -1.43 13.44 -7.57
C6' LMT OA . -0.44 12.51 -8.21
O1' LMT OA . -3.33 13.00 -4.73
O2' LMT OA . -3.74 15.67 -6.64
O3' LMT OA . -0.50 15.19 -5.25
O5' LMT OA . -1.74 13.02 -6.29
O6' LMT OA . -0.02 13.14 -9.35
C1 LMT OA . -3.89 11.72 -4.82
C2 LMT OA . -4.90 11.67 -3.71
C3 LMT OA . -5.71 10.43 -3.60
C4 LMT OA . -4.89 9.42 -2.84
C5 LMT OA . -5.78 8.35 -2.31
C6 LMT OA . -5.92 7.22 -3.27
C7 LMT OA . -6.36 5.98 -2.52
C8 LMT OA . -6.16 4.79 -3.39
C9 LMT OA . -7.40 4.31 -4.07
C10 LMT OA . -7.27 2.83 -4.24
C11 LMT OA . -7.60 2.10 -2.97
C12 LMT OA . -7.28 0.65 -3.06
O1 LHG PA . -16.78 4.77 -26.75
C1 LHG PA . -17.86 4.51 -27.64
C2 LHG PA . -18.58 3.27 -27.17
O2 LHG PA . -17.72 2.45 -26.41
C3 LHG PA . -19.06 2.39 -28.30
O3 LHG PA . -20.47 2.58 -28.19
P LHG PA . -21.37 1.72 -27.15
O4 LHG PA . -21.35 2.42 -25.84
O5 LHG PA . -22.47 1.20 -28.01
O6 LHG PA . -20.26 0.50 -26.91
C4 LHG PA . -19.91 0.12 -25.62
C5 LHG PA . -20.39 -1.32 -25.51
C6 LHG PA . -19.23 -2.31 -25.54
O7 LHG PA . -21.02 -1.42 -24.25
C7 LHG PA . -21.21 -2.70 -23.82
O9 LHG PA . -21.93 -3.48 -24.42
C8 LHG PA . -20.95 -2.76 -22.37
C9 LHG PA . -20.51 -4.14 -22.00
C10 LHG PA . -21.09 -4.51 -20.66
O8 LHG PA . -18.30 -1.81 -24.58
C23 LHG PA . -17.16 -2.51 -24.41
O10 LHG PA . -16.09 -2.00 -24.69
C24 LHG PA . -17.16 -3.85 -23.69
C11 LHG PA . -20.19 -5.64 -20.24
C12 LHG PA . -19.02 -5.07 -19.51
C13 LHG PA . -19.29 -5.23 -18.03
C14 LHG PA . -18.01 -5.22 -17.24
C15 LHG PA . -17.14 -6.29 -17.83
C16 LHG PA . -15.70 -5.90 -17.65
C17 LHG PA . -15.33 -5.92 -16.18
C18 LHG PA . -13.85 -5.69 -16.20
C19 LHG PA . -13.16 -6.09 -14.91
C20 LHG PA . -12.08 -5.06 -14.80
C21 LHG PA . -11.86 -4.70 -13.36
C22 LHG PA . -11.37 -5.93 -12.64
C25 LHG PA . -15.81 -4.35 -23.26
C26 LHG PA . -15.55 -5.84 -23.41
C27 LHG PA . -16.07 -6.41 -22.12
C28 LHG PA . -15.79 -7.86 -21.88
C29 LHG PA . -14.41 -7.91 -21.26
C30 LHG PA . -14.32 -8.58 -19.91
C31 LHG PA . -13.00 -9.23 -19.59
C32 LHG PA . -12.61 -9.21 -18.12
C33 LHG PA . -11.74 -10.44 -17.88
C34 LHG PA . -11.58 -10.84 -16.44
C35 LHG PA . -12.06 -12.25 -16.21
C36 LHG PA . -11.15 -12.91 -15.19
C37 LHG PA . -11.73 -14.25 -14.91
C38 LHG PA . -10.74 -15.24 -14.33
C A86 QA . 23.82 -7.70 -19.65
O A86 QA . 23.82 -19.91 -22.70
C1 A86 QA . 23.41 -7.25 -21.02
C10 A86 QA . 22.94 -16.79 -22.13
C11 A86 QA . 22.71 -17.91 -22.83
C12 A86 QA . 22.22 -17.83 -24.25
C13 A86 QA . 22.96 -19.20 -22.22
C14 A86 QA . 22.20 -19.68 -21.00
C15 A86 QA . 22.72 -21.05 -20.55
C16 A86 QA . 23.98 -21.91 -20.53
C17 A86 QA . 23.78 -23.26 -19.84
C18 A86 QA . 22.57 -23.41 -18.92
C19 A86 QA . 21.29 -23.25 -19.74
C2 A86 QA . 23.09 -8.16 -21.96
C20 A86 QA . 21.44 -21.86 -20.33
C21 A86 QA . 20.57 -21.75 -21.58
C22 A86 QA . 24.12 -20.97 -19.34
C23 A86 QA . 24.36 -21.16 -19.27
C24 A86 QA . 23.37 -5.82 -21.35
C25 A86 QA . 23.70 -4.92 -20.44
C26 A86 QA . 23.67 -3.50 -20.78
C27 A86 QA . 24.00 -2.58 -19.87
C28 A86 QA . 24.44 -3.00 -18.49
C29 A86 QA . 23.97 -1.16 -20.23
C3 A86 QA . 23.15 -9.59 -21.67
C30 A86 QA . 23.27 -0.20 -20.62
C31 A86 QA . 22.70 0.91 -20.50
C32 A86 QA . 23.49 2.19 -20.62
C33 A86 QA . 22.48 3.30 -20.92
C34 A86 QA . 21.42 3.42 -19.84
C35 A86 QA . 20.72 2.34 -20.64
C36 A86 QA . 21.22 0.96 -20.24
C37 A86 QA . 21.17 0.52 -18.78
C38 A86 QA . 20.84 3.96 -17.18
C39 A86 QA . 21.12 5.25 -16.45
C4 A86 QA . 22.89 -10.65 -22.42
C40 A86 QA . 24.25 2.44 -19.32
C41 A86 QA . 24.51 2.05 -21.75
C5 A86 QA . 23.04 -11.97 -21.85
C6 A86 QA . 22.81 -13.07 -22.59
C7 A86 QA . 22.42 -12.94 -24.04
C8 A86 QA . 22.97 -14.41 -22.01
C9 A86 QA . 22.73 -15.49 -22.74
O1 A86 QA . 21.63 -20.56 -19.76
O2 A86 QA . 22.60 -24.72 -18.35
O3 A86 QA . 20.58 -0.03 -21.05
O4 A86 QA . 21.50 3.71 -18.44
O5 A86 QA . 20.07 3.12 -16.73
C A86 RA . -9.97 -15.46 -30.72
O A86 RA . 0.18 -18.52 -23.12
C1 A86 RA . -8.87 -14.75 -31.45
C10 A86 RA . -2.29 -18.39 -25.35
C11 A86 RA . -1.00 -18.50 -25.09
C12 A86 RA . 0.01 -17.93 -26.04
C13 A86 RA . -0.52 -19.16 -23.88
C14 A86 RA . -0.89 -20.59 -23.56
C15 A86 RA . -0.27 -20.97 -22.22
C16 A86 RA . 0.01 -20.37 -20.84
C17 A86 RA . 0.68 -21.35 -19.89
C18 A86 RA . 0.48 -22.81 -20.25
C19 A86 RA . 1.04 -23.26 -21.60
C2 A86 RA . -7.59 -14.93 -31.08
C20 A86 RA . 0.36 -22.31 -22.58
C21 A86 RA . 1.19 -22.25 -23.86
C22 A86 RA . -1.47 -20.71 -20.74
C23 A86 RA . -1.47 -20.72 -20.69
C24 A86 RA . -9.19 -13.88 -32.58
C25 A86 RA . -10.47 -13.65 -32.89
C26 A86 RA . -10.81 -12.76 -34.00
C27 A86 RA . -12.08 -12.51 -34.29
C28 A86 RA . -13.19 -13.12 -33.47
C29 A86 RA . -12.41 -11.59 -35.39
C3 A86 RA . -7.29 -15.77 -29.93
C30 A86 RA . -13.32 -11.03 -36.05
C31 A86 RA . -14.41 -10.88 -36.65
C32 A86 RA . -15.43 -9.87 -36.15
C33 A86 RA . -16.79 -10.52 -36.32
C34 A86 RA . -17.07 -10.87 -37.78
C35 A86 RA . -16.18 -12.10 -37.82
C36 A86 RA . -14.71 -11.69 -37.87
C37 A86 RA . -14.21 -13.11 -38.08
C38 A86 RA . -19.47 -12.39 -37.92
C39 A86 RA . -19.55 -13.23 -39.17
C4 A86 RA . -6.01 -15.89 -29.60
C40 A86 RA . -15.31 -8.58 -36.96
C41 A86 RA . -15.15 -9.53 -34.69
C5 A86 RA . -5.65 -16.68 -28.43
C6 A86 RA . -4.36 -16.80 -28.07
C7 A86 RA . -3.30 -16.12 -28.87
C8 A86 RA . -3.99 -17.56 -26.87
C9 A86 RA . -2.70 -17.68 -26.55
O1 A86 RA . -0.99 -22.00 -22.90
O2 A86 RA . 1.05 -23.63 -19.23
O3 A86 RA . -14.46 -10.91 -39.05
O4 A86 RA . -18.37 -11.47 -37.74
O5 A86 RA . -20.31 -12.47 -37.05
C A86 SA . 13.90 -12.70 -18.24
O A86 SA . 3.26 -10.24 -24.86
C1 A86 SA . 13.12 -13.63 -17.36
C10 A86 SA . 5.90 -11.65 -23.41
C11 A86 SA . 4.68 -11.80 -23.93
C12 A86 SA . 3.74 -12.83 -23.38
C13 A86 SA . 4.24 -10.92 -25.01
C14 A86 SA . 5.01 -10.87 -26.32
C15 A86 SA . 4.39 -9.85 -27.26
C16 A86 SA . 3.43 -8.68 -27.46
C17 A86 SA . 3.39 -8.19 -28.90
C18 A86 SA . 4.45 -8.73 -29.86
C19 A86 SA . 4.25 -10.24 -29.92
C2 A86 SA . 11.84 -13.90 -17.62
C20 A86 SA . 4.40 -10.75 -28.50
C21 A86 SA . 3.88 -12.19 -28.42
C22 A86 SA . 4.81 -8.16 -27.06
C23 A86 SA . 4.78 -8.10 -27.03
C24 A86 SA . 13.78 -14.27 -16.21
C25 A86 SA . 15.05 -14.03 -15.91
C26 A86 SA . 15.64 -14.70 -14.76
C27 A86 SA . 16.91 -14.50 -14.42
C28 A86 SA . 17.77 -13.57 -15.23
C29 A86 SA . 17.48 -15.19 -13.25
C3 A86 SA . 11.16 -13.27 -18.76
C30 A86 SA . 18.61 -15.22 -12.68
C31 A86 SA . 19.82 -15.25 -12.38
C32 A86 SA . 20.43 -14.15 -11.54
C33 A86 SA . 21.81 -13.86 -12.12
C34 A86 SA . 22.68 -15.11 -12.07
C35 A86 SA . 22.03 -15.82 -13.25
C36 A86 SA . 20.68 -16.39 -12.84
C37 A86 SA . 21.49 -16.87 -14.04
C38 A86 SA . 25.14 -14.62 -13.39
C39 A86 SA . 25.80 -15.92 -13.77
C4 A86 SA . 9.91 -13.53 -19.13
C40 A86 SA . 20.52 -14.60 -10.09
C41 A86 SA . 19.55 -12.90 -11.57
C5 A86 SA . 9.36 -12.81 -20.27
C6 A86 SA . 8.11 -13.05 -20.71
C7 A86 SA . 7.25 -14.07 -20.02
C8 A86 SA . 7.59 -12.28 -21.84
C9 A86 SA . 6.35 -12.48 -22.31
O1 A86 SA . 5.53 -10.61 -27.65
O2 A86 SA . 4.24 -8.17 -31.16
O3 A86 SA . 20.86 -17.33 -11.77
O4 A86 SA . 23.90 -14.66 -12.65
O5 A86 SA . 25.61 -13.55 -13.69
C A86 TA . 0.17 -33.97 -25.77
O A86 TA . -11.38 -32.01 -21.02
C1 A86 TA . 0.82 -32.79 -25.10
C10 A86 TA . -8.10 -32.46 -21.48
C11 A86 TA . -9.08 -31.99 -20.71
C12 A86 TA . -8.85 -30.78 -19.86
C13 A86 TA . -10.39 -32.64 -20.70
C14 A86 TA . -10.48 -34.08 -20.26
C15 A86 TA . -11.94 -34.57 -20.32
C16 A86 TA . -13.43 -34.43 -20.62
C17 A86 TA . -14.18 -35.69 -20.23
C18 A86 TA . -13.39 -36.95 -19.88
C19 A86 TA . -12.61 -36.48 -18.65
C2 A86 TA . 0.12 -32.03 -24.25
C20 A86 TA . -11.74 -35.27 -18.99
C21 A86 TA . -11.34 -34.55 -17.71
C22 A86 TA . -12.68 -34.93 -21.85
C23 A86 TA . -12.85 -34.79 -21.99
C24 A86 TA . 2.23 -32.48 -25.39
C25 A86 TA . 2.91 -33.20 -26.27
C26 A86 TA . 4.31 -32.88 -26.58
C27 A86 TA . 4.95 -33.60 -27.51
C28 A86 TA . 4.24 -34.70 -28.24
C29 A86 TA . 6.36 -33.30 -27.87
C3 A86 TA . -1.28 -32.34 -23.97
C30 A86 TA . 7.47 -33.38 -28.45
C31 A86 TA . 8.44 -33.88 -29.05
C32 A86 TA . 8.94 -33.31 -30.34
C33 A86 TA . 9.45 -34.46 -31.20
C34 A86 TA . 10.56 -35.25 -30.51
C35 A86 TA . 9.58 -36.00 -29.61
C36 A86 TA . 9.11 -35.10 -28.46
C37 A86 TA . 8.92 -36.61 -28.42
C38 A86 TA . 11.58 -37.49 -31.17
C39 A86 TA . 11.00 -38.80 -31.63
C4 A86 TA . -2.21 -31.76 -23.19
C40 A86 TA . 10.08 -32.33 -30.05
C41 A86 TA . 7.81 -32.58 -31.04
C5 A86 TA . -3.55 -32.32 -23.12
C6 A86 TA . -4.49 -31.75 -22.34
C7 A86 TA . -4.18 -30.50 -21.57
C8 A86 TA . -5.83 -32.35 -22.27
C9 A86 TA . -6.78 -31.82 -21.51
O1 A86 TA . -10.69 -35.17 -19.95
O2 A86 TA . -14.30 -37.98 -19.48
O3 A86 TA . 10.25 -34.71 -27.68
O4 A86 TA . 10.86 -36.25 -31.46
O5 A86 TA . 12.63 -37.41 -30.57
C A86 UA . 9.67 -22.97 -29.65
O A86 UA . 18.95 -14.38 -27.70
C1 A86 UA . 10.60 -24.06 -29.22
C10 A86 UA . 17.09 -16.94 -28.73
C11 A86 UA . 18.32 -16.48 -28.47
C12 A86 UA . 19.40 -17.40 -28.00
C13 A86 UA . 18.59 -15.06 -28.65
C14 A86 UA . 18.43 -14.44 -30.02
C15 A86 UA . 18.53 -13.11 -30.76
C16 A86 UA . 19.78 -13.14 -31.64
C17 A86 UA . 19.98 -11.83 -32.39
C18 A86 UA . 18.82 -10.86 -32.54
C19 A86 UA . 18.69 -10.62 -31.04
C2 A86 UA . 11.89 -23.78 -28.94
C20 A86 UA . 18.47 -11.75 -30.06
C21 A86 UA . 19.07 -11.38 -28.71
C22 A86 UA . 18.75 -13.72 -32.60
C23 A86 UA . 21.23 -13.45 -31.25
C24 A86 UA . 10.11 -25.44 -29.14
C25 A86 UA . 8.84 -25.67 -29.44
C26 A86 UA . 8.29 -27.02 -29.36
C27 A86 UA . 7.00 -27.22 -29.70
C28 A86 UA . 6.17 -26.06 -30.14
C29 A86 UA . 6.43 -28.58 -29.64
C3 A86 UA . 12.36 -22.41 -29.04
C30 A86 UA . 5.24 -28.48 -30.00
C31 A86 UA . 4.19 -29.14 -30.10
C32 A86 UA . 3.75 -29.73 -31.42
C33 A86 UA . 2.23 -29.69 -31.41
C34 A86 UA . 1.66 -30.53 -30.27
C35 A86 UA . 1.89 -29.38 -29.28
C36 A86 UA . 3.35 -29.35 -28.87
C37 A86 UA . 2.71 -28.49 -27.79
C38 A86 UA . -1.11 -30.29 -30.00
C4 A86 UA . 13.60 -22.01 -28.79
C40 A86 UA . 4.31 -28.88 -32.56
C41 A86 UA . 4.26 -31.16 -31.52
C5 A86 UA . 13.96 -20.60 -28.94
C6 A86 UA . 15.21 -20.20 -28.67
C7 A86 UA . 16.25 -21.19 -28.20
C8 A86 UA . 15.55 -18.78 -28.82
C9 A86 UA . 16.80 -18.36 -28.56
O1 A86 UA . 17.50 -12.77 -29.84
O2 A86 UA . 19.30 -9.66 -33.17
O3 A86 UA . 3.72 -30.61 -28.31
O4 A86 UA . 0.27 -30.33 -30.47
O5 A86 UA . -1.39 -29.56 -29.06
C A86 VA . 11.13 -7.89 -9.92
O A86 VA . 11.10 -1.54 -21.15
C1 A86 VA . 10.80 -9.10 -10.74
C10 A86 VA . 11.69 -3.71 -18.67
C11 A86 VA . 11.67 -3.47 -19.98
C12 A86 VA . 11.33 -4.57 -20.95
C13 A86 VA . 11.94 -2.12 -20.48
C14 A86 VA . 13.26 -1.45 -20.19
C15 A86 VA . 13.90 -0.11 -20.50
C16 A86 VA . 12.83 0.96 -20.34
C17 A86 VA . 13.38 2.36 -20.65
C18 A86 VA . 14.88 2.59 -20.55
C19 A86 VA . 15.74 1.78 -21.51
C2 A86 VA . 10.77 -9.03 -12.07
C20 A86 VA . 15.23 0.42 -21.04
C21 A86 VA . 15.00 -0.49 -22.24
C22 A86 VA . 13.32 0.98 -18.90
C23 A86 VA . 12.09 2.13 -20.97
C24 A86 VA . 10.49 -10.38 -10.08
C25 A86 VA . 10.49 -10.49 -8.75
C26 A86 VA . 10.17 -11.78 -8.15
C27 A86 VA . 10.14 -11.92 -6.83
C28 A86 VA . 10.43 -10.74 -5.94
C29 A86 VA . 9.81 -13.22 -6.23
C3 A86 VA . 11.06 -7.76 -12.75
C30 A86 VA . 9.81 -13.24 -4.97
C31 A86 VA . 9.62 -13.81 -3.87
C32 A86 VA . 8.46 -13.40 -3.00
C33 A86 VA . 8.90 -13.58 -1.56
C34 A86 VA . 9.27 -15.04 -1.29
C35 A86 VA . 10.65 -14.84 -1.91
C36 A86 VA . 10.55 -14.90 -3.42
C37 A86 VA . 12.02 -14.84 -3.80
C38 A86 VA . 10.56 -15.71 0.89
C39 A86 VA . 11.61 -15.00 1.68
C4 A86 VA . 10.99 -7.76 -14.08
C40 A86 VA . 7.24 -14.27 -3.30
C41 A86 VA . 8.11 -11.95 -3.28
C5 A86 VA . 11.25 -6.52 -14.80
C6 A86 VA . 11.20 -6.46 -16.14
C7 A86 VA . 10.86 -7.68 -16.95
C8 A86 VA . 11.47 -5.17 -16.80
C9 A86 VA . 11.41 -5.03 -18.12
O1 A86 VA . 15.15 -0.37 -19.85
O2 A86 VA . 15.16 3.98 -20.75
O3 A86 VA . 10.01 -16.17 -3.80
O4 A86 VA . 9.63 -14.93 0.08
O5 A86 VA . 10.44 -16.93 0.89
C A86 WA . 15.14 -26.33 -36.86
O A86 WA . 16.27 -13.83 -39.24
C1 A86 WA . 15.58 -26.09 -35.45
C10 A86 WA . 15.42 -16.77 -37.95
C11 A86 WA . 15.61 -15.46 -37.73
C12 A86 WA . 16.09 -14.98 -36.39
C13 A86 WA . 15.36 -14.52 -38.81
C14 A86 WA . 13.98 -14.39 -39.40
C15 A86 WA . 13.86 -13.42 -40.56
C16 A86 WA . 14.71 -13.09 -41.78
C17 A86 WA . 14.10 -12.00 -42.65
C18 A86 WA . 12.60 -11.87 -42.44
C19 A86 WA . 12.04 -11.48 -41.07
C2 A86 WA . 15.78 -24.84 -35.01
C20 A86 WA . 12.66 -12.56 -40.20
C21 A86 WA . 12.54 -12.13 -38.73
C22 A86 WA . 14.02 -14.36 -42.25
C23 A86 WA . 14.13 -14.39 -42.34
C24 A86 WA . 15.81 -27.23 -34.55
C25 A86 WA . 15.61 -28.46 -34.99
C26 A86 WA . 15.83 -29.60 -34.09
C27 A86 WA . 15.65 -30.84 -34.55
C28 A86 WA . 15.21 -31.07 -35.96
C29 A86 WA . 15.87 -31.99 -33.65
C3 A86 WA . 15.57 -23.70 -35.91
C30 A86 WA . 15.64 -33.05 -34.27
C31 A86 WA . 15.83 -34.22 -33.81
C32 A86 WA . 17.00 -35.03 -34.27
C33 A86 WA . 16.60 -36.50 -34.17
C34 A86 WA . 16.22 -36.87 -32.74
C35 A86 WA . 14.84 -36.29 -32.97
C36 A86 WA . 14.86 -34.77 -32.81
C37 A86 WA . 13.39 -34.42 -32.96
C38 A86 WA . 16.09 -39.69 -32.99
C39 A86 WA . 15.78 -40.43 -34.25
C4 A86 WA . 15.76 -22.44 -35.55
C40 A86 WA . 18.20 -34.74 -33.38
C41 A86 WA . 17.36 -34.66 -35.71
C5 A86 WA . 15.51 -21.38 -36.52
C6 A86 WA . 15.71 -20.09 -36.18
C7 A86 WA . 16.16 -19.72 -34.80
C8 A86 WA . 15.47 -19.04 -37.19
C9 A86 WA . 15.65 -17.76 -36.91
O1 A86 WA . 12.57 -13.97 -40.26
O2 A86 WA . 12.03 -11.04 -43.45
O3 A86 WA . 15.30 -34.43 -31.48
O4 A86 WA . 15.91 -38.24 -32.94
O5 A86 WA . 16.50 -40.25 -31.98
MG CLA XA . 25.17 -27.59 -23.35
CHA CLA XA . 22.37 -29.61 -23.60
CHB CLA XA . 27.04 -30.28 -22.46
CHC CLA XA . 27.95 -25.56 -23.27
CHD CLA XA . 23.20 -24.83 -24.35
NA CLA XA . 24.73 -29.60 -23.05
C1A CLA XA . 23.51 -30.26 -23.22
C2A CLA XA . 23.64 -31.75 -22.91
C3A CLA XA . 25.10 -31.90 -22.43
C4A CLA XA . 25.69 -30.50 -22.66
CMA CLA XA . 25.18 -32.32 -20.98
CAA CLA XA . 23.41 -32.59 -24.15
CBA CLA XA . 24.18 -32.06 -25.34
CGA CLA XA . 24.59 -33.19 -26.23
O1A CLA XA . 25.42 -34.08 -26.00
O2A CLA XA . 23.95 -33.19 -27.43
NB CLA XA . 27.13 -27.87 -22.95
C1B CLA XA . 27.70 -29.05 -22.62
C2B CLA XA . 29.16 -28.86 -22.42
C3B CLA XA . 29.42 -27.53 -22.65
C4B CLA XA . 28.13 -26.88 -22.98
CMB CLA XA . 30.06 -29.95 -22.04
CAB CLA XA . 30.66 -26.78 -22.59
CBB CLA XA . 31.60 -26.91 -21.65
NC CLA XA . 25.50 -25.56 -23.70
C1C CLA XA . 26.71 -24.94 -23.61
C2C CLA XA . 26.58 -23.53 -23.93
C3C CLA XA . 25.24 -23.32 -24.25
C4C CLA XA . 24.56 -24.60 -24.11
CMC CLA XA . 27.68 -22.56 -23.92
CAC CLA XA . 24.62 -22.07 -24.66
CBC CLA XA . 24.47 -21.96 -26.16
ND CLA XA . 23.23 -27.21 -23.78
C1D CLA XA . 22.56 -26.04 -24.20
C2D CLA XA . 21.14 -26.35 -24.43
C3D CLA XA . 21.01 -27.71 -24.20
C4D CLA XA . 22.34 -28.20 -23.82
CMD CLA XA . 20.12 -25.39 -24.83
CAD CLA XA . 20.10 -28.84 -24.15
OBD CLA XA . 18.89 -28.85 -24.30
CBD CLA XA . 20.96 -30.10 -23.85
CGD CLA XA . 20.41 -30.89 -22.70
O1D CLA XA . 20.22 -30.51 -21.53
O2D CLA XA . 20.09 -32.17 -23.02
CED CLA XA . 20.37 -33.20 -22.06
C1 CLA XA . 22.66 -33.83 -27.46
MG CLA YA . 17.10 -20.80 -13.18
CHA CLA YA . 18.82 -23.15 -11.29
CHB CLA YA . 14.57 -20.85 -10.91
CHC CLA YA . 15.49 -18.41 -15.03
CHD CLA YA . 19.77 -20.81 -15.51
NA CLA YA . 16.77 -21.84 -11.40
C1A CLA YA . 17.62 -22.77 -10.78
C2A CLA YA . 17.00 -23.29 -9.49
C3A CLA YA . 15.61 -22.61 -9.44
C4A CLA YA . 15.64 -21.68 -10.66
CMA CLA YA . 14.49 -23.61 -9.52
CAA CLA YA . 17.83 -22.85 -8.30
CBA CLA YA . 18.33 -21.43 -8.47
CGA CLA YA . 17.35 -20.47 -7.88
O1A CLA YA . 16.83 -20.49 -6.76
O2A CLA YA . 16.98 -19.46 -8.72
NB CLA YA . 15.36 -19.82 -13.00
C1B CLA YA . 14.47 -19.97 -12.00
C2B CLA YA . 13.30 -19.07 -12.22
C3B CLA YA . 13.55 -18.38 -13.39
C4B CLA YA . 14.87 -18.85 -13.90
CMB CLA YA . 12.16 -19.01 -11.30
CAB CLA YA . 12.78 -17.37 -14.07
CBB CLA YA . 12.05 -16.43 -13.48
NC CLA YA . 17.55 -19.80 -14.95
C1C CLA YA . 16.74 -18.85 -15.52
C2C CLA YA . 17.36 -18.34 -16.74
C3C CLA YA . 18.56 -19.03 -16.89
C4C CLA YA . 18.68 -19.93 -15.75
CMC CLA YA . 16.79 -17.33 -17.61
CAC CLA YA . 19.54 -18.86 -17.96
CBC CLA YA . 20.56 -17.78 -17.65
ND CLA YA . 18.89 -21.71 -13.41
C1D CLA YA . 19.88 -21.64 -14.43
C2D CLA YA . 20.98 -22.58 -14.10
C3D CLA YA . 20.63 -23.18 -12.90
C4D CLA YA . 19.33 -22.60 -12.52
CMD CLA YA . 22.18 -22.78 -14.91
CAD CLA YA . 21.02 -24.12 -11.87
OBD CLA YA . 22.04 -24.79 -11.78
CBD CLA YA . 19.86 -24.15 -10.83
CGD CLA YA . 19.26 -25.53 -10.72
O1D CLA YA . 18.10 -25.86 -10.98
O2D CLA YA . 20.13 -26.47 -10.27
CED CLA YA . 19.57 -27.73 -9.88
C1 CLA YA . 16.05 -18.50 -8.17
C2 CLA YA . 15.79 -17.49 -9.21
C3 CLA YA . 15.02 -16.41 -8.98
C4 CLA YA . 14.38 -16.17 -7.66
C5 CLA YA . 14.77 -15.40 -10.04
C6 CLA YA . 15.64 -14.16 -9.90
C7 CLA YA . 14.86 -13.00 -9.35
C8 CLA YA . 15.75 -11.82 -9.02
C9 CLA YA . 15.18 -11.01 -7.88
C10 CLA YA . 15.95 -10.92 -10.25
NB KC2 ZA . 9.00 -13.15 -13.72
ND KC2 ZA . 5.34 -14.22 -12.91
C1A KC2 ZA . 7.04 -15.27 -10.65
C1B KC2 ZA . 10.06 -13.35 -12.91
C1C KC2 ZA . 7.23 -11.90 -15.82
C1D KC2 ZA . 4.19 -13.84 -13.51
C2A KC2 ZA . 7.90 -15.61 -9.52
C2B KC2 ZA . 11.19 -12.63 -13.36
C2C KC2 ZA . 6.37 -11.21 -16.71
C2D KC2 ZA . 3.11 -14.26 -12.72
C3A KC2 ZA . 9.17 -15.21 -9.87
C3B KC2 ZA . 10.79 -11.96 -14.49
C3C KC2 ZA . 5.10 -11.59 -16.41
C3D KC2 ZA . 3.62 -14.92 -11.62
C4A KC2 ZA . 9.08 -14.63 -11.15
C4B KC2 ZA . 9.41 -12.31 -14.68
C4C KC2 ZA . 5.23 -12.52 -15.31
C4D KC2 ZA . 5.02 -14.87 -11.76
CAA KC2 ZA . 7.46 -16.28 -8.29
CAB KC2 ZA . 11.54 -11.04 -15.38
CAC KC2 ZA . 3.85 -11.14 -17.06
CAD KC2 ZA . 3.30 -15.62 -10.37
CBA KC2 ZA . 7.87 -15.96 -7.04
CBB KC2 ZA . 12.86 -10.98 -15.45
CBC KC2 ZA . 3.61 -11.49 -18.32
CBD KC2 ZA . 4.64 -15.68 -9.67
CED KC2 ZA . 4.09 -13.51 -6.65
CGA KC2 ZA . 7.64 -16.89 -6.01
CGD KC2 ZA . 4.71 -14.57 -8.67
CHA KC2 ZA . 5.67 -15.48 -10.74
CHB KC2 ZA . 10.19 -14.11 -11.78
CHC KC2 ZA . 8.70 -11.75 -15.82
CHD KC2 ZA . 3.99 -13.11 -14.76
CMA KC2 ZA . 10.43 -15.32 -9.08
CMB KC2 ZA . 12.53 -12.64 -12.68
CMC KC2 ZA . 6.81 -10.25 -17.77
CMD KC2 ZA . 1.65 -14.04 -13.02
NA KC2 ZA . 7.79 -14.66 -11.64
NC KC2 ZA . 6.53 -12.70 -14.97
O1A KC2 ZA . 8.28 -16.85 -4.97
O1D KC2 ZA . 5.27 -13.54 -8.96
O2A KC2 ZA . 6.79 -17.92 -6.22
O2D KC2 ZA . 4.00 -14.65 -7.54
OBD KC2 ZA . 2.21 -15.81 -9.88
MG KC2 ZA . 7.21 -13.94 -13.48
MG CLA AB . 0.33 -14.04 -32.28
CHA CLA AB . -1.31 -11.89 -34.44
CHB CLA AB . -0.56 -12.05 -29.65
CHC CLA AB . 1.89 -16.23 -30.15
CHD CLA AB . 1.22 -16.07 -35.02
NA CLA AB . -0.75 -12.25 -32.11
C1A CLA AB . -1.37 -11.52 -33.13
C2A CLA AB . -2.06 -10.27 -32.57
C3A CLA AB . -1.79 -10.35 -31.04
C4A CLA AB . -0.98 -11.64 -30.91
CMA CLA AB . -1.03 -9.15 -30.53
CAA CLA AB . -3.55 -10.20 -32.84
CBA CLA AB . -4.22 -11.55 -32.98
CGA CLA AB . -4.20 -12.27 -31.68
O1A CLA AB . -4.76 -11.94 -30.62
O2A CLA AB . -3.46 -13.42 -31.69
NB CLA AB . 0.58 -14.15 -30.29
C1B CLA AB . 0.20 -13.21 -29.39
C2B CLA AB . 0.69 -13.57 -28.03
C3B CLA AB . 1.39 -14.75 -28.17
C4B CLA AB . 1.33 -15.13 -29.60
CMB CLA AB . 0.44 -12.74 -26.86
CAB CLA AB . 2.09 -15.55 -27.21
CBB CLA AB . 2.76 -15.09 -26.14
NC CLA AB . 1.37 -15.82 -32.55
C1C CLA AB . 1.91 -16.57 -31.54
C2C CLA AB . 2.54 -17.77 -32.08
C3C CLA AB . 2.37 -17.72 -33.46
C4C CLA AB . 1.62 -16.50 -33.74
CMC CLA AB . 3.21 -18.79 -31.29
CAC CLA AB . 2.82 -18.70 -34.44
CBC CLA AB . 1.71 -19.64 -34.86
ND CLA AB . 0.10 -14.02 -34.28
C1D CLA AB . 0.52 -14.92 -35.29
C2D CLA AB . 0.06 -14.41 -36.60
C3D CLA AB . -0.66 -13.26 -36.34
C4D CLA AB . -0.61 -13.06 -34.88
CMD CLA AB . 0.33 -15.06 -37.88
CAD CLA AB . -1.42 -12.16 -36.89
OBD CLA AB . -1.71 -11.91 -38.06
CBD CLA AB . -1.89 -11.27 -35.69
CGD CLA AB . -1.46 -9.85 -35.84
O1D CLA AB . -2.18 -8.84 -35.87
O2D CLA AB . -0.11 -9.67 -35.93
CED CLA AB . 0.47 -8.61 -35.18
C1 CLA AB . -3.60 -14.29 -32.83
C2 CLA AB . -3.60 -15.67 -32.29
C3 CLA AB . -2.99 -16.71 -32.88
C4 CLA AB . -2.26 -16.56 -34.15
C5 CLA AB . -3.03 -18.06 -32.27
C6 CLA AB . -1.65 -18.63 -32.04
C7 CLA AB . -1.72 -20.07 -31.55
C8 CLA AB . -1.69 -20.16 -30.03
C9 CLA AB . -0.52 -19.38 -29.47
C10 CLA AB . -1.59 -21.62 -29.59
MG CLA BB . -16.62 -10.94 -29.29
CHA CLA BB . -14.34 -13.32 -28.21
CHB CLA BB . -19.15 -12.78 -27.96
CHC CLA BB . -18.83 -8.56 -30.37
CHD CLA BB . -13.95 -9.11 -30.71
NA CLA BB . -16.70 -12.75 -28.25
C1A CLA BB . -15.64 -13.60 -27.89
C2A CLA BB . -16.14 -14.82 -27.13
C3A CLA BB . -17.67 -14.62 -27.08
C4A CLA BB . -17.88 -13.29 -27.80
CMA CLA BB . -18.42 -15.74 -27.77
CAA CLA BB . -15.55 -14.90 -25.73
CBA CLA BB . -16.56 -14.55 -24.66
CGA CLA BB . -16.31 -13.16 -24.14
O1A CLA BB . -16.55 -12.09 -24.69
O2A CLA BB . -15.73 -13.15 -22.91
NB CLA BB . -18.62 -10.70 -29.17
C1B CLA BB . -19.48 -11.58 -28.60
C2B CLA BB . -20.87 -11.08 -28.76
C3B CLA BB . -20.79 -9.88 -29.43
C4B CLA BB . -19.35 -9.63 -29.71
CMB CLA BB . -22.04 -11.79 -28.26
CAB CLA BB . -21.85 -9.01 -29.85
CBB CLA BB . -21.92 -7.71 -29.58
NC CLA BB . -16.42 -9.16 -30.34
C1C CLA BB . -17.45 -8.33 -30.66
C2C CLA BB . -16.96 -7.16 -31.37
C3C CLA BB . -15.59 -7.32 -31.49
C4C CLA BB . -15.25 -8.58 -30.83
CMC CLA BB . -17.80 -6.07 -31.87
CAC CLA BB . -14.64 -6.40 -32.14
CBC CLA BB . -13.87 -5.56 -31.14
ND CLA BB . -14.61 -11.10 -29.45
C1D CLA BB . -13.63 -10.29 -30.08
C2D CLA BB . -12.31 -10.90 -29.89
C3D CLA BB . -12.52 -12.05 -29.16
C4D CLA BB . -13.97 -12.14 -28.93
CMD CLA BB . -11.04 -10.33 -30.39
CAD CLA BB . -11.90 -13.20 -28.54
OBD CLA BB . -10.71 -13.49 -28.42
CBD CLA BB . -13.05 -14.07 -27.96
CGD CLA BB . -13.08 -15.44 -28.58
O1D CLA BB . -13.23 -15.71 -29.78
O2D CLA BB . -12.92 -16.46 -27.70
CED CLA BB . -13.36 -17.76 -28.10
C1 CLA BB . -16.47 -12.47 -21.87
MG CLA CB . -1.67 -16.16 -15.89
CHA CLA CB . 0.33 -17.46 -13.37
CHB CLA CB . -4.44 -16.87 -14.06
CHC CLA CB . -3.56 -14.55 -18.25
CHD CLA CB . 1.25 -15.44 -17.76
NA CLA CB . -1.98 -17.07 -14.05
C1A CLA CB . -1.02 -17.53 -13.13
C2A CLA CB . -1.69 -18.12 -11.89
C3A CLA CB . -3.18 -18.14 -12.28
C4A CLA CB . -3.23 -17.29 -13.55
CMA CLA CB . -3.67 -19.55 -12.53
CAA CLA CB . -1.46 -17.20 -10.71
CBA CLA CB . -1.54 -15.74 -11.10
CGA CLA CB . -1.31 -14.86 -9.91
O1A CLA CB . -0.87 -15.16 -8.81
O2A CLA CB . -1.66 -13.55 -10.14
NB CLA CB . -3.63 -15.82 -16.15
C1B CLA CB . -4.59 -16.09 -15.22
C2B CLA CB . -5.87 -15.42 -15.60
C3B CLA CB . -5.62 -14.76 -16.80
C4B CLA CB . -4.20 -15.02 -17.16
CMB CLA CB . -7.07 -15.55 -14.80
CAB CLA CB . -6.47 -13.96 -17.64
CBB CLA CB . -7.71 -13.55 -17.36
NC CLA CB . -1.23 -15.24 -17.72
C1C CLA CB . -2.17 -14.67 -18.53
C2C CLA CB . -1.53 -14.13 -19.72
C3C CLA CB . -0.16 -14.35 -19.58
C4C CLA CB . 0.02 -15.05 -18.31
CMC CLA CB . -2.23 -13.47 -20.82
CAC CLA CB . 0.90 -13.97 -20.51
CBC CLA CB . 1.01 -14.93 -21.67
ND CLA CB . 0.33 -16.44 -15.72
C1D CLA CB . 1.42 -16.07 -16.55
C2D CLA CB . 2.67 -16.49 -15.89
C3D CLA CB . 2.32 -17.01 -14.66
C4D CLA CB . 0.84 -16.95 -14.60
CMD CLA CB . 4.01 -16.31 -16.45
CAD CLA CB . 2.77 -17.62 -13.43
OBD CLA CB . 3.91 -17.91 -13.09
CBD CLA CB . 1.52 -17.87 -12.54
CGD CLA CB . 1.45 -19.31 -12.08
O1D CLA CB . 1.00 -20.28 -12.69
O2D CLA CB . 1.95 -19.49 -10.84
CED CLA CB . 2.83 -20.60 -10.63
C1 CLA CB . -0.59 -12.67 -10.52
C2 CLA CB . -0.05 -12.06 -9.28
C3 CLA CB . 0.95 -11.16 -9.26
C4 CLA CB . 1.46 -10.59 -8.00
C5 CLA CB . 1.61 -10.69 -10.52
C6 CLA CB . 3.11 -10.54 -10.36
C7 CLA CB . 3.69 -9.71 -11.49
C8 CLA CB . 5.21 -9.74 -11.54
C9 CLA CB . 5.79 -9.72 -10.14
C10 CLA CB . 5.77 -8.57 -12.33
C11 CLA CB . 6.19 -8.97 -13.72
C12 CLA CB . 6.80 -7.82 -14.50
C13 CLA CB . 5.73 -6.97 -15.17
C14 CLA CB . 4.72 -7.82 -15.89
C15 CLA CB . 6.35 -5.97 -16.16
C16 CLA CB . 7.14 -4.90 -15.44
C17 CLA CB . 7.42 -3.72 -16.34
C18 CLA CB . 8.72 -3.00 -15.95
C19 CLA CB . 8.84 -1.67 -16.65
C20 CLA CB . 8.79 -2.81 -14.45
MG CLA DB . 6.51 -30.07 -24.06
CHA CLA DB . 4.75 -32.49 -22.29
CHB CLA DB . 8.84 -32.37 -24.90
CHC CLA DB . 8.32 -27.59 -25.62
CHD CLA DB . 4.01 -27.72 -23.24
NA CLA DB . 6.70 -32.12 -23.70
C1A CLA DB . 5.87 -32.96 -22.94
C2A CLA DB . 6.38 -34.41 -22.98
C3A CLA DB . 7.48 -34.35 -24.08
C4A CLA DB . 7.71 -32.84 -24.24
CMA CLA DB . 8.72 -35.17 -23.81
CAA CLA DB . 5.25 -35.33 -23.43
CBA CLA DB . 5.69 -36.77 -23.63
CGA CLA DB . 4.66 -37.53 -24.39
O1A CLA DB . 3.42 -37.36 -24.40
O2A CLA DB . 5.19 -38.51 -25.16
NB CLA DB . 8.27 -30.00 -25.05
C1B CLA DB . 9.14 -31.02 -25.18
C2B CLA DB . 10.43 -30.52 -25.73
C3B CLA DB . 10.29 -29.17 -25.93
C4B CLA DB . 8.89 -28.83 -25.54
CMB CLA DB . 11.56 -31.39 -26.01
CAB CLA DB . 11.17 -28.18 -26.47
CBB CLA DB . 12.48 -28.10 -26.18
NC CLA DB . 6.19 -28.05 -24.41
C1C CLA DB . 7.04 -27.24 -25.12
C2C CLA DB . 6.45 -25.92 -25.22
C3C CLA DB . 5.26 -25.93 -24.51
C4C CLA DB . 5.09 -27.29 -24.02
CMC CLA DB . 7.06 -24.79 -25.92
CAC CLA DB . 4.32 -24.82 -24.37
CBC CLA DB . 3.17 -24.90 -25.34
ND CLA DB . 4.71 -30.06 -23.13
C1D CLA DB . 3.82 -29.00 -22.79
C2D CLA DB . 2.74 -29.53 -21.91
C3D CLA DB . 3.07 -30.85 -21.67
C4D CLA DB . 4.30 -31.13 -22.44
CMD CLA DB . 1.62 -28.75 -21.38
CAD CLA DB . 2.68 -32.08 -21.02
OBD CLA DB . 1.68 -32.34 -20.35
CBD CLA DB . 3.78 -33.13 -21.32
CGD CLA DB . 4.48 -33.53 -20.06
O1D CLA DB . 5.06 -34.59 -19.80
O2D CLA DB . 4.45 -32.56 -19.09
CED CLA DB . 5.47 -31.57 -19.13
C1 CLA DB . 5.58 -38.13 -26.50
C2 CLA DB . 6.46 -39.20 -27.03
C3 CLA DB . 6.74 -39.28 -28.33
C4 CLA DB . 7.63 -40.35 -28.89
C5 CLA DB . 6.17 -38.31 -29.30
C6 CLA DB . 7.15 -37.84 -30.37
C7 CLA DB . 6.49 -36.81 -31.27
C8 CLA DB . 6.93 -36.94 -32.72
C9 CLA DB . 8.43 -37.05 -32.83
C10 CLA DB . 6.42 -35.76 -33.55
NB KC1 EB . 15.67 -25.21 -30.97
ND KC1 EB . 18.81 -26.73 -29.24
C1A KC1 EB . 16.94 -29.07 -29.80
C1B KC1 EB . 14.52 -25.87 -31.22
C1C KC1 EB . 17.68 -23.06 -30.78
C1D KC1 EB . 19.91 -26.08 -28.80
C2A KC1 EB . 15.97 -30.13 -30.04
C2B KC1 EB . 13.65 -25.03 -31.96
C2C KC1 EB . 18.66 -22.00 -30.62
C2D KC1 EB . 20.83 -27.05 -28.36
C3A KC1 EB . 14.82 -29.49 -30.47
C3B KC1 EB . 14.30 -23.84 -32.14
C3C KC1 EB . 19.67 -22.49 -29.87
C3D KC1 EB . 20.26 -28.30 -28.55
C4A KC1 EB . 15.07 -28.12 -30.49
C4B KC1 EB . 15.58 -23.99 -31.49
C4C KC1 EB . 19.34 -23.86 -29.55
C4D KC1 EB . 18.99 -28.06 -29.11
CAA KC1 EB . 16.12 -31.58 -29.88
CAB KC1 EB . 13.80 -22.64 -32.84
CAC KC1 EB . 20.91 -21.74 -29.45
CAD KC1 EB . 20.42 -29.76 -28.40
CBA KC1 EB . 15.70 -32.19 -28.75
CBB KC1 EB . 12.95 -21.82 -32.25
CBC KC1 EB . 20.64 -21.02 -28.13
CBD KC1 EB . 19.09 -30.34 -28.85
CED KC1 EB . 20.07 -33.57 -30.36
CGA KC1 EB . 15.96 -33.57 -28.57
CGD KC1 EB . 19.34 -31.34 -29.94
CHA KC1 EB . 18.27 -29.19 -29.36
CHB KC1 EB . 14.14 -27.16 -30.89
CHC KC1 EB . 16.49 -22.96 -31.49
CHD KC1 EB . 20.15 -24.72 -28.77
CMA KC1 EB . 13.52 -30.15 -30.84
CMB KC1 EB . 12.26 -25.37 -32.44
CMC KC1 EB . 18.56 -20.60 -31.19
CMD KC1 EB . 22.20 -26.77 -27.79
NA KC1 EB . 16.36 -27.85 -30.09
NC KC1 EB . 18.13 -24.17 -30.11
O1A KC1 EB . 15.36 -34.20 -27.71
O1D KC1 EB . 19.95 -31.01 -30.92
O2A KC1 EB . 17.00 -34.14 -29.22
O2D KC1 EB . 19.18 -32.65 -29.67
OBD KC1 EB . 21.48 -30.35 -28.27
MG KC1 EB . 17.18 -25.98 -29.98
MG CLA FB . 21.95 -6.53 -26.39
CHA CLA FB . 22.68 -3.14 -26.26
CHB CLA FB . 23.89 -6.85 -29.17
CHC CLA FB . 21.28 -9.90 -26.38
CHD CLA FB . 19.94 -6.14 -23.50
NA CLA FB . 23.08 -5.19 -27.52
C1A CLA FB . 23.27 -3.82 -27.30
C2A CLA FB . 24.18 -3.21 -28.36
C3A CLA FB . 24.45 -4.39 -29.32
C4A CLA FB . 23.77 -5.57 -28.64
CMA CLA FB . 23.87 -4.09 -30.68
CAA CLA FB . 25.48 -2.71 -27.75
NB CLA FB . 22.47 -8.07 -27.56
C1B CLA FB . 23.30 -8.01 -28.63
C2B CLA FB . 23.52 -9.38 -29.18
C3B CLA FB . 22.78 -10.24 -28.40
C4B CLA FB . 22.10 -9.42 -27.35
CMB CLA FB . 24.36 -9.64 -30.34
CAB CLA FB . 22.61 -11.67 -28.47
CBB CLA FB . 23.60 -12.55 -28.63
NC CLA FB . 20.80 -7.77 -25.17
C1C CLA FB . 20.66 -9.12 -25.35
C2C CLA FB . 19.80 -9.68 -24.32
C3C CLA FB . 19.41 -8.62 -23.50
C4C CLA FB . 20.06 -7.43 -24.04
CMC CLA FB . 19.42 -11.08 -24.21
CAC CLA FB . 18.54 -8.69 -22.32
CBC CLA FB . 19.31 -8.91 -21.05
ND CLA FB . 21.38 -5.03 -25.15
C1D CLA FB . 20.55 -5.01 -23.99
C2D CLA FB . 20.48 -3.62 -23.49
C3D CLA FB . 21.29 -2.87 -24.31
C4D CLA FB . 21.82 -3.79 -25.33
CMD CLA FB . 19.71 -3.20 -22.32
CAD CLA FB . 21.81 -1.55 -24.61
OBD CLA FB . 21.60 -0.48 -24.04
CBD CLA FB . 22.73 -1.69 -25.86
CGD CLA FB . 22.32 -0.80 -26.99
O1D CLA FB . 21.27 -0.85 -27.64
O2D CLA FB . 23.23 0.15 -27.31
CED CLA FB . 23.78 0.94 -26.25
MG CLA GB . 19.70 -7.97 -36.97
CHA CLA GB . 21.15 -5.22 -35.46
CHB CLA GB . 22.34 -9.89 -36.05
CHC CLA GB . 18.15 -10.69 -38.39
CHD CLA GB . 16.97 -5.93 -37.93
NA CLA GB . 21.46 -7.59 -35.93
C1A CLA GB . 21.88 -6.38 -35.37
C2A CLA GB . 23.23 -6.55 -34.69
C3A CLA GB . 23.63 -8.00 -35.00
C4A CLA GB . 22.39 -8.56 -35.70
CMA CLA GB . 24.86 -8.08 -35.88
CAA CLA GB . 23.08 -6.39 -33.19
NB CLA GB . 20.16 -9.91 -37.19
C1B CLA GB . 21.27 -10.53 -36.71
C2B CLA GB . 21.20 -11.99 -36.96
C3B CLA GB . 20.02 -12.23 -37.63
C4B CLA GB . 19.34 -10.90 -37.79
CMB CLA GB . 22.26 -12.91 -36.56
CAB CLA GB . 19.44 -13.44 -38.12
CBB CLA GB . 19.49 -14.63 -37.52
NC CLA GB . 17.90 -8.23 -38.00
C1C CLA GB . 17.47 -9.44 -38.50
C2C CLA GB . 16.18 -9.26 -39.15
C3C CLA GB . 15.83 -7.92 -39.01
C4C CLA GB . 16.92 -7.28 -38.28
CMC CLA GB . 15.43 -10.33 -39.81
CAC CLA GB . 14.62 -7.26 -39.51
CBC CLA GB . 13.58 -7.07 -38.44
ND CLA GB . 19.13 -6.04 -36.79
C1D CLA GB . 17.99 -5.32 -37.23
C2D CLA GB . 18.11 -3.91 -36.82
C3D CLA GB . 19.30 -3.81 -36.13
C4D CLA GB . 19.90 -5.17 -36.14
CMD CLA GB . 17.12 -2.87 -37.12
CAD CLA GB . 20.22 -2.93 -35.42
OBD CLA GB . 20.12 -1.73 -35.20
CBD CLA GB . 21.42 -3.82 -34.96
CGD CLA GB . 22.73 -3.28 -35.47
O3 LHG HB . 8.43 5.71 -22.32
P LHG HB . 9.11 6.13 -20.91
O4 LHG HB . 10.58 5.96 -21.06
O5 LHG HB . 8.27 7.27 -20.43
O6 LHG HB . 8.65 4.75 -20.11
C4 LHG HB . 8.62 3.52 -20.76
C5 LHG HB . 8.53 2.48 -19.64
C6 LHG HB . 8.35 3.13 -18.28
O7 LHG HB . 7.38 1.71 -19.91
C7 LHG HB . 7.61 0.70 -20.78
O9 LHG HB . 7.40 0.81 -21.98
C8 LHG HB . 7.81 -0.58 -20.06
C9 LHG HB . 7.62 -1.73 -21.02
C10 LHG HB . 7.66 -3.02 -20.25
O8 LHG HB . 8.79 2.14 -17.35
C23 LHG HB . 9.50 2.57 -16.26
O10 LHG HB . 9.62 3.77 -16.05
C24 LHG HB . 10.32 1.59 -15.44
C11 LHG HB . 6.73 -3.90 -21.04
C12 LHG HB . 6.39 -5.09 -20.21
C13 LHG HB . 6.21 -6.28 -21.11
C14 LHG HB . 4.76 -6.59 -21.36
C15 LHG HB . 4.64 -8.09 -21.32
C16 LHG HB . 3.31 -8.50 -21.88
C17 LHG HB . 2.21 -8.21 -20.88
C18 LHG HB . 1.10 -9.14 -21.34
C19 LHG HB . 0.62 -8.89 -22.75
C20 LHG HB . -0.52 -9.86 -22.87
C21 LHG HB . -1.09 -9.79 -24.26
C22 LHG HB . -2.26 -10.75 -24.35
C25 LHG HB . 11.22 2.20 -14.39
C26 LHG HB . 10.94 1.79 -12.94
C27 LHG HB . 12.32 1.59 -12.37
C1 LMG IB . -17.79 -0.77 -31.45
O1 LMG IB . -17.24 -1.14 -30.22
C2 LMG IB . -17.90 0.78 -31.44
O2 LMG IB . -19.26 1.02 -31.25
C3 LMG IB . -17.55 1.24 -32.85
O3 LMG IB . -17.88 2.59 -32.88
C4 LMG IB . -16.05 1.07 -33.00
O4 LMG IB . -15.41 1.80 -32.01
C5 LMG IB . -15.72 -0.45 -32.79
O5 LMG IB . -13.58 -1.31 -32.33
C6 LMG IB . -14.61 -0.62 -31.71
O6 LMG IB . -16.85 -1.28 -32.46
C7 LMG IB . -18.20 -1.45 -29.25
C8 LMG IB . -18.66 -2.90 -29.57
C9 LMG IB . -17.82 -3.87 -28.74
O7 LMG IB . -19.99 -3.06 -29.11
C10 LMG IB . -21.02 -2.93 -29.99
O9 LMG IB . -20.88 -2.20 -30.96
C11 LMG IB . -22.07 -3.97 -29.80
C12 LMG IB . -22.61 -3.93 -28.38
C13 LMG IB . -23.58 -5.07 -28.09
C14 LMG IB . -23.36 -5.47 -26.65
C15 LMG IB . -24.06 -6.80 -26.40
O8 LMG IB . -18.70 -4.54 -27.88
C28 LMG IB . -18.26 -5.70 -27.34
O10 LMG IB . -17.10 -6.04 -27.51
C29 LMG IB . -19.25 -6.37 -26.45
C30 LMG IB . -18.71 -7.70 -25.95
C31 LMG IB . -19.49 -8.06 -24.70
C32 LMG IB . -19.08 -9.47 -24.30
C33 LMG IB . -20.35 -10.28 -24.20
C1B LMT JB . -17.03 -11.26 -42.58
C2B LMT JB . -18.49 -10.92 -42.95
C3B LMT JB . -18.65 -9.40 -43.13
C4B LMT JB . -17.58 -8.86 -44.11
C5B LMT JB . -16.20 -9.33 -43.62
C6B LMT JB . -15.28 -8.13 -43.42
O1B LMT JB . -16.47 -12.07 -43.57
O2B LMT JB . -18.79 -11.58 -44.11
O3B LMT JB . -18.65 -8.74 -41.94
O4' LMT JB . -17.79 -9.33 -45.38
O5B LMT JB . -16.28 -10.10 -42.44
O6B LMT JB . -14.62 -8.24 -42.23
C1' LMT JB . -13.56 -13.62 -42.71
C2' LMT JB . -13.95 -13.46 -44.18
C3' LMT JB . -15.39 -14.02 -44.39
C4' LMT JB . -16.36 -13.46 -43.35
C5' LMT JB . -15.71 -13.70 -41.96
C6' LMT JB . -16.61 -14.40 -40.97
O1' LMT JB . -12.37 -14.29 -42.61
O2' LMT JB . -13.96 -12.12 -44.48
O3' LMT JB . -15.38 -15.38 -44.33
O5' LMT JB . -14.52 -14.43 -42.07
O6' LMT JB . -17.10 -15.50 -41.62
C1 LMT JB . -11.88 -14.43 -41.29
C2 LMT JB . -11.89 -15.90 -41.03
C3 LMT JB . -10.63 -16.64 -41.30
C4 LMT JB . -9.64 -16.29 -40.24
C5 LMT JB . -10.16 -16.67 -38.90
C6 LMT JB . -9.42 -16.01 -37.78
C7 LMT JB . -10.25 -16.03 -36.54
C8 LMT JB . -11.44 -15.16 -36.72
C A86 KB . 16.09 -4.49 -4.84
O A86 KB . 15.80 7.55 -9.66
C1 A86 KB . 17.15 -3.92 -3.95
C10 A86 KB . 15.73 4.77 -7.82
C11 A86 KB . 15.89 6.10 -7.87
C12 A86 KB . 16.79 6.79 -6.90
C13 A86 KB . 15.18 6.85 -8.89
C14 A86 KB . 13.67 6.79 -8.97
C15 A86 KB . 12.74 7.48 -9.95
C16 A86 KB . 13.24 7.71 -11.38
C17 A86 KB . 12.20 8.41 -12.25
C18 A86 KB . 10.75 8.38 -11.81
C19 A86 KB . 10.50 9.05 -10.47
C2 A86 KB . 17.46 -2.61 -4.03
C20 A86 KB . 11.45 8.21 -9.63
C21 A86 KB . 12.13 9.09 -8.60
C22 A86 KB . 12.65 6.31 -11.54
C23 A86 KB . 12.97 6.70 -12.48
C24 A86 KB . 17.85 -4.78 -2.98
C25 A86 KB . 17.54 -6.07 -2.92
C26 A86 KB . 18.24 -6.93 -1.96
C27 A86 KB . 17.94 -8.22 -1.89
C28 A86 KB . 16.89 -8.80 -2.80
C29 A86 KB . 18.64 -9.10 -0.92
C3 A86 KB . 16.77 -1.77 -4.99
C30 A86 KB . 18.26 -10.29 -0.98
C31 A86 KB . 18.10 -11.42 -0.45
C32 A86 KB . 18.21 -12.66 -1.30
C33 A86 KB . 17.17 -13.65 -0.80
C34 A86 KB . 17.41 -14.00 0.67
C35 A86 KB . 16.82 -12.70 1.18
C36 A86 KB . 17.79 -11.55 1.01
C37 A86 KB . 16.82 -10.83 1.93
C38 A86 KB . 16.29 -15.46 2.25
C39 A86 KB . 14.99 -15.44 2.99
C4 A86 KB . 17.14 -0.49 -4.96
C40 A86 KB . 19.61 -13.23 -1.19
C41 A86 KB . 17.97 -12.31 -2.76
C5 A86 KB . 16.53 0.45 -5.88
C6 A86 KB . 16.85 1.76 -5.86
C7 A86 KB . 17.87 2.29 -4.91
C8 A86 KB . 16.19 2.65 -6.82
C9 A86 KB . 16.43 3.96 -6.83
O1 A86 KB . 11.67 6.85 -9.27
O2 A86 KB . 9.95 9.02 -12.82
O3 A86 KB . 19.01 -11.82 1.71
O4 A86 KB . 16.35 -14.91 0.90
O5 A86 KB . 17.31 -15.90 2.73
C A86 LB . 7.55 7.27 2.96
O A86 LB . 16.14 8.71 12.25
C1 A86 LB . 8.19 8.38 2.19
C10 A86 LB . 14.58 8.21 9.34
C11 A86 LB . 15.69 8.56 10.00
C12 A86 LB . 16.63 9.58 9.44
C13 A86 LB . 15.96 7.97 11.31
C14 A86 LB . 16.09 6.47 11.49
C15 A86 LB . 16.30 5.98 12.92
C16 A86 LB . 15.05 6.30 13.74
C17 A86 LB . 15.15 5.84 15.20
C18 A86 LB . 15.94 4.55 15.42
C19 A86 LB . 17.43 4.50 15.09
C2 A86 LB . 9.33 8.93 2.63
C20 A86 LB . 17.15 4.97 13.67
C21 A86 LB . 18.17 6.03 13.30
C22 A86 LB . 14.25 5.09 13.29
C23 A86 LB . 14.01 5.23 13.48
C24 A86 LB . 7.56 8.87 0.96
C25 A86 LB . 6.40 8.37 0.55
C26 A86 LB . 5.78 8.88 -0.67
C27 A86 LB . 4.61 8.41 -1.10
C28 A86 LB . 3.91 7.32 -0.33
C29 A86 LB . 4.00 8.95 -2.32
C3 A86 LB . 9.95 8.48 3.86
C30 A86 LB . 2.89 8.54 -2.74
C31 A86 LB . 2.00 8.79 -3.58
C32 A86 LB . 0.59 9.09 -3.14
C33 A86 LB . -0.14 9.61 -4.37
C34 A86 LB . -0.10 8.59 -5.50
C35 A86 LB . 1.14 9.41 -5.77
C36 A86 LB . 2.34 8.79 -5.04
C37 A86 LB . 2.70 7.33 -5.25
C38 A86 LB . -1.91 6.73 -5.74
C39 A86 LB . -3.06 7.64 -5.50
C4 A86 LB . 11.08 8.99 4.35
C40 A86 LB . -0.05 7.81 -2.62
C41 A86 LB . 0.62 10.15 -2.05
C5 A86 LB . 11.60 8.47 5.61
C6 A86 LB . 12.73 8.95 6.15
C7 A86 LB . 13.50 10.03 5.49
C8 A86 LB . 13.15 8.40 7.45
C9 A86 LB . 14.27 8.81 8.04
O1 A86 LB . 16.42 4.62 12.50
O2 A86 LB . 15.73 4.08 16.74
O3 A86 LB . 3.50 9.61 -5.27
O4 A86 LB . -0.55 7.25 -5.72
O5 A86 LB . -2.05 5.54 -5.97
C A86 MB . 41.81 12.71 -5.10
O A86 MB . 33.01 4.37 0.27
C1 A86 MB . 40.73 12.60 -6.13
C10 A86 MB . 35.45 6.17 -1.19
C11 A86 MB . 34.48 5.25 -1.30
C12 A86 MB . 33.71 5.14 -2.59
C13 A86 MB . 34.14 4.38 -0.19
C14 A86 MB . 35.21 3.49 0.41
C15 A86 MB . 34.63 2.60 1.49
C16 A86 MB . 33.52 1.57 1.67
C17 A86 MB . 33.42 0.99 3.08
C18 A86 MB . 34.88 0.87 3.45
C19 A86 MB . 35.58 2.23 3.53
C2 A86 MB . 39.64 11.84 -5.89
C20 A86 MB . 35.58 3.29 2.44
C21 A86 MB . 36.68 4.33 2.71
C22 A86 MB . 34.23 0.74 0.60
C23 A86 MB . 34.12 0.60 0.67
C24 A86 MB . 40.85 13.31 -7.41
C25 A86 MB . 41.94 14.01 -7.69
C26 A86 MB . 42.06 14.70 -8.98
C27 A86 MB . 43.18 15.38 -9.28
C28 A86 MB . 44.32 15.42 -8.31
C29 A86 MB . 43.29 16.07 -10.58
C3 A86 MB . 39.51 11.11 -4.64
C30 A86 MB . 44.32 16.69 -10.93
C31 A86 MB . 45.28 17.16 -11.61
C32 A86 MB . 46.21 16.25 -12.35
C33 A86 MB . 47.59 16.93 -12.37
C34 A86 MB . 47.53 18.29 -13.06
C35 A86 MB . 46.96 18.94 -11.81
C36 A86 MB . 45.47 18.65 -11.68
C37 A86 MB . 45.89 19.82 -10.81
C38 A86 MB . 50.01 18.49 -13.86
C39 A86 MB . 50.68 19.69 -14.45
C4 A86 MB . 38.42 10.37 -4.62
C40 A86 MB . 45.70 16.03 -13.76
C41 A86 MB . 46.31 14.89 -11.67
C5 A86 MB . 38.12 9.55 -3.46
C6 A86 MB . 37.05 8.73 -3.46
C7 A86 MB . 36.15 8.67 -4.65
C8 A86 MB . 36.77 7.89 -2.28
C9 A86 MB . 35.76 7.02 -2.34
O1 A86 MB . 36.04 2.37 1.46
O2 A86 MB . 35.00 0.21 4.71
O3 A86 MB . 44.79 19.15 -12.85
O4 A86 MB . 48.89 18.68 -12.94
O5 A86 MB . 50.36 17.35 -14.12
C A86 NB . 17.90 2.79 1.65
O A86 NB . 27.73 7.13 -5.64
C1 A86 NB . 18.94 1.79 2.04
C10 A86 NB . 25.72 6.10 -3.19
C11 A86 NB . 26.97 6.29 -3.62
C12 A86 NB . 28.10 5.42 -3.17
C13 A86 NB . 27.21 7.36 -4.57
C14 A86 NB . 26.84 8.78 -4.23
C15 A86 NB . 26.93 10.12 -4.95
C16 A86 NB . 26.85 10.07 -6.46
C17 A86 NB . 26.92 11.44 -7.12
C18 A86 NB . 26.54 12.62 -6.24
C19 A86 NB . 27.46 12.81 -5.04
C2 A86 NB . 20.18 1.90 1.58
C20 A86 NB . 27.32 11.46 -4.35
C21 A86 NB . 28.69 10.95 -3.94
C22 A86 NB . 25.35 10.06 -6.16
C23 A86 NB . 26.61 10.33 -7.94
C24 A86 NB . 18.58 0.68 2.94
C25 A86 NB . 17.33 0.55 3.39
C26 A86 NB . 17.01 -0.57 4.26
C27 A86 NB . 15.78 -0.74 4.72
C28 A86 NB . 14.69 0.23 4.36
C29 A86 NB . 15.49 -1.89 5.61
C3 A86 NB . 20.54 2.98 0.67
C30 A86 NB . 14.39 -2.18 6.12
C31 A86 NB . 13.26 -2.15 6.66
C32 A86 NB . 12.04 -2.62 5.92
C33 A86 NB . 10.94 -1.62 6.24
C34 A86 NB . 10.68 -1.60 7.75
C35 A86 NB . 11.90 -0.77 8.13
C36 A86 NB . 13.14 -1.64 8.08
C37 A86 NB . 13.07 -0.35 8.88
C38 A86 NB . 8.67 0.38 8.15
C39 A86 NB . 8.69 0.96 9.52
C4 A86 NB . 21.82 2.90 0.33
C40 A86 NB . 11.65 -4.03 6.36
C41 A86 NB . 12.31 -2.66 4.43
C5 A86 NB . 22.37 3.90 -0.57
C6 A86 NB . 23.65 3.89 -0.95
C7 A86 NB . 24.59 2.81 -0.49
C8 A86 NB . 24.12 4.95 -1.87
C9 A86 NB . 25.39 5.02 -2.26
O1 A86 NB . 26.32 10.64 -3.76
O2 A86 NB . 26.53 13.81 -7.02
O3 A86 NB . 12.99 -2.74 8.98
O4 A86 NB . 9.66 -0.63 7.81
O5 A86 NB . 7.85 0.70 7.30
C A86 OB . 30.54 12.73 8.73
O A86 OB . 17.71 14.56 7.61
C1 A86 OB . 30.12 11.54 9.52
C10 A86 OB . 20.87 13.50 7.61
C11 A86 OB . 19.57 13.19 7.53
C12 A86 OB . 19.05 11.88 8.05
C13 A86 OB . 18.66 14.17 6.96
C14 A86 OB . 18.87 14.66 5.55
C15 A86 OB . 17.90 15.72 5.04
C16 A86 OB . 17.29 16.91 5.75
C17 A86 OB . 16.36 17.72 4.83
C18 A86 OB . 16.61 17.54 3.34
C19 A86 OB . 16.43 16.14 2.74
C2 A86 OB . 28.81 11.24 9.65
C20 A86 OB . 17.41 15.39 3.63
C21 A86 OB . 16.93 13.96 3.78
C22 A86 OB . 18.61 17.52 5.33
C23 A86 OB . 18.61 17.55 5.37
C24 A86 OB . 31.12 10.67 10.15
C25 A86 OB . 32.41 10.95 10.05
C26 A86 OB . 33.37 10.06 10.69
C27 A86 OB . 34.69 10.30 10.63
C28 A86 OB . 35.21 11.49 9.90
C29 A86 OB . 35.63 9.37 11.29
C3 A86 OB . 27.79 12.08 9.05
C30 A86 OB . 36.84 9.16 11.52
C31 A86 OB . 38.08 9.08 11.34
C32 A86 OB . 39.00 10.10 11.96
C33 A86 OB . 40.06 10.47 10.93
C34 A86 OB . 40.82 9.24 10.46
C35 A86 OB . 39.75 8.58 9.62
C36 A86 OB . 38.67 7.98 10.52
C37 A86 OB . 37.90 7.30 9.38
C38 A86 OB . 42.95 10.57 9.29
C39 A86 OB . 43.71 11.11 10.47
C4 A86 OB . 26.54 11.69 9.21
C40 A86 OB . 38.23 11.33 12.43
C41 A86 OB . 39.62 9.54 13.24
C5 A86 OB . 25.46 12.49 8.65
C6 A86 OB . 24.18 12.11 8.76
C7 A86 OB . 23.81 10.87 9.50
C8 A86 OB . 23.13 12.95 8.18
C9 A86 OB . 21.85 12.59 8.20
O1 A86 OB . 18.79 15.46 3.95
O2 A86 OB . 15.80 18.46 2.62
O3 A86 OB . 39.24 6.98 11.36
O4 A86 OB . 41.76 9.77 9.52
O5 A86 OB . 43.29 10.78 8.14
C A86 PB . 29.33 19.29 14.35
O A86 PB . 21.40 23.65 5.04
C1 A86 PB . 28.31 18.19 14.51
C10 A86 PB . 23.53 21.91 6.91
C11 A86 PB . 22.51 21.88 6.03
C12 A86 PB . 21.50 20.78 6.09
C13 A86 PB . 22.40 22.94 5.03
C14 A86 PB . 23.46 23.19 4.00
C15 A86 PB . 23.11 24.38 3.11
C16 A86 PB . 22.15 25.53 2.76
C17 A86 PB . 22.64 26.35 1.56
C18 A86 PB . 24.05 26.21 1.00
C19 A86 PB . 23.95 24.74 0.60
C2 A86 PB . 27.27 18.11 13.68
C20 A86 PB . 23.64 23.86 1.79
C21 A86 PB . 22.60 22.80 1.41
C22 A86 PB . 23.18 26.06 3.77
C23 A86 PB . 22.07 26.84 3.55
C24 A86 PB . 28.47 17.21 15.60
C25 A86 PB . 29.49 17.30 16.46
C26 A86 PB . 29.64 16.33 17.54
C27 A86 PB . 30.65 16.43 18.41
C28 A86 PB . 31.65 17.55 18.27
C29 A86 PB . 30.79 15.46 19.50
C3 A86 PB . 27.11 19.09 12.60
C30 A86 PB . 31.62 15.33 20.44
C31 A86 PB . 32.37 15.27 21.44
C32 A86 PB . 32.02 15.98 22.73
C33 A86 PB . 33.32 16.47 23.35
C34 A86 PB . 34.27 15.32 23.64
C35 A86 PB . 34.72 15.20 22.19
C36 A86 PB . 33.65 14.48 21.37
C37 A86 PB . 34.21 14.35 19.96
C38 A86 PB . 36.83 15.85 24.42
C39 A86 PB . 37.77 16.81 23.77
C4 A86 PB . 26.07 19.01 11.77
C40 A86 PB . 31.29 15.01 23.66
C41 A86 PB . 31.07 17.14 22.48
C5 A86 PB . 25.90 19.99 10.70
C6 A86 PB . 24.85 19.92 9.86
C7 A86 PB . 23.82 18.83 10.01
C8 A86 PB . 24.69 20.92 8.79
C9 A86 PB . 23.66 20.87 7.94
O1 A86 PB . 24.25 23.53 3.04
O2 A86 PB . 24.17 27.03 -0.17
O3 A86 PB . 33.44 13.17 21.92
O4 A86 PB . 35.40 16.00 24.21
O5 A86 PB . 37.21 14.93 25.13
MG CLA QB . 17.26 8.40 19.73
CHA CLA QB . 20.68 7.93 19.93
CHB CLA QB . 16.95 7.66 23.03
CHC CLA QB . 13.90 9.09 19.51
CHD CLA QB . 17.63 9.24 16.31
NA CLA QB . 18.61 7.83 21.21
C1A CLA QB . 20.00 7.71 21.10
C2A CLA QB . 20.61 7.28 22.43
C3A CLA QB . 19.38 7.08 23.35
C4A CLA QB . 18.21 7.55 22.48
CMA CLA QB . 19.21 5.65 23.78
CAA CLA QB . 21.54 8.33 22.99
CBA CLA QB . 20.81 9.61 23.32
CGA CLA QB . 21.80 10.70 23.59
O1A CLA QB . 22.99 10.60 23.86
O2A CLA QB . 21.25 11.95 23.54
NB CLA QB . 15.73 8.38 21.02
C1B CLA QB . 15.79 8.07 22.34
C2B CLA QB . 14.45 8.21 22.96
C3B CLA QB . 13.59 8.62 21.97
C4B CLA QB . 14.38 8.72 20.72
CMB CLA QB . 14.20 7.95 24.38
CAB CLA QB . 12.18 8.90 21.99
CBB CLA QB . 11.26 8.16 22.59
NC CLA QB . 16.00 9.00 18.17
C1C CLA QB . 14.65 9.21 18.32
C2C CLA QB . 14.07 9.63 17.05
C3C CLA QB . 15.13 9.70 16.14
C4C CLA QB . 16.33 9.30 16.85
CMC CLA QB . 12.67 9.94 16.83
CAC CLA QB . 15.03 10.09 14.74
CBC CLA QB . 15.50 11.49 14.49
ND CLA QB . 18.74 8.46 18.36
C1D CLA QB . 18.76 8.86 17.00
C2D CLA QB . 20.15 8.79 16.50
C3D CLA QB . 20.93 8.44 17.58
C4D CLA QB . 20.00 8.27 18.72
CMD CLA QB . 20.56 9.08 15.13
CAD CLA QB . 22.25 8.13 18.06
OBD CLA QB . 23.30 8.08 17.42
CBD CLA QB . 22.15 7.88 19.59
CGD CLA QB . 22.81 6.59 19.96
O1D CLA QB . 22.75 5.51 19.38
O2D CLA QB . 23.56 6.66 21.09
CED CLA QB . 23.81 5.44 21.80
C1 CLA QB . 21.65 12.79 22.44
C2 CLA QB . 21.14 14.16 22.75
C3 CLA QB . 21.09 15.13 21.83
C4 CLA QB . 20.57 16.48 22.17
C5 CLA QB . 21.55 14.92 20.44
C6 CLA QB . 22.21 16.15 19.83
C7 CLA QB . 22.54 15.90 18.37
C8 CLA QB . 22.99 17.17 17.66
MG CLA RB . 18.45 -2.45 9.93
CHA CLA RB . 17.70 -4.19 12.83
CHB CLA RB . 19.98 -5.22 8.69
CHC CLA RB . 19.16 -0.70 7.06
CHD CLA RB . 16.85 0.40 11.27
NA CLA RB . 18.77 -4.37 10.66
C1A CLA RB . 18.37 -4.91 11.90
C2A CLA RB . 18.81 -6.37 12.03
C3A CLA RB . 19.60 -6.63 10.74
C4A CLA RB . 19.45 -5.34 9.95
CMA CLA RB . 21.05 -6.93 11.03
CAA CLA RB . 17.61 -7.29 12.11
CBA CLA RB . 17.16 -7.77 10.75
CGA CLA RB . 16.27 -6.75 10.11
O1A CLA RB . 15.56 -5.90 10.66
O2A CLA RB . 16.29 -6.81 8.75
NB CLA RB . 19.41 -2.87 8.22
C1B CLA RB . 19.92 -4.08 7.87
C2B CLA RB . 20.44 -4.03 6.48
C3B CLA RB . 20.21 -2.76 6.00
C4B CLA RB . 19.56 -2.00 7.11
CMB CLA RB . 21.06 -5.18 5.83
CAB CLA RB . 20.51 -2.15 4.74
CBB CLA RB . 20.45 -2.75 3.55
NC CLA RB . 18.07 -0.51 9.29
C1C CLA RB . 18.45 0.00 8.08
C2C CLA RB . 18.03 1.39 7.96
C3C CLA RB . 17.37 1.71 9.15
C4C CLA RB . 17.40 0.51 9.98
CMC CLA RB . 18.27 2.24 6.81
CAC CLA RB . 16.78 2.99 9.50
CBC CLA RB . 15.37 3.13 8.97
ND CLA RB . 17.46 -1.95 11.61
C1D CLA RB . 16.86 -0.74 12.05
C2D CLA RB . 16.31 -0.93 13.39
C3D CLA RB . 16.60 -2.24 13.75
C4D CLA RB . 17.32 -2.82 12.61
CMD CLA RB . 15.60 0.09 14.16
CAD CLA RB . 16.48 -3.27 14.76
OBD CLA RB . 15.91 -3.23 15.84
CBD CLA RB . 17.21 -4.53 14.21
CGD CLA RB . 18.35 -4.92 15.10
O1D CLA RB . 19.31 -4.22 15.44
O2D CLA RB . 18.29 -6.20 15.57
CED CLA RB . 19.19 -6.56 16.61
C1 CLA RB . 16.04 -5.57 8.05
C2 CLA RB . 15.40 -5.91 6.75
C3 CLA RB . 16.09 -6.29 5.67
C4 CLA RB . 17.57 -6.40 5.66
C5 CLA RB . 15.38 -6.62 4.41
C6 CLA RB . 15.45 -5.50 3.38
C7 CLA RB . 14.63 -5.84 2.16
C8 CLA RB . 14.19 -4.59 1.41
C9 CLA RB . 13.44 -4.94 0.15
NB KC2 SB . 20.92 -2.59 -1.07
ND KC2 SB . 24.23 -4.36 -2.22
C1A KC2 SB . 22.84 -6.28 -0.33
C1B KC2 SB . 19.98 -3.14 -0.29
C1C KC2 SB . 22.42 -0.63 -2.85
C1D KC2 SB . 25.18 -3.93 -3.09
C2A KC2 SB . 22.10 -7.18 0.55
C2B KC2 SB . 18.92 -2.22 -0.07
C2C KC2 SB . 23.11 0.25 -3.71
C2D KC2 SB . 26.19 -4.92 -3.17
C3A KC2 SB . 20.92 -6.51 0.85
C3B KC2 SB . 19.25 -1.08 -0.73
C3C KC2 SB . 24.22 -0.40 -4.17
C3D KC2 SB . 25.82 -5.96 -2.34
C4A KC2 SB . 20.95 -5.29 0.19
C4B KC2 SB . 20.52 -1.34 -1.35
C4C KC2 SB . 24.17 -1.71 -3.54
C4D KC2 SB . 24.59 -5.58 -1.76
CAA KC2 SB . 22.53 -8.50 1.03
CAB KC2 SB . 18.46 0.16 -0.77
CAC KC2 SB . 25.25 0.11 -5.09
CAD KC2 SB . 26.18 -7.29 -1.82
CBA KC2 SB . 21.76 -9.61 0.96
CBB KC2 SB . 17.82 0.51 -1.89
CBC KC2 SB . 26.02 1.12 -4.72
CBD KC2 SB . 24.96 -7.71 -1.02
CED KC2 SB . 24.21 -11.16 -2.11
CGA KC2 SB . 22.10 -10.74 1.75
CGD KC2 SB . 24.24 -8.81 -1.73
CHA KC2 SB . 24.09 -6.51 -0.90
CHB KC2 SB . 19.89 -4.39 0.27
CHC KC2 SB . 21.15 -0.29 -2.15
CHD KC2 SB . 25.25 -2.68 -3.84
CMA KC2 SB . 19.80 -7.00 1.73
CMB KC2 SB . 17.68 -2.46 0.76
CMC KC2 SB . 22.67 1.65 -4.05
CMD KC2 SB . 27.42 -4.85 -4.01
NA KC2 SB . 22.10 -5.13 -0.54
NC KC2 SB . 23.07 -1.82 -2.76
O1A KC2 SB . 21.23 -11.52 2.08
O1D KC2 SB . 23.93 -8.67 -2.90
O2A KC2 SB . 23.40 -11.03 1.96
O2D KC2 SB . 24.20 -10.04 -1.20
OBD KC2 SB . 27.04 -8.02 -2.26
MG KC2 SB . 22.57 -3.48 -1.67
MG CLA TB . 33.51 14.07 -3.28
CHA CLA TB . 34.31 16.64 -5.46
CHB CLA TB . 32.74 12.07 -5.92
CHC CLA TB . 32.96 11.48 -1.08
CHD CLA TB . 34.31 16.18 -0.56
NA CLA TB . 33.50 14.35 -5.34
C1A CLA TB . 33.90 15.49 -6.06
C2A CLA TB . 33.76 15.26 -7.57
C3A CLA TB . 33.17 13.84 -7.67
C4A CLA TB . 33.13 13.35 -6.22
CMA CLA TB . 31.79 13.85 -8.29
CAA CLA TB . 35.12 15.30 -8.23
CBA CLA TB . 36.09 14.29 -7.61
CGA CLA TB . 36.93 14.95 -6.56
O1A CLA TB . 37.46 16.07 -6.59
O2A CLA TB . 37.10 14.19 -5.44
NB CLA TB . 33.00 12.13 -3.47
C1B CLA TB . 32.66 11.52 -4.63
C2B CLA TB . 32.17 10.15 -4.35
C3B CLA TB . 32.22 9.97 -2.98
C4B CLA TB . 32.75 11.23 -2.41
CMB CLA TB . 31.72 9.23 -5.41
CAB CLA TB . 31.86 8.84 -2.16
CBB CLA TB . 30.73 8.16 -2.27
NC CLA TB . 33.60 13.88 -1.20
C1C CLA TB . 33.34 12.72 -0.52
C2C CLA TB . 33.54 12.95 0.91
C3C CLA TB . 33.91 14.28 1.06
C4C CLA TB . 33.95 14.86 -0.27
CMC CLA TB . 33.39 11.93 1.95
CAC CLA TB . 34.23 14.98 2.32
CBC CLA TB . 35.70 14.98 2.61
ND CLA TB . 34.05 15.99 -3.00
C1D CLA TB . 34.36 16.73 -1.83
C2D CLA TB . 34.75 18.10 -2.21
C3D CLA TB . 34.76 18.12 -3.59
C4D CLA TB . 34.34 16.78 -4.03
CMD CLA TB . 35.08 19.15 -1.26
CAD CLA TB . 34.97 18.92 -4.79
OBD CLA TB . 35.24 20.11 -4.89
CBD CLA TB . 34.77 17.97 -6.01
CGD CLA TB . 33.82 18.51 -7.03
O1D CLA TB . 33.91 18.42 -8.27
O2D CLA TB . 32.75 19.18 -6.51
CED CLA TB . 31.62 19.36 -7.36
C1 CLA TB . 37.50 14.89 -4.25
C2 CLA TB . 37.43 13.94 -3.12
C3 CLA TB . 37.61 14.30 -1.84
C4 CLA TB . 37.89 15.71 -1.48
C5 CLA TB . 37.53 13.33 -0.72
C6 CLA TB . 36.93 11.99 -1.13
C7 CLA TB . 37.14 10.96 -0.04
MG CLA UB . 46.28 9.48 -11.25
CHA CLA UB . 44.53 11.38 -13.57
CHB CLA UB . 48.92 9.31 -13.39
CHC CLA UB . 48.03 7.72 -8.87
CHD CLA UB . 43.52 9.70 -9.07
NA CLA UB . 46.63 10.21 -13.18
C1A CLA UB . 45.78 10.99 -13.97
C2A CLA UB . 46.42 11.29 -15.33
C3A CLA UB . 47.75 10.50 -15.29
C4A CLA UB . 47.79 9.97 -13.86
CMA CLA UB . 47.77 9.38 -16.30
CAA CLA UB . 46.68 12.77 -15.54
CBA CLA UB . 45.88 13.27 -16.71
CGA CLA UB . 46.54 14.47 -17.32
O1A CLA UB . 46.71 15.58 -16.84
O2A CLA UB . 47.02 14.21 -18.57
NB CLA UB . 48.10 8.60 -11.18
C1B CLA UB . 49.07 8.76 -12.11
C2B CLA UB . 50.36 8.22 -11.58
C3B CLA UB . 50.13 7.77 -10.30
C4B CLA UB . 48.68 8.02 -10.03
CMB CLA UB . 51.61 8.25 -12.34
CAB CLA UB . 51.02 7.18 -9.36
CBB CLA UB . 51.29 7.64 -8.13
NC CLA UB . 45.83 8.80 -9.33
C1C CLA UB . 46.67 8.08 -8.54
C2C CLA UB . 46.02 7.74 -7.29
C3C CLA UB . 44.76 8.35 -7.32
C4C CLA UB . 44.65 9.00 -8.61
CMC CLA UB . 46.62 6.94 -6.23
CAC CLA UB . 43.71 8.29 -6.29
CBC CLA UB . 42.57 7.37 -6.69
ND CLA UB . 44.46 10.35 -11.24
C1D CLA UB . 43.42 10.34 -10.28
C2D CLA UB . 42.27 11.09 -10.82
C3D CLA UB . 42.64 11.54 -12.07
C4D CLA UB . 44.01 11.03 -12.29
CMD CLA UB . 41.01 11.32 -10.13
CAD CLA UB . 42.24 12.28 -13.25
OBD CLA UB . 41.19 12.88 -13.48
CBD CLA UB . 43.43 12.18 -14.25
CGD CLA UB . 43.02 11.53 -15.55
O1D CLA UB . 43.60 10.62 -16.14
O2D CLA UB . 41.90 12.07 -16.10
CED CLA UB . 41.94 13.42 -16.54
C1 CLA UB . 48.33 14.70 -18.90
MG CLA VB . 31.95 -3.79 -3.67
CHA CLA VB . 30.22 -5.88 -1.51
CHB CLA VB . 33.99 -6.36 -4.50
CHC CLA VB . 33.52 -1.73 -5.92
CHD CLA VB . 29.79 -1.14 -2.75
NA CLA VB . 32.08 -5.78 -3.06
C1A CLA VB . 31.26 -6.47 -2.16
C2A CLA VB . 31.71 -7.92 -2.00
C3A CLA VB . 33.02 -7.97 -2.82
C4A CLA VB . 33.05 -6.62 -3.54
CMA CLA VB . 34.23 -8.17 -1.94
CAA CLA VB . 30.69 -8.87 -2.59
CBA CLA VB . 30.01 -8.28 -3.82
CGA CLA VB . 29.18 -9.32 -4.51
O1A CLA VB . 28.63 -10.31 -4.03
O2A CLA VB . 29.02 -9.06 -5.84
NB CLA VB . 33.53 -3.98 -4.89
C1B CLA VB . 34.11 -5.16 -5.22
C2B CLA VB . 34.93 -5.01 -6.45
C3B CLA VB . 34.79 -3.70 -6.85
C4B CLA VB . 33.90 -3.03 -5.86
CMB CLA VB . 35.68 -6.11 -7.05
CAB CLA VB . 35.34 -3.01 -7.99
CBB CLA VB . 35.31 -3.47 -9.24
NC CLA VB . 31.72 -1.78 -4.19
C1C CLA VB . 32.48 -1.13 -5.12
C2C CLA VB . 32.07 0.26 -5.23
C3C CLA VB . 31.00 0.42 -4.36
C4C CLA VB . 30.79 -0.87 -3.70
CMC CLA VB . 32.68 1.23 -6.12
CAC CLA VB . 30.24 1.65 -4.11
CBC CLA VB . 30.97 2.62 -3.20
ND CLA VB . 30.35 -3.51 -2.47
C1D CLA VB . 29.57 -2.36 -2.17
C2D CLA VB . 28.53 -2.74 -1.18
C3D CLA VB . 28.72 -4.08 -0.91
C4D CLA VB . 29.87 -4.51 -1.72
CMD CLA VB . 27.53 -1.82 -0.65
CAD CLA VB . 28.25 -5.24 -0.18
OBD CLA VB . 27.29 -5.35 0.57
CBD CLA VB . 29.23 -6.41 -0.50
CGD CLA VB . 29.92 -6.91 0.73
O1D CLA VB . 30.99 -6.53 1.21
O2D CLA VB . 29.23 -7.91 1.38
CED CLA VB . 29.32 -9.22 0.85
C1 CLA VB . 27.95 -8.16 -6.21
C2 CLA VB . 26.84 -9.03 -6.70
C3 CLA VB . 25.63 -8.55 -7.05
C4 CLA VB . 24.55 -9.45 -7.52
C5 CLA VB . 25.30 -7.10 -6.98
C6 CLA VB . 24.14 -6.82 -6.03
C7 CLA VB . 23.35 -5.60 -6.46
C8 CLA VB . 22.12 -5.39 -5.57
C9 CLA VB . 21.43 -6.70 -5.28
C10 CLA VB . 21.12 -4.44 -6.21
C11 CLA VB . 21.72 -3.10 -6.56
C12 CLA VB . 20.67 -2.13 -7.04
C13 CLA VB . 21.23 -1.09 -8.01
C14 CLA VB . 22.27 -0.23 -7.34
C15 CLA VB . 20.13 -0.22 -8.62
C16 CLA VB . 19.45 -0.94 -9.77
C17 CLA VB . 18.78 0.05 -10.71
C18 CLA VB . 17.55 0.70 -10.08
C19 CLA VB . 16.90 1.67 -11.04
C20 CLA VB . 16.54 -0.36 -9.66
MG CLA WB . 34.24 4.44 12.39
CHA CLA WB . 36.46 1.98 13.40
CHB CLA WB . 33.41 5.01 15.63
CHC CLA WB . 32.22 7.01 11.34
CHD CLA WB . 35.17 3.81 9.03
NA CLA WB . 34.84 3.59 14.20
C1A CLA WB . 35.79 2.60 14.42
C2A CLA WB . 35.92 2.28 15.91
C3A CLA WB . 34.83 3.16 16.56
C4A CLA WB . 34.31 4.00 15.40
CMA CLA WB . 33.74 2.35 17.20
CAA CLA WB . 37.31 2.67 16.41
CBA CLA WB . 37.51 4.16 16.50
CGA CLA WB . 37.91 4.74 15.17
O1A CLA WB . 37.29 5.52 14.45
O2A CLA WB . 39.12 4.29 14.74
NB CLA WB . 33.04 5.76 13.31
C1B CLA WB . 32.83 5.84 14.64
C2B CLA WB . 31.86 6.93 14.94
C3B CLA WB . 31.52 7.49 13.73
C4B CLA WB . 32.28 6.76 12.68
CMB CLA WB . 31.45 7.23 16.32
CAB CLA WB . 30.64 8.58 13.40
CBB CLA WB . 29.60 8.95 14.14
NC CLA WB . 33.76 5.23 10.53
C1C CLA WB . 32.90 6.27 10.33
C2C CLA WB . 32.81 6.56 8.90
C3C CLA WB . 33.65 5.68 8.26
C4C CLA WB . 34.25 4.84 9.27
CMC CLA WB . 31.98 7.61 8.31
CAC CLA WB . 33.89 5.61 6.80
CBC CLA WB . 35.12 6.37 6.40
ND CLA WB . 35.44 3.17 11.37
C1D CLA WB . 35.75 3.02 10.00
C2D CLA WB . 36.73 1.93 9.82
C3D CLA WB . 37.04 1.49 11.10
C4D CLA WB . 36.23 2.30 12.02
CMD CLA WB . 37.26 1.46 8.54
CAD CLA WB . 37.79 0.55 11.90
OBD CLA WB . 38.54 -0.36 11.55
CBD CLA WB . 37.50 0.89 13.40
CGD CLA WB . 37.07 -0.33 14.18
O1D CLA WB . 35.94 -0.78 14.34
O2D CLA WB . 38.12 -0.99 14.76
CED CLA WB . 39.16 -0.21 15.36
C1 CLA WB . 39.29 4.21 13.30
NB KC1 XB . 26.41 13.48 13.28
ND KC1 XB . 24.34 12.35 16.35
C1A KC1 XB . 27.22 12.45 17.29
C1B KC1 XB . 27.75 13.59 13.23
C1C KC1 XB . 23.57 13.81 12.58
C1D KC1 XB . 22.99 12.29 16.46
C2A KC1 XB . 28.63 12.59 17.67
C2B KC1 XB . 28.15 14.26 12.06
C2C KC1 XB . 22.18 14.02 12.28
C2D KC1 XB . 22.68 12.08 17.81
C3A KC1 XB . 29.30 12.88 16.50
C3B KC1 XB . 27.00 14.55 11.37
C3C KC1 XB . 21.46 13.54 13.30
C3D KC1 XB . 23.87 12.01 18.53
C4A KC1 XB . 28.36 12.92 15.46
C4B KC1 XB . 25.92 14.04 12.17
C4C KC1 XB . 22.40 13.00 14.27
C4D KC1 XB . 24.88 12.19 17.57
CAA KC1 XB . 29.23 12.47 19.00
CAB KC1 XB . 26.95 15.24 10.07
CAC KC1 XB . 19.96 13.55 13.43
CAD KC1 XB . 24.50 11.85 19.84
CBA KC1 XB . 29.32 11.28 19.63
CBB KC1 XB . 26.22 16.33 9.89
CBC KC1 XB . 19.37 12.34 12.71
CBD KC1 XB . 25.96 12.14 19.60
CED KC1 XB . 27.28 14.75 21.98
CGA KC1 XB . 30.45 10.43 19.40
CGD KC1 XB . 26.34 13.45 20.22
CHA KC1 XB . 26.14 12.16 18.11
CHB KC1 XB . 28.69 13.18 14.14
CHC KC1 XB . 24.63 14.17 11.74
CHD KC1 XB . 22.05 12.40 15.48
CMA KC1 XB . 30.78 13.11 16.36
CMB KC1 XB . 29.56 14.59 11.65
CMC KC1 XB . 21.62 14.69 11.04
CMD KC1 XB . 21.29 11.95 18.38
NA KC1 XB . 27.10 12.66 15.92
NC KC1 XB . 23.69 13.18 13.80
O1A KC1 XB . 30.67 9.51 20.16
O1D KC1 XB . 26.23 14.48 19.60
O2A KC1 XB . 31.40 10.82 18.53
O2D KC1 XB . 26.81 13.47 21.47
OBD KC1 XB . 24.01 11.33 20.82
MG KC1 XB . 25.41 12.61 14.74
MG CLA YB . 9.95 12.73 -0.15
CHA CLA YB . 7.30 13.43 -2.22
CHB CLA YB . 9.66 15.78 1.30
CHC CLA YB . 12.45 11.86 2.05
CHD CLA YB . 10.29 9.58 -1.73
NA CLA YB . 8.67 14.36 -0.44
C1A CLA YB . 7.62 14.45 -1.35
C2A CLA YB . 6.94 15.80 -1.24
C3A CLA YB . 7.79 16.59 -0.23
C4A CLA YB . 8.77 15.53 0.27
CMA CLA YB . 8.47 17.79 -0.84
CAA CLA YB . 5.54 15.64 -0.68
NB CLA YB . 10.85 13.62 1.39
C1B CLA YB . 10.61 14.89 1.80
C2B CLA YB . 11.54 15.24 2.91
C3B CLA YB . 12.32 14.14 3.13
C4B CLA YB . 11.90 13.10 2.17
CMB CLA YB . 11.53 16.54 3.57
CAB CLA YB . 13.39 13.94 4.07
CBB CLA YB . 13.36 14.24 5.36
NC CLA YB . 11.15 11.04 0.09
C1C CLA YB . 12.10 10.90 1.06
C2C CLA YB . 12.73 9.59 0.95
C3C CLA YB . 12.13 8.95 -0.13
C4C CLA YB . 11.14 9.87 -0.67
CMC CLA YB . 13.78 9.07 1.80
CAC CLA YB . 12.47 7.60 -0.61
CBC CLA YB . 11.49 6.54 -0.21
ND CLA YB . 9.10 11.71 -1.68
C1D CLA YB . 9.32 10.41 -2.23
C2D CLA YB . 8.34 10.17 -3.33
C3D CLA YB . 7.54 11.29 -3.35
C4D CLA YB . 8.05 12.21 -2.31
CMD CLA YB . 8.26 8.97 -4.16
CAD CLA YB . 6.42 11.95 -3.99
OBD CLA YB . 5.71 11.58 -4.92
CBD CLA YB . 6.22 13.32 -3.27
CGD CLA YB . 6.25 14.47 -4.26
O1D CLA YB . 7.02 15.41 -4.30
O2D CLA YB . 5.28 14.43 -5.21
CED CLA YB . 5.23 15.50 -6.18
MG CLA ZB . 28.83 6.74 -13.07
CHA CLA ZB . 28.78 6.73 -16.54
CHB CLA ZB . 31.02 9.33 -13.13
CHC CLA ZB . 28.85 6.68 -9.65
CHD CLA ZB . 26.58 3.99 -13.09
NA CLA ZB . 29.72 7.85 -14.60
C1A CLA ZB . 29.57 7.69 -15.98
C2A CLA ZB . 30.38 8.71 -16.76
C3A CLA ZB . 31.04 9.56 -15.65
C4A CLA ZB . 30.58 8.88 -14.36
CMA CLA ZB . 32.53 9.56 -15.81
O1A CLA ZB . 28.05 10.13 -12.75
NB CLA ZB . 29.71 7.85 -11.66
C1B CLA ZB . 30.66 8.79 -11.87
C2B CLA ZB . 31.27 9.20 -10.58
C3B CLA ZB . 30.66 8.45 -9.59
C4B CLA ZB . 29.66 7.58 -10.27
CMB CLA ZB . 32.33 10.20 -10.47
NC CLA ZB . 27.87 5.57 -11.64
C1C CLA ZB . 28.00 5.74 -10.29
C2C CLA ZB . 27.17 4.78 -9.58
C3C CLA ZB . 26.56 3.99 -10.55
C4C CLA ZB . 27.00 4.50 -11.85
CMC CLA ZB . 27.06 4.67 -8.13
CAC CLA ZB . 25.63 2.88 -10.35
CBC CLA ZB . 26.30 1.53 -10.48
ND CLA ZB . 27.89 5.57 -14.44
C1D CLA ZB . 26.99 4.47 -14.32
C2D CLA ZB . 26.61 4.01 -15.67
C3D CLA ZB . 27.27 4.85 -16.56
C4D CLA ZB . 28.05 5.79 -15.74
CMD CLA ZB . 25.71 2.90 -15.93
CAD CLA ZB . 27.52 5.17 -17.96
OBD CLA ZB . 27.09 4.63 -18.97
CBD CLA ZB . 28.48 6.40 -17.98
CGD CLA ZB . 29.75 6.11 -18.72
O1D CLA ZB . 30.62 5.29 -18.43
O2D CLA ZB . 29.92 6.89 -19.83
CED CLA ZB . 28.91 6.87 -20.83
#